data_6TDH
# 
_entry.id   6TDH 
# 
_audit_conform.dict_name       mmcif_pdbx.dic 
_audit_conform.dict_version    5.383 
_audit_conform.dict_location   http://mmcif.pdb.org/dictionaries/ascii/mmcif_pdbx.dic 
# 
loop_
_database_2.database_id 
_database_2.database_code 
_database_2.pdbx_database_accession 
_database_2.pdbx_DOI 
PDB   6TDH         pdb_00006tdh 10.2210/pdb6tdh/pdb 
WWPDB D_1292105284 ?            ?                   
# 
loop_
_pdbx_audit_revision_history.ordinal 
_pdbx_audit_revision_history.data_content_type 
_pdbx_audit_revision_history.major_revision 
_pdbx_audit_revision_history.minor_revision 
_pdbx_audit_revision_history.revision_date 
1 'Structure model' 1 0 2020-04-29 
2 'Structure model' 1 1 2020-05-13 
3 'Structure model' 1 2 2020-07-08 
4 'Structure model' 1 3 2024-01-24 
# 
_pdbx_audit_revision_details.ordinal             1 
_pdbx_audit_revision_details.revision_ordinal    1 
_pdbx_audit_revision_details.data_content_type   'Structure model' 
_pdbx_audit_revision_details.provider            repository 
_pdbx_audit_revision_details.type                'Initial release' 
_pdbx_audit_revision_details.description         ? 
_pdbx_audit_revision_details.details             ? 
# 
loop_
_pdbx_audit_revision_group.ordinal 
_pdbx_audit_revision_group.revision_ordinal 
_pdbx_audit_revision_group.data_content_type 
_pdbx_audit_revision_group.group 
1 2 'Structure model' 'Database references'    
2 3 'Structure model' 'Database references'    
3 4 'Structure model' 'Data collection'        
4 4 'Structure model' 'Database references'    
5 4 'Structure model' 'Refinement description' 
# 
loop_
_pdbx_audit_revision_category.ordinal 
_pdbx_audit_revision_category.revision_ordinal 
_pdbx_audit_revision_category.data_content_type 
_pdbx_audit_revision_category.category 
1 2 'Structure model' citation                      
2 2 'Structure model' citation_author               
3 3 'Structure model' citation                      
4 3 'Structure model' citation_author               
5 4 'Structure model' chem_comp_atom                
6 4 'Structure model' chem_comp_bond                
7 4 'Structure model' database_2                    
8 4 'Structure model' pdbx_initial_refinement_model 
# 
loop_
_pdbx_audit_revision_item.ordinal 
_pdbx_audit_revision_item.revision_ordinal 
_pdbx_audit_revision_item.data_content_type 
_pdbx_audit_revision_item.item 
1  2 'Structure model' '_citation.pdbx_database_id_DOI'      
2  2 'Structure model' '_citation.pdbx_database_id_PubMed'   
3  2 'Structure model' '_citation.title'                     
4  2 'Structure model' '_citation_author.identifier_ORCID'   
5  2 'Structure model' '_citation_author.name'               
6  3 'Structure model' '_citation.journal_volume'            
7  3 'Structure model' '_citation.page_first'                
8  3 'Structure model' '_citation.page_last'                 
9  3 'Structure model' '_citation_author.identifier_ORCID'   
10 4 'Structure model' '_database_2.pdbx_DOI'                
11 4 'Structure model' '_database_2.pdbx_database_accession' 
# 
_pdbx_database_status.status_code                     REL 
_pdbx_database_status.status_code_sf                  REL 
_pdbx_database_status.status_code_mr                  ? 
_pdbx_database_status.entry_id                        6TDH 
_pdbx_database_status.recvd_initial_deposition_date   2019-11-08 
_pdbx_database_status.SG_entry                        N 
_pdbx_database_status.deposit_site                    PDBE 
_pdbx_database_status.process_site                    PDBE 
_pdbx_database_status.status_code_cs                  ? 
_pdbx_database_status.methods_development_category    ? 
_pdbx_database_status.pdb_format_compatible           Y 
_pdbx_database_status.status_code_nmr_data            ? 
# 
loop_
_audit_author.name 
_audit_author.pdbx_ordinal 
_audit_author.identifier_ORCID 
'Raimi, O.G.'  1 ? 
'Stanley, M.'  2 ? 
'Lockhart, D.' 3 ? 
# 
_citation.abstract                  ? 
_citation.abstract_id_CAS           ? 
_citation.book_id_ISBN              ? 
_citation.book_publisher            ? 
_citation.book_publisher_city       ? 
_citation.book_title                ? 
_citation.coordinate_linkage        ? 
_citation.country                   US 
_citation.database_id_Medline       ? 
_citation.details                   ? 
_citation.id                        primary 
_citation.journal_abbrev            J.Biol.Chem. 
_citation.journal_id_ASTM           JBCHA3 
_citation.journal_id_CSD            0071 
_citation.journal_id_ISSN           1083-351X 
_citation.journal_full              ? 
_citation.journal_issue             ? 
_citation.journal_volume            295 
_citation.language                  ? 
_citation.page_first                8678 
_citation.page_last                 8691 
_citation.title                     'Targeting a critical step in fungal hexosamine biosynthesis.' 
_citation.year                      2020 
_citation.database_id_CSD           ? 
_citation.pdbx_database_id_DOI      10.1074/jbc.RA120.012985 
_citation.pdbx_database_id_PubMed   32341126 
_citation.unpublished_flag          ? 
# 
loop_
_citation_author.citation_id 
_citation_author.name 
_citation_author.ordinal 
_citation_author.identifier_ORCID 
primary 'Lockhart, D.E.A.'   1 0000-0002-4262-3842 
primary 'Stanley, M.'        2 0000-0002-0631-8306 
primary 'Raimi, O.G.'        3 0000-0003-2782-7318 
primary 'Robinson, D.A.'     4 0000-0003-1979-5918 
primary 'Boldovjakova, D.'   5 ?                   
primary 'Squair, D.R.'       6 ?                   
primary 'Ferenbach, A.T.'    7 ?                   
primary 'Fang, W.'           8 ?                   
primary 'van Aalten, D.M.F.' 9 0000-0002-1499-6908 
# 
loop_
_entity.id 
_entity.type 
_entity.src_method 
_entity.pdbx_description 
_entity.formula_weight 
_entity.pdbx_number_of_molecules 
_entity.pdbx_ec 
_entity.pdbx_mutation 
_entity.pdbx_fragment 
_entity.details 
1 polymer     man 'Glucosamine 6-phosphate N-acetyltransferase' 21126.113 1   2.3.1.4 ? ? ? 
2 non-polymer syn 'ACETYL COENZYME *A'                          809.571   1   ?       ? ? ? 
3 non-polymer syn '3-(2-chlorophenyl)-4~{H}-1,2,4-triazole'     179.606   1   ?       ? ? ? 
4 water       nat water                                         18.015    108 ?       ? ? ? 
# 
_entity_poly.entity_id                      1 
_entity_poly.type                           'polypeptide(L)' 
_entity_poly.nstd_linkage                   no 
_entity_poly.nstd_monomer                   no 
_entity_poly.pdbx_seq_one_letter_code       
;MTNATIAPTTTAAPVTKSVDAPTADENTPLFSPSLISPDVLAVLPADYTIRPLCRSDYKRGYLDVLRVLTTVGDINEEQW
NSRYEWIRARSDEYYLLVVCDGEGRIVGTGSLVVERKFIHSLGMVGHIEDIAVEKGQQGKKLGLRIIQALDYVAEKVGCY
KTILDCSEANEGFYIKCGFKRAGLEMAHYY
;
_entity_poly.pdbx_seq_one_letter_code_can   
;MTNATIAPTTTAAPVTKSVDAPTADENTPLFSPSLISPDVLAVLPADYTIRPLCRSDYKRGYLDVLRVLTTVGDINEEQW
NSRYEWIRARSDEYYLLVVCDGEGRIVGTGSLVVERKFIHSLGMVGHIEDIAVEKGQQGKKLGLRIIQALDYVAEKVGCY
KTILDCSEANEGFYIKCGFKRAGLEMAHYY
;
_entity_poly.pdbx_strand_id                 A 
_entity_poly.pdbx_target_identifier         ? 
# 
loop_
_pdbx_entity_nonpoly.entity_id 
_pdbx_entity_nonpoly.name 
_pdbx_entity_nonpoly.comp_id 
2 'ACETYL COENZYME *A'                      ACO 
3 '3-(2-chlorophenyl)-4~{H}-1,2,4-triazole' N2Z 
4 water                                     HOH 
# 
loop_
_entity_poly_seq.entity_id 
_entity_poly_seq.num 
_entity_poly_seq.mon_id 
_entity_poly_seq.hetero 
1 1   MET n 
1 2   THR n 
1 3   ASN n 
1 4   ALA n 
1 5   THR n 
1 6   ILE n 
1 7   ALA n 
1 8   PRO n 
1 9   THR n 
1 10  THR n 
1 11  THR n 
1 12  ALA n 
1 13  ALA n 
1 14  PRO n 
1 15  VAL n 
1 16  THR n 
1 17  LYS n 
1 18  SER n 
1 19  VAL n 
1 20  ASP n 
1 21  ALA n 
1 22  PRO n 
1 23  THR n 
1 24  ALA n 
1 25  ASP n 
1 26  GLU n 
1 27  ASN n 
1 28  THR n 
1 29  PRO n 
1 30  LEU n 
1 31  PHE n 
1 32  SER n 
1 33  PRO n 
1 34  SER n 
1 35  LEU n 
1 36  ILE n 
1 37  SER n 
1 38  PRO n 
1 39  ASP n 
1 40  VAL n 
1 41  LEU n 
1 42  ALA n 
1 43  VAL n 
1 44  LEU n 
1 45  PRO n 
1 46  ALA n 
1 47  ASP n 
1 48  TYR n 
1 49  THR n 
1 50  ILE n 
1 51  ARG n 
1 52  PRO n 
1 53  LEU n 
1 54  CYS n 
1 55  ARG n 
1 56  SER n 
1 57  ASP n 
1 58  TYR n 
1 59  LYS n 
1 60  ARG n 
1 61  GLY n 
1 62  TYR n 
1 63  LEU n 
1 64  ASP n 
1 65  VAL n 
1 66  LEU n 
1 67  ARG n 
1 68  VAL n 
1 69  LEU n 
1 70  THR n 
1 71  THR n 
1 72  VAL n 
1 73  GLY n 
1 74  ASP n 
1 75  ILE n 
1 76  ASN n 
1 77  GLU n 
1 78  GLU n 
1 79  GLN n 
1 80  TRP n 
1 81  ASN n 
1 82  SER n 
1 83  ARG n 
1 84  TYR n 
1 85  GLU n 
1 86  TRP n 
1 87  ILE n 
1 88  ARG n 
1 89  ALA n 
1 90  ARG n 
1 91  SER n 
1 92  ASP n 
1 93  GLU n 
1 94  TYR n 
1 95  TYR n 
1 96  LEU n 
1 97  LEU n 
1 98  VAL n 
1 99  VAL n 
1 100 CYS n 
1 101 ASP n 
1 102 GLY n 
1 103 GLU n 
1 104 GLY n 
1 105 ARG n 
1 106 ILE n 
1 107 VAL n 
1 108 GLY n 
1 109 THR n 
1 110 GLY n 
1 111 SER n 
1 112 LEU n 
1 113 VAL n 
1 114 VAL n 
1 115 GLU n 
1 116 ARG n 
1 117 LYS n 
1 118 PHE n 
1 119 ILE n 
1 120 HIS n 
1 121 SER n 
1 122 LEU n 
1 123 GLY n 
1 124 MET n 
1 125 VAL n 
1 126 GLY n 
1 127 HIS n 
1 128 ILE n 
1 129 GLU n 
1 130 ASP n 
1 131 ILE n 
1 132 ALA n 
1 133 VAL n 
1 134 GLU n 
1 135 LYS n 
1 136 GLY n 
1 137 GLN n 
1 138 GLN n 
1 139 GLY n 
1 140 LYS n 
1 141 LYS n 
1 142 LEU n 
1 143 GLY n 
1 144 LEU n 
1 145 ARG n 
1 146 ILE n 
1 147 ILE n 
1 148 GLN n 
1 149 ALA n 
1 150 LEU n 
1 151 ASP n 
1 152 TYR n 
1 153 VAL n 
1 154 ALA n 
1 155 GLU n 
1 156 LYS n 
1 157 VAL n 
1 158 GLY n 
1 159 CYS n 
1 160 TYR n 
1 161 LYS n 
1 162 THR n 
1 163 ILE n 
1 164 LEU n 
1 165 ASP n 
1 166 CYS n 
1 167 SER n 
1 168 GLU n 
1 169 ALA n 
1 170 ASN n 
1 171 GLU n 
1 172 GLY n 
1 173 PHE n 
1 174 TYR n 
1 175 ILE n 
1 176 LYS n 
1 177 CYS n 
1 178 GLY n 
1 179 PHE n 
1 180 LYS n 
1 181 ARG n 
1 182 ALA n 
1 183 GLY n 
1 184 LEU n 
1 185 GLU n 
1 186 MET n 
1 187 ALA n 
1 188 HIS n 
1 189 TYR n 
1 190 TYR n 
# 
_entity_src_gen.entity_id                          1 
_entity_src_gen.pdbx_src_id                        1 
_entity_src_gen.pdbx_alt_source_flag               sample 
_entity_src_gen.pdbx_seq_type                      'Biological sequence' 
_entity_src_gen.pdbx_beg_seq_num                   1 
_entity_src_gen.pdbx_end_seq_num                   190 
_entity_src_gen.gene_src_common_name               ? 
_entity_src_gen.gene_src_genus                     ? 
_entity_src_gen.pdbx_gene_src_gene                 AFUA_6G02460 
_entity_src_gen.gene_src_species                   ? 
_entity_src_gen.gene_src_strain                    ? 
_entity_src_gen.gene_src_tissue                    ? 
_entity_src_gen.gene_src_tissue_fraction           ? 
_entity_src_gen.gene_src_details                   ? 
_entity_src_gen.pdbx_gene_src_fragment             ? 
_entity_src_gen.pdbx_gene_src_scientific_name      'Aspergillus fumigatus Af293' 
_entity_src_gen.pdbx_gene_src_ncbi_taxonomy_id     330879 
_entity_src_gen.pdbx_gene_src_variant              ? 
_entity_src_gen.pdbx_gene_src_cell_line            ? 
_entity_src_gen.pdbx_gene_src_atcc                 ? 
_entity_src_gen.pdbx_gene_src_organ                ? 
_entity_src_gen.pdbx_gene_src_organelle            ? 
_entity_src_gen.pdbx_gene_src_cell                 ? 
_entity_src_gen.pdbx_gene_src_cellular_location    ? 
_entity_src_gen.host_org_common_name               ? 
_entity_src_gen.pdbx_host_org_scientific_name      'Escherichia coli' 
_entity_src_gen.pdbx_host_org_ncbi_taxonomy_id     562 
_entity_src_gen.host_org_genus                     ? 
_entity_src_gen.pdbx_host_org_gene                 ? 
_entity_src_gen.pdbx_host_org_organ                ? 
_entity_src_gen.host_org_species                   ? 
_entity_src_gen.pdbx_host_org_tissue               ? 
_entity_src_gen.pdbx_host_org_tissue_fraction      ? 
_entity_src_gen.pdbx_host_org_strain               ? 
_entity_src_gen.pdbx_host_org_variant              ? 
_entity_src_gen.pdbx_host_org_cell_line            ? 
_entity_src_gen.pdbx_host_org_atcc                 ? 
_entity_src_gen.pdbx_host_org_culture_collection   ? 
_entity_src_gen.pdbx_host_org_cell                 ? 
_entity_src_gen.pdbx_host_org_organelle            ? 
_entity_src_gen.pdbx_host_org_cellular_location    ? 
_entity_src_gen.pdbx_host_org_vector_type          ? 
_entity_src_gen.pdbx_host_org_vector               ? 
_entity_src_gen.host_org_details                   ? 
_entity_src_gen.expression_system_id               ? 
_entity_src_gen.plasmid_name                       ? 
_entity_src_gen.plasmid_details                    ? 
_entity_src_gen.pdbx_description                   ? 
# 
loop_
_chem_comp.id 
_chem_comp.type 
_chem_comp.mon_nstd_flag 
_chem_comp.name 
_chem_comp.pdbx_synonyms 
_chem_comp.formula 
_chem_comp.formula_weight 
ACO non-polymer         . 'ACETYL COENZYME *A'                      ? 'C23 H38 N7 O17 P3 S' 809.571 
ALA 'L-peptide linking' y ALANINE                                   ? 'C3 H7 N O2'          89.093  
ARG 'L-peptide linking' y ARGININE                                  ? 'C6 H15 N4 O2 1'      175.209 
ASN 'L-peptide linking' y ASPARAGINE                                ? 'C4 H8 N2 O3'         132.118 
ASP 'L-peptide linking' y 'ASPARTIC ACID'                           ? 'C4 H7 N O4'          133.103 
CYS 'L-peptide linking' y CYSTEINE                                  ? 'C3 H7 N O2 S'        121.158 
GLN 'L-peptide linking' y GLUTAMINE                                 ? 'C5 H10 N2 O3'        146.144 
GLU 'L-peptide linking' y 'GLUTAMIC ACID'                           ? 'C5 H9 N O4'          147.129 
GLY 'peptide linking'   y GLYCINE                                   ? 'C2 H5 N O2'          75.067  
HIS 'L-peptide linking' y HISTIDINE                                 ? 'C6 H10 N3 O2 1'      156.162 
HOH non-polymer         . WATER                                     ? 'H2 O'                18.015  
ILE 'L-peptide linking' y ISOLEUCINE                                ? 'C6 H13 N O2'         131.173 
LEU 'L-peptide linking' y LEUCINE                                   ? 'C6 H13 N O2'         131.173 
LYS 'L-peptide linking' y LYSINE                                    ? 'C6 H15 N2 O2 1'      147.195 
MET 'L-peptide linking' y METHIONINE                                ? 'C5 H11 N O2 S'       149.211 
N2Z non-polymer         . '3-(2-chlorophenyl)-4~{H}-1,2,4-triazole' ? 'C8 H6 Cl N3'         179.606 
PHE 'L-peptide linking' y PHENYLALANINE                             ? 'C9 H11 N O2'         165.189 
PRO 'L-peptide linking' y PROLINE                                   ? 'C5 H9 N O2'          115.130 
SER 'L-peptide linking' y SERINE                                    ? 'C3 H7 N O3'          105.093 
THR 'L-peptide linking' y THREONINE                                 ? 'C4 H9 N O3'          119.119 
TRP 'L-peptide linking' y TRYPTOPHAN                                ? 'C11 H12 N2 O2'       204.225 
TYR 'L-peptide linking' y TYROSINE                                  ? 'C9 H11 N O3'         181.189 
VAL 'L-peptide linking' y VALINE                                    ? 'C5 H11 N O2'         117.146 
# 
loop_
_pdbx_poly_seq_scheme.asym_id 
_pdbx_poly_seq_scheme.entity_id 
_pdbx_poly_seq_scheme.seq_id 
_pdbx_poly_seq_scheme.mon_id 
_pdbx_poly_seq_scheme.ndb_seq_num 
_pdbx_poly_seq_scheme.pdb_seq_num 
_pdbx_poly_seq_scheme.auth_seq_num 
_pdbx_poly_seq_scheme.pdb_mon_id 
_pdbx_poly_seq_scheme.auth_mon_id 
_pdbx_poly_seq_scheme.pdb_strand_id 
_pdbx_poly_seq_scheme.pdb_ins_code 
_pdbx_poly_seq_scheme.hetero 
A 1 1   MET 1   1   ?   ?   ?   A . n 
A 1 2   THR 2   2   ?   ?   ?   A . n 
A 1 3   ASN 3   3   ?   ?   ?   A . n 
A 1 4   ALA 4   4   ?   ?   ?   A . n 
A 1 5   THR 5   5   ?   ?   ?   A . n 
A 1 6   ILE 6   6   ?   ?   ?   A . n 
A 1 7   ALA 7   7   ?   ?   ?   A . n 
A 1 8   PRO 8   8   ?   ?   ?   A . n 
A 1 9   THR 9   9   ?   ?   ?   A . n 
A 1 10  THR 10  10  ?   ?   ?   A . n 
A 1 11  THR 11  11  ?   ?   ?   A . n 
A 1 12  ALA 12  12  ?   ?   ?   A . n 
A 1 13  ALA 13  13  ?   ?   ?   A . n 
A 1 14  PRO 14  14  ?   ?   ?   A . n 
A 1 15  VAL 15  15  ?   ?   ?   A . n 
A 1 16  THR 16  16  ?   ?   ?   A . n 
A 1 17  LYS 17  17  ?   ?   ?   A . n 
A 1 18  SER 18  18  ?   ?   ?   A . n 
A 1 19  VAL 19  19  ?   ?   ?   A . n 
A 1 20  ASP 20  20  ?   ?   ?   A . n 
A 1 21  ALA 21  21  ?   ?   ?   A . n 
A 1 22  PRO 22  22  ?   ?   ?   A . n 
A 1 23  THR 23  23  ?   ?   ?   A . n 
A 1 24  ALA 24  24  ?   ?   ?   A . n 
A 1 25  ASP 25  25  ?   ?   ?   A . n 
A 1 26  GLU 26  26  26  GLU GLU A . n 
A 1 27  ASN 27  27  27  ASN ASN A . n 
A 1 28  THR 28  28  28  THR THR A . n 
A 1 29  PRO 29  29  29  PRO PRO A . n 
A 1 30  LEU 30  30  30  LEU LEU A . n 
A 1 31  PHE 31  31  31  PHE PHE A . n 
A 1 32  SER 32  32  32  SER SER A . n 
A 1 33  PRO 33  33  33  PRO PRO A . n 
A 1 34  SER 34  34  34  SER SER A . n 
A 1 35  LEU 35  35  35  LEU LEU A . n 
A 1 36  ILE 36  36  36  ILE ILE A . n 
A 1 37  SER 37  37  37  SER SER A . n 
A 1 38  PRO 38  38  38  PRO PRO A . n 
A 1 39  ASP 39  39  39  ASP ASP A . n 
A 1 40  VAL 40  40  40  VAL VAL A . n 
A 1 41  LEU 41  41  41  LEU LEU A . n 
A 1 42  ALA 42  42  42  ALA ALA A . n 
A 1 43  VAL 43  43  43  VAL VAL A . n 
A 1 44  LEU 44  44  44  LEU LEU A . n 
A 1 45  PRO 45  45  45  PRO PRO A . n 
A 1 46  ALA 46  46  46  ALA ALA A . n 
A 1 47  ASP 47  47  47  ASP ASP A . n 
A 1 48  TYR 48  48  48  TYR TYR A . n 
A 1 49  THR 49  49  49  THR THR A . n 
A 1 50  ILE 50  50  50  ILE ILE A . n 
A 1 51  ARG 51  51  51  ARG ARG A . n 
A 1 52  PRO 52  52  52  PRO PRO A . n 
A 1 53  LEU 53  53  53  LEU LEU A . n 
A 1 54  CYS 54  54  54  CYS CYS A . n 
A 1 55  ARG 55  55  55  ARG ARG A . n 
A 1 56  SER 56  56  56  SER SER A . n 
A 1 57  ASP 57  57  57  ASP ASP A . n 
A 1 58  TYR 58  58  58  TYR TYR A . n 
A 1 59  LYS 59  59  59  LYS LYS A . n 
A 1 60  ARG 60  60  60  ARG ARG A . n 
A 1 61  GLY 61  61  61  GLY GLY A . n 
A 1 62  TYR 62  62  62  TYR TYR A . n 
A 1 63  LEU 63  63  63  LEU LEU A . n 
A 1 64  ASP 64  64  64  ASP ASP A . n 
A 1 65  VAL 65  65  65  VAL VAL A . n 
A 1 66  LEU 66  66  66  LEU LEU A . n 
A 1 67  ARG 67  67  67  ARG ARG A . n 
A 1 68  VAL 68  68  68  VAL VAL A . n 
A 1 69  LEU 69  69  69  LEU LEU A . n 
A 1 70  THR 70  70  70  THR THR A . n 
A 1 71  THR 71  71  71  THR THR A . n 
A 1 72  VAL 72  72  72  VAL VAL A . n 
A 1 73  GLY 73  73  73  GLY GLY A . n 
A 1 74  ASP 74  74  74  ASP ASP A . n 
A 1 75  ILE 75  75  75  ILE ILE A . n 
A 1 76  ASN 76  76  76  ASN ASN A . n 
A 1 77  GLU 77  77  77  GLU GLU A . n 
A 1 78  GLU 78  78  78  GLU GLU A . n 
A 1 79  GLN 79  79  79  GLN GLN A . n 
A 1 80  TRP 80  80  80  TRP TRP A . n 
A 1 81  ASN 81  81  81  ASN ASN A . n 
A 1 82  SER 82  82  82  SER SER A . n 
A 1 83  ARG 83  83  83  ARG ARG A . n 
A 1 84  TYR 84  84  84  TYR TYR A . n 
A 1 85  GLU 85  85  85  GLU GLU A . n 
A 1 86  TRP 86  86  86  TRP TRP A . n 
A 1 87  ILE 87  87  87  ILE ILE A . n 
A 1 88  ARG 88  88  88  ARG ARG A . n 
A 1 89  ALA 89  89  89  ALA ALA A . n 
A 1 90  ARG 90  90  90  ARG ARG A . n 
A 1 91  SER 91  91  91  SER SER A . n 
A 1 92  ASP 92  92  92  ASP ASP A . n 
A 1 93  GLU 93  93  93  GLU GLU A . n 
A 1 94  TYR 94  94  94  TYR TYR A . n 
A 1 95  TYR 95  95  95  TYR TYR A . n 
A 1 96  LEU 96  96  96  LEU LEU A . n 
A 1 97  LEU 97  97  97  LEU LEU A . n 
A 1 98  VAL 98  98  98  VAL VAL A . n 
A 1 99  VAL 99  99  99  VAL VAL A . n 
A 1 100 CYS 100 100 100 CYS CYS A . n 
A 1 101 ASP 101 101 101 ASP ASP A . n 
A 1 102 GLY 102 102 102 GLY GLY A . n 
A 1 103 GLU 103 103 103 GLU GLU A . n 
A 1 104 GLY 104 104 104 GLY GLY A . n 
A 1 105 ARG 105 105 105 ARG ARG A . n 
A 1 106 ILE 106 106 106 ILE ILE A . n 
A 1 107 VAL 107 107 107 VAL VAL A . n 
A 1 108 GLY 108 108 108 GLY GLY A . n 
A 1 109 THR 109 109 109 THR THR A . n 
A 1 110 GLY 110 110 110 GLY GLY A . n 
A 1 111 SER 111 111 111 SER SER A . n 
A 1 112 LEU 112 112 112 LEU LEU A . n 
A 1 113 VAL 113 113 113 VAL VAL A . n 
A 1 114 VAL 114 114 114 VAL VAL A . n 
A 1 115 GLU 115 115 115 GLU GLU A . n 
A 1 116 ARG 116 116 116 ARG ARG A . n 
A 1 117 LYS 117 117 117 LYS LYS A . n 
A 1 118 PHE 118 118 118 PHE PHE A . n 
A 1 119 ILE 119 119 ?   ?   ?   A . n 
A 1 120 HIS 120 120 120 HIS HIS A . n 
A 1 121 SER 121 121 121 SER SER A . n 
A 1 122 LEU 122 122 122 LEU LEU A . n 
A 1 123 GLY 123 123 123 GLY GLY A . n 
A 1 124 MET 124 124 124 MET MET A . n 
A 1 125 VAL 125 125 125 VAL VAL A . n 
A 1 126 GLY 126 126 126 GLY GLY A . n 
A 1 127 HIS 127 127 127 HIS HIS A . n 
A 1 128 ILE 128 128 128 ILE ILE A . n 
A 1 129 GLU 129 129 129 GLU GLU A . n 
A 1 130 ASP 130 130 130 ASP ASP A . n 
A 1 131 ILE 131 131 131 ILE ILE A . n 
A 1 132 ALA 132 132 132 ALA ALA A . n 
A 1 133 VAL 133 133 133 VAL VAL A . n 
A 1 134 GLU 134 134 134 GLU GLU A . n 
A 1 135 LYS 135 135 135 LYS LYS A . n 
A 1 136 GLY 136 136 136 GLY GLY A . n 
A 1 137 GLN 137 137 137 GLN GLN A . n 
A 1 138 GLN 138 138 138 GLN GLN A . n 
A 1 139 GLY 139 139 139 GLY GLY A . n 
A 1 140 LYS 140 140 140 LYS LYS A . n 
A 1 141 LYS 141 141 141 LYS LYS A . n 
A 1 142 LEU 142 142 142 LEU LEU A . n 
A 1 143 GLY 143 143 143 GLY GLY A . n 
A 1 144 LEU 144 144 144 LEU LEU A . n 
A 1 145 ARG 145 145 145 ARG ARG A . n 
A 1 146 ILE 146 146 146 ILE ILE A . n 
A 1 147 ILE 147 147 147 ILE ILE A . n 
A 1 148 GLN 148 148 148 GLN GLN A . n 
A 1 149 ALA 149 149 149 ALA ALA A . n 
A 1 150 LEU 150 150 150 LEU LEU A . n 
A 1 151 ASP 151 151 151 ASP ASP A . n 
A 1 152 TYR 152 152 152 TYR TYR A . n 
A 1 153 VAL 153 153 153 VAL VAL A . n 
A 1 154 ALA 154 154 154 ALA ALA A . n 
A 1 155 GLU 155 155 155 GLU GLU A . n 
A 1 156 LYS 156 156 156 LYS LYS A . n 
A 1 157 VAL 157 157 157 VAL VAL A . n 
A 1 158 GLY 158 158 158 GLY GLY A . n 
A 1 159 CYS 159 159 159 CYS CYS A . n 
A 1 160 TYR 160 160 160 TYR TYR A . n 
A 1 161 LYS 161 161 161 LYS LYS A . n 
A 1 162 THR 162 162 162 THR THR A . n 
A 1 163 ILE 163 163 163 ILE ILE A . n 
A 1 164 LEU 164 164 164 LEU LEU A . n 
A 1 165 ASP 165 165 165 ASP ASP A . n 
A 1 166 CYS 166 166 166 CYS CYS A . n 
A 1 167 SER 167 167 167 SER SER A . n 
A 1 168 GLU 168 168 168 GLU GLU A . n 
A 1 169 ALA 169 169 169 ALA ALA A . n 
A 1 170 ASN 170 170 170 ASN ASN A . n 
A 1 171 GLU 171 171 171 GLU GLU A . n 
A 1 172 GLY 172 172 172 GLY GLY A . n 
A 1 173 PHE 173 173 173 PHE PHE A . n 
A 1 174 TYR 174 174 174 TYR TYR A . n 
A 1 175 ILE 175 175 175 ILE ILE A . n 
A 1 176 LYS 176 176 176 LYS LYS A . n 
A 1 177 CYS 177 177 177 CYS CYS A . n 
A 1 178 GLY 178 178 178 GLY GLY A . n 
A 1 179 PHE 179 179 179 PHE PHE A . n 
A 1 180 LYS 180 180 180 LYS LYS A . n 
A 1 181 ARG 181 181 181 ARG ARG A . n 
A 1 182 ALA 182 182 182 ALA ALA A . n 
A 1 183 GLY 183 183 183 GLY GLY A . n 
A 1 184 LEU 184 184 184 LEU LEU A . n 
A 1 185 GLU 185 185 185 GLU GLU A . n 
A 1 186 MET 186 186 186 MET MET A . n 
A 1 187 ALA 187 187 187 ALA ALA A . n 
A 1 188 HIS 188 188 188 HIS HIS A . n 
A 1 189 TYR 189 189 189 TYR TYR A . n 
A 1 190 TYR 190 190 190 TYR TYR A . n 
# 
loop_
_pdbx_nonpoly_scheme.asym_id 
_pdbx_nonpoly_scheme.entity_id 
_pdbx_nonpoly_scheme.mon_id 
_pdbx_nonpoly_scheme.ndb_seq_num 
_pdbx_nonpoly_scheme.pdb_seq_num 
_pdbx_nonpoly_scheme.auth_seq_num 
_pdbx_nonpoly_scheme.pdb_mon_id 
_pdbx_nonpoly_scheme.auth_mon_id 
_pdbx_nonpoly_scheme.pdb_strand_id 
_pdbx_nonpoly_scheme.pdb_ins_code 
B 2 ACO 1   201 201 ACO ACO A . 
C 3 N2Z 1   202 301 N2Z LIG A . 
D 4 HOH 1   301 81  HOH HOH A . 
D 4 HOH 2   302 99  HOH HOH A . 
D 4 HOH 3   303 34  HOH HOH A . 
D 4 HOH 4   304 76  HOH HOH A . 
D 4 HOH 5   305 64  HOH HOH A . 
D 4 HOH 6   306 80  HOH HOH A . 
D 4 HOH 7   307 26  HOH HOH A . 
D 4 HOH 8   308 75  HOH HOH A . 
D 4 HOH 9   309 13  HOH HOH A . 
D 4 HOH 10  310 32  HOH HOH A . 
D 4 HOH 11  311 44  HOH HOH A . 
D 4 HOH 12  312 22  HOH HOH A . 
D 4 HOH 13  313 7   HOH HOH A . 
D 4 HOH 14  314 17  HOH HOH A . 
D 4 HOH 15  315 48  HOH HOH A . 
D 4 HOH 16  316 65  HOH HOH A . 
D 4 HOH 17  317 20  HOH HOH A . 
D 4 HOH 18  318 36  HOH HOH A . 
D 4 HOH 19  319 46  HOH HOH A . 
D 4 HOH 20  320 1   HOH HOH A . 
D 4 HOH 21  321 69  HOH HOH A . 
D 4 HOH 22  322 29  HOH HOH A . 
D 4 HOH 23  323 89  HOH HOH A . 
D 4 HOH 24  324 83  HOH HOH A . 
D 4 HOH 25  325 30  HOH HOH A . 
D 4 HOH 26  326 24  HOH HOH A . 
D 4 HOH 27  327 4   HOH HOH A . 
D 4 HOH 28  328 19  HOH HOH A . 
D 4 HOH 29  329 57  HOH HOH A . 
D 4 HOH 30  330 104 HOH HOH A . 
D 4 HOH 31  331 42  HOH HOH A . 
D 4 HOH 32  332 28  HOH HOH A . 
D 4 HOH 33  333 54  HOH HOH A . 
D 4 HOH 34  334 11  HOH HOH A . 
D 4 HOH 35  335 3   HOH HOH A . 
D 4 HOH 36  336 61  HOH HOH A . 
D 4 HOH 37  337 39  HOH HOH A . 
D 4 HOH 38  338 2   HOH HOH A . 
D 4 HOH 39  339 25  HOH HOH A . 
D 4 HOH 40  340 38  HOH HOH A . 
D 4 HOH 41  341 98  HOH HOH A . 
D 4 HOH 42  342 62  HOH HOH A . 
D 4 HOH 43  343 27  HOH HOH A . 
D 4 HOH 44  344 49  HOH HOH A . 
D 4 HOH 45  345 33  HOH HOH A . 
D 4 HOH 46  346 43  HOH HOH A . 
D 4 HOH 47  347 66  HOH HOH A . 
D 4 HOH 48  348 5   HOH HOH A . 
D 4 HOH 49  349 71  HOH HOH A . 
D 4 HOH 50  350 52  HOH HOH A . 
D 4 HOH 51  351 88  HOH HOH A . 
D 4 HOH 52  352 55  HOH HOH A . 
D 4 HOH 53  353 18  HOH HOH A . 
D 4 HOH 54  354 86  HOH HOH A . 
D 4 HOH 55  355 35  HOH HOH A . 
D 4 HOH 56  356 6   HOH HOH A . 
D 4 HOH 57  357 14  HOH HOH A . 
D 4 HOH 58  358 60  HOH HOH A . 
D 4 HOH 59  359 95  HOH HOH A . 
D 4 HOH 60  360 70  HOH HOH A . 
D 4 HOH 61  361 9   HOH HOH A . 
D 4 HOH 62  362 8   HOH HOH A . 
D 4 HOH 63  363 37  HOH HOH A . 
D 4 HOH 64  364 90  HOH HOH A . 
D 4 HOH 65  365 51  HOH HOH A . 
D 4 HOH 66  366 102 HOH HOH A . 
D 4 HOH 67  367 10  HOH HOH A . 
D 4 HOH 68  368 108 HOH HOH A . 
D 4 HOH 69  369 40  HOH HOH A . 
D 4 HOH 70  370 15  HOH HOH A . 
D 4 HOH 71  371 23  HOH HOH A . 
D 4 HOH 72  372 63  HOH HOH A . 
D 4 HOH 73  373 84  HOH HOH A . 
D 4 HOH 74  374 96  HOH HOH A . 
D 4 HOH 75  375 50  HOH HOH A . 
D 4 HOH 76  376 67  HOH HOH A . 
D 4 HOH 77  377 85  HOH HOH A . 
D 4 HOH 78  378 56  HOH HOH A . 
D 4 HOH 79  379 12  HOH HOH A . 
D 4 HOH 80  380 105 HOH HOH A . 
D 4 HOH 81  381 21  HOH HOH A . 
D 4 HOH 82  382 53  HOH HOH A . 
D 4 HOH 83  383 103 HOH HOH A . 
D 4 HOH 84  384 45  HOH HOH A . 
D 4 HOH 85  385 78  HOH HOH A . 
D 4 HOH 86  386 41  HOH HOH A . 
D 4 HOH 87  387 31  HOH HOH A . 
D 4 HOH 88  388 100 HOH HOH A . 
D 4 HOH 89  389 79  HOH HOH A . 
D 4 HOH 90  390 94  HOH HOH A . 
D 4 HOH 91  391 82  HOH HOH A . 
D 4 HOH 92  392 77  HOH HOH A . 
D 4 HOH 93  393 91  HOH HOH A . 
D 4 HOH 94  394 58  HOH HOH A . 
D 4 HOH 95  395 92  HOH HOH A . 
D 4 HOH 96  396 47  HOH HOH A . 
D 4 HOH 97  397 93  HOH HOH A . 
D 4 HOH 98  398 74  HOH HOH A . 
D 4 HOH 99  399 101 HOH HOH A . 
D 4 HOH 100 400 106 HOH HOH A . 
D 4 HOH 101 401 73  HOH HOH A . 
D 4 HOH 102 402 107 HOH HOH A . 
D 4 HOH 103 403 59  HOH HOH A . 
D 4 HOH 104 404 97  HOH HOH A . 
D 4 HOH 105 405 16  HOH HOH A . 
D 4 HOH 106 406 72  HOH HOH A . 
D 4 HOH 107 407 87  HOH HOH A . 
D 4 HOH 108 408 68  HOH HOH A . 
# 
loop_
_software.citation_id 
_software.classification 
_software.compiler_name 
_software.compiler_version 
_software.contact_author 
_software.contact_author_email 
_software.date 
_software.description 
_software.dependencies 
_software.hardware 
_software.language 
_software.location 
_software.mods 
_software.name 
_software.os 
_software.os_version 
_software.type 
_software.version 
_software.pdbx_ordinal 
? refinement        ? ? ? ? ? ? ? ? ? ? ? REFMAC      ? ? ? 5.8.0257 1 
? 'data scaling'    ? ? ? ? ? ? ? ? ? ? ? Aimless     ? ? ? .        2 
? 'data extraction' ? ? ? ? ? ? ? ? ? ? ? PDB_EXTRACT ? ? ? 3.25     3 
? 'data reduction'  ? ? ? ? ? ? ? ? ? ? ? XDS         ? ? ? .        4 
? phasing           ? ? ? ? ? ? ? ? ? ? ? MOLREP      ? ? ? .        5 
# 
_cell.angle_alpha                  90.000 
_cell.angle_alpha_esd              ? 
_cell.angle_beta                   90.000 
_cell.angle_beta_esd               ? 
_cell.angle_gamma                  90.000 
_cell.angle_gamma_esd              ? 
_cell.entry_id                     6TDH 
_cell.details                      ? 
_cell.formula_units_Z              ? 
_cell.length_a                     67.641 
_cell.length_a_esd                 ? 
_cell.length_b                     102.510 
_cell.length_b_esd                 ? 
_cell.length_c                     56.621 
_cell.length_c_esd                 ? 
_cell.volume                       ? 
_cell.volume_esd                   ? 
_cell.Z_PDB                        8 
_cell.reciprocal_angle_alpha       ? 
_cell.reciprocal_angle_beta        ? 
_cell.reciprocal_angle_gamma       ? 
_cell.reciprocal_angle_alpha_esd   ? 
_cell.reciprocal_angle_beta_esd    ? 
_cell.reciprocal_angle_gamma_esd   ? 
_cell.reciprocal_length_a          ? 
_cell.reciprocal_length_b          ? 
_cell.reciprocal_length_c          ? 
_cell.reciprocal_length_a_esd      ? 
_cell.reciprocal_length_b_esd      ? 
_cell.reciprocal_length_c_esd      ? 
_cell.pdbx_unique_axis             ? 
# 
_symmetry.entry_id                         6TDH 
_symmetry.cell_setting                     ? 
_symmetry.Int_Tables_number                20 
_symmetry.space_group_name_Hall            ? 
_symmetry.space_group_name_H-M             'C 2 2 21' 
_symmetry.pdbx_full_space_group_name_H-M   ? 
# 
_exptl.absorpt_coefficient_mu     ? 
_exptl.absorpt_correction_T_max   ? 
_exptl.absorpt_correction_T_min   ? 
_exptl.absorpt_correction_type    ? 
_exptl.absorpt_process_details    ? 
_exptl.entry_id                   6TDH 
_exptl.crystals_number            1 
_exptl.details                    ? 
_exptl.method                     'X-RAY DIFFRACTION' 
_exptl.method_details             ? 
# 
_exptl_crystal.colour                      ? 
_exptl_crystal.density_diffrn              ? 
_exptl_crystal.density_Matthews            2.62 
_exptl_crystal.density_method              ? 
_exptl_crystal.density_percent_sol         53.14 
_exptl_crystal.description                 ? 
_exptl_crystal.F_000                       ? 
_exptl_crystal.id                          1 
_exptl_crystal.preparation                 ? 
_exptl_crystal.size_max                    ? 
_exptl_crystal.size_mid                    ? 
_exptl_crystal.size_min                    ? 
_exptl_crystal.size_rad                    ? 
_exptl_crystal.colour_lustre               ? 
_exptl_crystal.colour_modifier             ? 
_exptl_crystal.colour_primary              ? 
_exptl_crystal.density_meas                ? 
_exptl_crystal.density_meas_esd            ? 
_exptl_crystal.density_meas_gt             ? 
_exptl_crystal.density_meas_lt             ? 
_exptl_crystal.density_meas_temp           ? 
_exptl_crystal.density_meas_temp_esd       ? 
_exptl_crystal.density_meas_temp_gt        ? 
_exptl_crystal.density_meas_temp_lt        ? 
_exptl_crystal.pdbx_crystal_image_url      ? 
_exptl_crystal.pdbx_crystal_image_format   ? 
_exptl_crystal.pdbx_mosaicity              ? 
_exptl_crystal.pdbx_mosaicity_esd          ? 
# 
_exptl_crystal_grow.apparatus       ? 
_exptl_crystal_grow.atmosphere      ? 
_exptl_crystal_grow.crystal_id      1 
_exptl_crystal_grow.details         ? 
_exptl_crystal_grow.method          'VAPOR DIFFUSION, SITTING DROP' 
_exptl_crystal_grow.method_ref      ? 
_exptl_crystal_grow.pH              ? 
_exptl_crystal_grow.pressure        ? 
_exptl_crystal_grow.pressure_esd    ? 
_exptl_crystal_grow.seeding         ? 
_exptl_crystal_grow.seeding_ref     ? 
_exptl_crystal_grow.temp            277 
_exptl_crystal_grow.temp_details    ? 
_exptl_crystal_grow.temp_esd        ? 
_exptl_crystal_grow.time            ? 
_exptl_crystal_grow.pdbx_details    
;1. 10% peg 1000, 10% peg8000
2. 30% peg 1500
;
_exptl_crystal_grow.pdbx_pH_range   ? 
# 
_diffrn.ambient_environment              ? 
_diffrn.ambient_temp                     277 
_diffrn.ambient_temp_details             ? 
_diffrn.ambient_temp_esd                 ? 
_diffrn.crystal_id                       1 
_diffrn.crystal_support                  ? 
_diffrn.crystal_treatment                ? 
_diffrn.details                          ? 
_diffrn.id                               1 
_diffrn.ambient_pressure                 ? 
_diffrn.ambient_pressure_esd             ? 
_diffrn.ambient_pressure_gt              ? 
_diffrn.ambient_pressure_lt              ? 
_diffrn.ambient_temp_gt                  ? 
_diffrn.ambient_temp_lt                  ? 
_diffrn.pdbx_serial_crystal_experiment   N 
# 
_diffrn_detector.details                      ? 
_diffrn_detector.detector                     PIXEL 
_diffrn_detector.diffrn_id                    1 
_diffrn_detector.type                         'DECTRIS PILATUS 6M-F' 
_diffrn_detector.area_resol_mean              ? 
_diffrn_detector.dtime                        ? 
_diffrn_detector.pdbx_frames_total            ? 
_diffrn_detector.pdbx_collection_time_total   ? 
_diffrn_detector.pdbx_collection_date         2019-10-06 
_diffrn_detector.pdbx_frequency               ? 
# 
_diffrn_radiation.collimation                      ? 
_diffrn_radiation.diffrn_id                        1 
_diffrn_radiation.filter_edge                      ? 
_diffrn_radiation.inhomogeneity                    ? 
_diffrn_radiation.monochromator                    ? 
_diffrn_radiation.polarisn_norm                    ? 
_diffrn_radiation.polarisn_ratio                   ? 
_diffrn_radiation.probe                            ? 
_diffrn_radiation.type                             ? 
_diffrn_radiation.xray_symbol                      ? 
_diffrn_radiation.wavelength_id                    1 
_diffrn_radiation.pdbx_monochromatic_or_laue_m_l   M 
_diffrn_radiation.pdbx_wavelength_list             ? 
_diffrn_radiation.pdbx_wavelength                  ? 
_diffrn_radiation.pdbx_diffrn_protocol             'SINGLE WAVELENGTH' 
_diffrn_radiation.pdbx_analyzer                    ? 
_diffrn_radiation.pdbx_scattering_type             x-ray 
# 
_diffrn_radiation_wavelength.id           1 
_diffrn_radiation_wavelength.wavelength   0.9159 
_diffrn_radiation_wavelength.wt           1.0 
# 
_diffrn_source.current                     ? 
_diffrn_source.details                     ? 
_diffrn_source.diffrn_id                   1 
_diffrn_source.power                       ? 
_diffrn_source.size                        ? 
_diffrn_source.source                      SYNCHROTRON 
_diffrn_source.target                      ? 
_diffrn_source.type                        'DIAMOND BEAMLINE I04-1' 
_diffrn_source.voltage                     ? 
_diffrn_source.take-off_angle              ? 
_diffrn_source.pdbx_wavelength_list        0.9159 
_diffrn_source.pdbx_wavelength             ? 
_diffrn_source.pdbx_synchrotron_beamline   I04-1 
_diffrn_source.pdbx_synchrotron_site       Diamond 
# 
_reflns.B_iso_Wilson_estimate            ? 
_reflns.entry_id                         6TDH 
_reflns.data_reduction_details           ? 
_reflns.data_reduction_method            ? 
_reflns.d_resolution_high                1.58 
_reflns.d_resolution_low                 56.46 
_reflns.details                          ? 
_reflns.limit_h_max                      ? 
_reflns.limit_h_min                      ? 
_reflns.limit_k_max                      ? 
_reflns.limit_k_min                      ? 
_reflns.limit_l_max                      ? 
_reflns.limit_l_min                      ? 
_reflns.number_all                       ? 
_reflns.number_obs                       26623 
_reflns.observed_criterion               ? 
_reflns.observed_criterion_F_max         ? 
_reflns.observed_criterion_F_min         ? 
_reflns.observed_criterion_I_max         ? 
_reflns.observed_criterion_I_min         ? 
_reflns.observed_criterion_sigma_F       ? 
_reflns.observed_criterion_sigma_I       ? 
_reflns.percent_possible_obs             97 
_reflns.R_free_details                   ? 
_reflns.Rmerge_F_all                     ? 
_reflns.Rmerge_F_obs                     ? 
_reflns.Friedel_coverage                 ? 
_reflns.number_gt                        ? 
_reflns.threshold_expression             ? 
_reflns.pdbx_redundancy                  5.6 
_reflns.pdbx_Rmerge_I_obs                ? 
_reflns.pdbx_Rmerge_I_all                ? 
_reflns.pdbx_Rsym_value                  ? 
_reflns.pdbx_netI_over_av_sigmaI         ? 
_reflns.pdbx_netI_over_sigmaI            11.8 
_reflns.pdbx_res_netI_over_av_sigmaI_2   ? 
_reflns.pdbx_res_netI_over_sigmaI_2      ? 
_reflns.pdbx_chi_squared                 ? 
_reflns.pdbx_scaling_rejects             ? 
_reflns.pdbx_d_res_high_opt              ? 
_reflns.pdbx_d_res_low_opt               ? 
_reflns.pdbx_d_res_opt_method            ? 
_reflns.phase_calculation_details        ? 
_reflns.pdbx_Rrim_I_all                  0.067 
_reflns.pdbx_Rpim_I_all                  ? 
_reflns.pdbx_d_opt                       ? 
_reflns.pdbx_number_measured_all         ? 
_reflns.pdbx_diffrn_id                   1 
_reflns.pdbx_ordinal                     1 
_reflns.pdbx_CC_half                     1.0 
_reflns.pdbx_CC_star                     ? 
_reflns.pdbx_R_split                     ? 
# 
_reflns_shell.d_res_high                  1.58 
_reflns_shell.d_res_low                   1.64 
_reflns_shell.meanI_over_sigI_all         ? 
_reflns_shell.meanI_over_sigI_obs         0.7 
_reflns_shell.number_measured_all         ? 
_reflns_shell.number_measured_obs         ? 
_reflns_shell.number_possible             ? 
_reflns_shell.number_unique_all           ? 
_reflns_shell.number_unique_obs           2681 
_reflns_shell.percent_possible_all        100 
_reflns_shell.percent_possible_obs        ? 
_reflns_shell.Rmerge_F_all                ? 
_reflns_shell.Rmerge_F_obs                ? 
_reflns_shell.Rmerge_I_all                ? 
_reflns_shell.Rmerge_I_obs                ? 
_reflns_shell.meanI_over_sigI_gt          ? 
_reflns_shell.meanI_over_uI_all           ? 
_reflns_shell.meanI_over_uI_gt            ? 
_reflns_shell.number_measured_gt          ? 
_reflns_shell.number_unique_gt            ? 
_reflns_shell.percent_possible_gt         ? 
_reflns_shell.Rmerge_F_gt                 ? 
_reflns_shell.Rmerge_I_gt                 ? 
_reflns_shell.pdbx_redundancy             3.8 
_reflns_shell.pdbx_Rsym_value             ? 
_reflns_shell.pdbx_chi_squared            ? 
_reflns_shell.pdbx_netI_over_sigmaI_all   ? 
_reflns_shell.pdbx_netI_over_sigmaI_obs   ? 
_reflns_shell.pdbx_Rrim_I_all             0.01444 
_reflns_shell.pdbx_Rpim_I_all             ? 
_reflns_shell.pdbx_rejects                ? 
_reflns_shell.pdbx_ordinal                1 
_reflns_shell.pdbx_diffrn_id              1 
_reflns_shell.pdbx_CC_half                0.99 
_reflns_shell.pdbx_CC_star                ? 
_reflns_shell.pdbx_R_split                ? 
# 
_refine.aniso_B[1][1]                            0.8000 
_refine.aniso_B[1][2]                            0.0000 
_refine.aniso_B[1][3]                            0.0000 
_refine.aniso_B[2][2]                            0.0400 
_refine.aniso_B[2][3]                            0.0000 
_refine.aniso_B[3][3]                            -0.8400 
_refine.B_iso_max                                107.910 
_refine.B_iso_mean                               35.5660 
_refine.B_iso_min                                19.940 
_refine.correlation_coeff_Fo_to_Fc               0.9670 
_refine.correlation_coeff_Fo_to_Fc_free          0.9630 
_refine.details                                  
'HYDROGENS HAVE BEEN ADDED IN THE RIDING POSITIONS U VALUES      : REFINED INDIVIDUALLY' 
_refine.diff_density_max                         ? 
_refine.diff_density_max_esd                     ? 
_refine.diff_density_min                         ? 
_refine.diff_density_min_esd                     ? 
_refine.diff_density_rms                         ? 
_refine.diff_density_rms_esd                     ? 
_refine.entry_id                                 6TDH 
_refine.pdbx_refine_id                           'X-RAY DIFFRACTION' 
_refine.ls_abs_structure_details                 ? 
_refine.ls_abs_structure_Flack                   ? 
_refine.ls_abs_structure_Flack_esd               ? 
_refine.ls_abs_structure_Rogers                  ? 
_refine.ls_abs_structure_Rogers_esd              ? 
_refine.ls_d_res_high                            1.5800 
_refine.ls_d_res_low                             56.4600 
_refine.ls_extinction_coef                       ? 
_refine.ls_extinction_coef_esd                   ? 
_refine.ls_extinction_expression                 ? 
_refine.ls_extinction_method                     ? 
_refine.ls_goodness_of_fit_all                   ? 
_refine.ls_goodness_of_fit_all_esd               ? 
_refine.ls_goodness_of_fit_obs                   ? 
_refine.ls_goodness_of_fit_obs_esd               ? 
_refine.ls_hydrogen_treatment                    ? 
_refine.ls_matrix_type                           ? 
_refine.ls_number_constraints                    ? 
_refine.ls_number_parameters                     ? 
_refine.ls_number_reflns_all                     ? 
_refine.ls_number_reflns_obs                     25369 
_refine.ls_number_reflns_R_free                  1349 
_refine.ls_number_reflns_R_work                  ? 
_refine.ls_number_restraints                     ? 
_refine.ls_percent_reflns_obs                    97.3000 
_refine.ls_percent_reflns_R_free                 5.0000 
_refine.ls_R_factor_all                          ? 
_refine.ls_R_factor_obs                          0.2015 
_refine.ls_R_factor_R_free                       0.2273 
_refine.ls_R_factor_R_free_error                 ? 
_refine.ls_R_factor_R_free_error_details         ? 
_refine.ls_R_factor_R_work                       0.2001 
_refine.ls_R_Fsqd_factor_obs                     ? 
_refine.ls_R_I_factor_obs                        ? 
_refine.ls_redundancy_reflns_all                 ? 
_refine.ls_redundancy_reflns_obs                 ? 
_refine.ls_restrained_S_all                      ? 
_refine.ls_restrained_S_obs                      ? 
_refine.ls_shift_over_esd_max                    ? 
_refine.ls_shift_over_esd_mean                   ? 
_refine.ls_structure_factor_coef                 ? 
_refine.ls_weighting_details                     ? 
_refine.ls_weighting_scheme                      ? 
_refine.ls_wR_factor_all                         ? 
_refine.ls_wR_factor_obs                         ? 
_refine.ls_wR_factor_R_free                      ? 
_refine.ls_wR_factor_R_work                      ? 
_refine.occupancy_max                            ? 
_refine.occupancy_min                            ? 
_refine.solvent_model_details                    MASK 
_refine.solvent_model_param_bsol                 ? 
_refine.solvent_model_param_ksol                 ? 
_refine.pdbx_R_complete                          ? 
_refine.ls_R_factor_gt                           ? 
_refine.ls_goodness_of_fit_gt                    ? 
_refine.ls_goodness_of_fit_ref                   ? 
_refine.ls_shift_over_su_max                     ? 
_refine.ls_shift_over_su_max_lt                  ? 
_refine.ls_shift_over_su_mean                    ? 
_refine.ls_shift_over_su_mean_lt                 ? 
_refine.pdbx_ls_sigma_I                          ? 
_refine.pdbx_ls_sigma_F                          0.000 
_refine.pdbx_ls_sigma_Fsqd                       ? 
_refine.pdbx_data_cutoff_high_absF               ? 
_refine.pdbx_data_cutoff_high_rms_absF           ? 
_refine.pdbx_data_cutoff_low_absF                ? 
_refine.pdbx_isotropic_thermal_model             ? 
_refine.pdbx_ls_cross_valid_method               THROUGHOUT 
_refine.pdbx_method_to_determine_struct          'MOLECULAR REPLACEMENT' 
_refine.pdbx_starting_model                      2vez 
_refine.pdbx_stereochemistry_target_values       'MAXIMUM LIKELIHOOD' 
_refine.pdbx_R_Free_selection_details            RANDOM 
_refine.pdbx_stereochem_target_val_spec_case     ? 
_refine.pdbx_overall_ESU_R                       0.0890 
_refine.pdbx_overall_ESU_R_Free                  0.0890 
_refine.pdbx_solvent_vdw_probe_radii             1.2000 
_refine.pdbx_solvent_ion_probe_radii             0.8000 
_refine.pdbx_solvent_shrinkage_radii             0.8000 
_refine.pdbx_real_space_R                        ? 
_refine.pdbx_density_correlation                 ? 
_refine.pdbx_pd_number_of_powder_patterns        ? 
_refine.pdbx_pd_number_of_points                 ? 
_refine.pdbx_pd_meas_number_of_points            ? 
_refine.pdbx_pd_proc_ls_prof_R_factor            ? 
_refine.pdbx_pd_proc_ls_prof_wR_factor           ? 
_refine.pdbx_pd_Marquardt_correlation_coeff      ? 
_refine.pdbx_pd_Fsqrd_R_factor                   ? 
_refine.pdbx_pd_ls_matrix_band_width             ? 
_refine.pdbx_overall_phase_error                 ? 
_refine.pdbx_overall_SU_R_free_Cruickshank_DPI   ? 
_refine.pdbx_overall_SU_R_free_Blow_DPI          ? 
_refine.pdbx_overall_SU_R_Blow_DPI               ? 
_refine.pdbx_TLS_residual_ADP_flag               ? 
_refine.pdbx_diffrn_id                           1 
_refine.overall_SU_B                             2.3710 
_refine.overall_SU_ML                            0.0790 
_refine.overall_SU_R_Cruickshank_DPI             ? 
_refine.overall_SU_R_free                        ? 
_refine.overall_FOM_free_R_set                   ? 
_refine.overall_FOM_work_R_set                   ? 
_refine.pdbx_average_fsc_overall                 ? 
_refine.pdbx_average_fsc_work                    ? 
_refine.pdbx_average_fsc_free                    ? 
# 
_refine_hist.pdbx_refine_id                   'X-RAY DIFFRACTION' 
_refine_hist.cycle_id                         final 
_refine_hist.details                          ? 
_refine_hist.d_res_high                       1.5800 
_refine_hist.d_res_low                        56.4600 
_refine_hist.number_atoms_solvent             108 
_refine_hist.number_atoms_total               1477 
_refine_hist.number_reflns_all                ? 
_refine_hist.number_reflns_obs                ? 
_refine_hist.number_reflns_R_free             ? 
_refine_hist.number_reflns_R_work             ? 
_refine_hist.R_factor_all                     ? 
_refine_hist.R_factor_obs                     ? 
_refine_hist.R_factor_R_free                  ? 
_refine_hist.R_factor_R_work                  ? 
_refine_hist.pdbx_number_residues_total       164 
_refine_hist.pdbx_B_iso_mean_ligand           32.55 
_refine_hist.pdbx_B_iso_mean_solvent          47.42 
_refine_hist.pdbx_number_atoms_protein        1306 
_refine_hist.pdbx_number_atoms_nucleic_acid   0 
_refine_hist.pdbx_number_atoms_ligand         63 
_refine_hist.pdbx_number_atoms_lipid          ? 
_refine_hist.pdbx_number_atoms_carb           ? 
_refine_hist.pdbx_pseudo_atom_details         ? 
# 
loop_
_refine_ls_restr.pdbx_refine_id 
_refine_ls_restr.criterion 
_refine_ls_restr.dev_ideal 
_refine_ls_restr.dev_ideal_target 
_refine_ls_restr.number 
_refine_ls_restr.rejects 
_refine_ls_restr.type 
_refine_ls_restr.weight 
_refine_ls_restr.pdbx_restraint_function 
'X-RAY DIFFRACTION' ? 0.012  0.013  1397 ? r_bond_refined_d       ? ? 
'X-RAY DIFFRACTION' ? 0.001  0.017  1291 ? r_bond_other_d         ? ? 
'X-RAY DIFFRACTION' ? 1.894  1.698  1894 ? r_angle_refined_deg    ? ? 
'X-RAY DIFFRACTION' ? 1.474  1.616  2980 ? r_angle_other_deg      ? ? 
'X-RAY DIFFRACTION' ? 6.659  5.000  162  ? r_dihedral_angle_1_deg ? ? 
'X-RAY DIFFRACTION' ? 26.114 21.233 73   ? r_dihedral_angle_2_deg ? ? 
'X-RAY DIFFRACTION' ? 17.339 15.000 233  ? r_dihedral_angle_3_deg ? ? 
'X-RAY DIFFRACTION' ? 16.232 15.000 11   ? r_dihedral_angle_4_deg ? ? 
'X-RAY DIFFRACTION' ? 0.104  0.200  172  ? r_chiral_restr         ? ? 
'X-RAY DIFFRACTION' ? 0.010  0.020  1536 ? r_gen_planes_refined   ? ? 
'X-RAY DIFFRACTION' ? 0.001  0.020  310  ? r_gen_planes_other     ? ? 
# 
_refine_ls_shell.pdbx_refine_id                   'X-RAY DIFFRACTION' 
_refine_ls_shell.d_res_high                       1.58 
_refine_ls_shell.d_res_low                        1.6190 
_refine_ls_shell.number_reflns_all                ? 
_refine_ls_shell.number_reflns_obs                ? 
_refine_ls_shell.number_reflns_R_free             92 
_refine_ls_shell.number_reflns_R_work             1883 
_refine_ls_shell.percent_reflns_obs               99.3500 
_refine_ls_shell.percent_reflns_R_free            ? 
_refine_ls_shell.R_factor_all                     ? 
_refine_ls_shell.R_factor_obs                     ? 
_refine_ls_shell.R_factor_R_free                  0.4880 
_refine_ls_shell.R_factor_R_free_error            0.0000 
_refine_ls_shell.R_factor_R_work                  0.4180 
_refine_ls_shell.redundancy_reflns_all            ? 
_refine_ls_shell.redundancy_reflns_obs            ? 
_refine_ls_shell.wR_factor_all                    ? 
_refine_ls_shell.wR_factor_obs                    ? 
_refine_ls_shell.wR_factor_R_free                 ? 
_refine_ls_shell.wR_factor_R_work                 ? 
_refine_ls_shell.pdbx_R_complete                  ? 
_refine_ls_shell.pdbx_total_number_of_bins_used   ? 
_refine_ls_shell.pdbx_phase_error                 ? 
_refine_ls_shell.pdbx_fsc_work                    ? 
_refine_ls_shell.pdbx_fsc_free                    ? 
# 
_struct.entry_id                     6TDH 
_struct.title                        
'Crystal structure of Aspergillus fumigatus Glucosamine-6-phosphate N-acetyltransferase 1 in complex with compound 1' 
_struct.pdbx_model_details           ? 
_struct.pdbx_formula_weight          ? 
_struct.pdbx_formula_weight_method   ? 
_struct.pdbx_model_type_details      ? 
_struct.pdbx_CASP_flag               N 
# 
_struct_keywords.entry_id        6TDH 
_struct_keywords.text            'fragment screening, anti fungal, Aspergillus fumigatus, inhibitor, TRANSFERASE' 
_struct_keywords.pdbx_keywords   TRANSFERASE 
# 
loop_
_struct_asym.id 
_struct_asym.pdbx_blank_PDB_chainid_flag 
_struct_asym.pdbx_modified 
_struct_asym.entity_id 
_struct_asym.details 
A N N 1 ? 
B N N 2 ? 
C N N 3 ? 
D N N 4 ? 
# 
_struct_ref.id                         1 
_struct_ref.db_name                    UNP 
_struct_ref.db_code                    Q4WCU5_ASPFU 
_struct_ref.pdbx_db_accession          Q4WCU5 
_struct_ref.pdbx_db_isoform            ? 
_struct_ref.entity_id                  1 
_struct_ref.pdbx_seq_one_letter_code   
;MTNATIAPTTTAAPVTKSVDAPTADENTPLFSPSLISPDVLAVLPADYTIRPLCRSDYKRGYLDVLRVLTTVGDINEEQW
NSRYEWIRARSDEYYLLVVCDGEGRIVGTGSLVVERKFIHSLGMVGHIEDIAVEKGQQGKKLGLRIIQALDYVAEKVGCY
KTILDCSEANEGFYIKCGFKRAGLEMAHYY
;
_struct_ref.pdbx_align_begin           1 
# 
_struct_ref_seq.align_id                      1 
_struct_ref_seq.ref_id                        1 
_struct_ref_seq.pdbx_PDB_id_code              6TDH 
_struct_ref_seq.pdbx_strand_id                A 
_struct_ref_seq.seq_align_beg                 1 
_struct_ref_seq.pdbx_seq_align_beg_ins_code   ? 
_struct_ref_seq.seq_align_end                 190 
_struct_ref_seq.pdbx_seq_align_end_ins_code   ? 
_struct_ref_seq.pdbx_db_accession             Q4WCU5 
_struct_ref_seq.db_align_beg                  1 
_struct_ref_seq.pdbx_db_align_beg_ins_code    ? 
_struct_ref_seq.db_align_end                  190 
_struct_ref_seq.pdbx_db_align_end_ins_code    ? 
_struct_ref_seq.pdbx_auth_seq_align_beg       1 
_struct_ref_seq.pdbx_auth_seq_align_end       190 
# 
_pdbx_struct_assembly.id                   1 
_pdbx_struct_assembly.details              author_and_software_defined_assembly 
_pdbx_struct_assembly.method_details       PISA 
_pdbx_struct_assembly.oligomeric_details   dimeric 
_pdbx_struct_assembly.oligomeric_count     2 
# 
loop_
_pdbx_struct_assembly_prop.biol_id 
_pdbx_struct_assembly_prop.type 
_pdbx_struct_assembly_prop.value 
_pdbx_struct_assembly_prop.details 
1 'ABSA (A^2)' 7520  ? 
1 MORE         -27   ? 
1 'SSA (A^2)'  14620 ? 
# 
_pdbx_struct_assembly_gen.assembly_id       1 
_pdbx_struct_assembly_gen.oper_expression   1,2 
_pdbx_struct_assembly_gen.asym_id_list      A,B,C,D 
# 
_pdbx_struct_assembly_auth_evidence.id                     1 
_pdbx_struct_assembly_auth_evidence.assembly_id            1 
_pdbx_struct_assembly_auth_evidence.experimental_support   'gel filtration' 
_pdbx_struct_assembly_auth_evidence.details                ? 
# 
loop_
_pdbx_struct_oper_list.id 
_pdbx_struct_oper_list.type 
_pdbx_struct_oper_list.name 
_pdbx_struct_oper_list.symmetry_operation 
_pdbx_struct_oper_list.matrix[1][1] 
_pdbx_struct_oper_list.matrix[1][2] 
_pdbx_struct_oper_list.matrix[1][3] 
_pdbx_struct_oper_list.vector[1] 
_pdbx_struct_oper_list.matrix[2][1] 
_pdbx_struct_oper_list.matrix[2][2] 
_pdbx_struct_oper_list.matrix[2][3] 
_pdbx_struct_oper_list.vector[2] 
_pdbx_struct_oper_list.matrix[3][1] 
_pdbx_struct_oper_list.matrix[3][2] 
_pdbx_struct_oper_list.matrix[3][3] 
_pdbx_struct_oper_list.vector[3] 
1 'identity operation'         1_555 x,y,z       1.0000000000 0.0000000000 0.0000000000  0.0000000000 0.0000000000 1.0000000000  0.0000000000  0.0000000000  0.0000000000  0.0000000000  1.0000000000  0.0000000000  
2 'crystal symmetry operation' 3_554 -x,y,-z-1/2 0.5109484522 0.7177617442 -0.4730219421 2.1084480095 0.7177617442 -0.6590340850 -0.2247045912 11.6406038571 -0.4730219421 -0.2247045912 -0.8519143672 24.3983108561 
# 
loop_
_struct_conf.conf_type_id 
_struct_conf.id 
_struct_conf.pdbx_PDB_helix_id 
_struct_conf.beg_label_comp_id 
_struct_conf.beg_label_asym_id 
_struct_conf.beg_label_seq_id 
_struct_conf.pdbx_beg_PDB_ins_code 
_struct_conf.end_label_comp_id 
_struct_conf.end_label_asym_id 
_struct_conf.end_label_seq_id 
_struct_conf.pdbx_end_PDB_ins_code 
_struct_conf.beg_auth_comp_id 
_struct_conf.beg_auth_asym_id 
_struct_conf.beg_auth_seq_id 
_struct_conf.end_auth_comp_id 
_struct_conf.end_auth_asym_id 
_struct_conf.end_auth_seq_id 
_struct_conf.pdbx_PDB_helix_class 
_struct_conf.details 
_struct_conf.pdbx_PDB_helix_length 
HELX_P HELX_P1 AA1 SER A 32  ? ILE A 36  ? SER A 32  ILE A 36  5 ? 5  
HELX_P HELX_P2 AA2 SER A 37  ? LEU A 44  ? SER A 37  LEU A 44  1 ? 8  
HELX_P HELX_P3 AA3 CYS A 54  ? ARG A 60  ? CYS A 54  ARG A 60  5 ? 7  
HELX_P HELX_P4 AA4 GLY A 61  ? ARG A 67  ? GLY A 61  ARG A 67  1 ? 7  
HELX_P HELX_P5 AA5 ASN A 76  ? ARG A 90  ? ASN A 76  ARG A 90  1 ? 15 
HELX_P HELX_P6 AA6 LYS A 135 ? GLN A 138 ? LYS A 135 GLN A 138 5 ? 4  
HELX_P HELX_P7 AA7 LYS A 141 ? GLY A 158 ? LYS A 141 GLY A 158 1 ? 18 
HELX_P HELX_P8 AA8 SER A 167 ? ALA A 169 ? SER A 167 ALA A 169 5 ? 3  
HELX_P HELX_P9 AA9 ASN A 170 ? CYS A 177 ? ASN A 170 CYS A 177 1 ? 8  
# 
_struct_conf_type.id          HELX_P 
_struct_conf_type.criteria    ? 
_struct_conf_type.reference   ? 
# 
_struct_sheet.id               AA1 
_struct_sheet.type             ? 
_struct_sheet.number_strands   5 
_struct_sheet.details          ? 
# 
loop_
_struct_sheet_order.sheet_id 
_struct_sheet_order.range_id_1 
_struct_sheet_order.range_id_2 
_struct_sheet_order.offset 
_struct_sheet_order.sense 
AA1 1 2 ? anti-parallel 
AA1 2 3 ? anti-parallel 
AA1 3 4 ? anti-parallel 
AA1 4 5 ? parallel      
# 
loop_
_struct_sheet_range.sheet_id 
_struct_sheet_range.id 
_struct_sheet_range.beg_label_comp_id 
_struct_sheet_range.beg_label_asym_id 
_struct_sheet_range.beg_label_seq_id 
_struct_sheet_range.pdbx_beg_PDB_ins_code 
_struct_sheet_range.end_label_comp_id 
_struct_sheet_range.end_label_asym_id 
_struct_sheet_range.end_label_seq_id 
_struct_sheet_range.pdbx_end_PDB_ins_code 
_struct_sheet_range.beg_auth_comp_id 
_struct_sheet_range.beg_auth_asym_id 
_struct_sheet_range.beg_auth_seq_id 
_struct_sheet_range.end_auth_comp_id 
_struct_sheet_range.end_auth_asym_id 
_struct_sheet_range.end_auth_seq_id 
AA1 1 THR A 49  ? PRO A 52  ? THR A 49  PRO A 52  
AA1 2 TYR A 94  ? CYS A 100 ? TYR A 94  CYS A 100 
AA1 3 ILE A 106 ? ARG A 116 ? ILE A 106 ARG A 116 
AA1 4 MET A 124 ? VAL A 133 ? MET A 124 VAL A 133 
AA1 5 LYS A 161 ? ILE A 163 ? LYS A 161 ILE A 163 
# 
loop_
_pdbx_struct_sheet_hbond.sheet_id 
_pdbx_struct_sheet_hbond.range_id_1 
_pdbx_struct_sheet_hbond.range_id_2 
_pdbx_struct_sheet_hbond.range_1_label_atom_id 
_pdbx_struct_sheet_hbond.range_1_label_comp_id 
_pdbx_struct_sheet_hbond.range_1_label_asym_id 
_pdbx_struct_sheet_hbond.range_1_label_seq_id 
_pdbx_struct_sheet_hbond.range_1_PDB_ins_code 
_pdbx_struct_sheet_hbond.range_1_auth_atom_id 
_pdbx_struct_sheet_hbond.range_1_auth_comp_id 
_pdbx_struct_sheet_hbond.range_1_auth_asym_id 
_pdbx_struct_sheet_hbond.range_1_auth_seq_id 
_pdbx_struct_sheet_hbond.range_2_label_atom_id 
_pdbx_struct_sheet_hbond.range_2_label_comp_id 
_pdbx_struct_sheet_hbond.range_2_label_asym_id 
_pdbx_struct_sheet_hbond.range_2_label_seq_id 
_pdbx_struct_sheet_hbond.range_2_PDB_ins_code 
_pdbx_struct_sheet_hbond.range_2_auth_atom_id 
_pdbx_struct_sheet_hbond.range_2_auth_comp_id 
_pdbx_struct_sheet_hbond.range_2_auth_asym_id 
_pdbx_struct_sheet_hbond.range_2_auth_seq_id 
AA1 1 2 N ARG A 51  ? N ARG A 51  O VAL A 98  ? O VAL A 98  
AA1 2 3 N TYR A 95  ? N TYR A 95  O LEU A 112 ? O LEU A 112 
AA1 3 4 N VAL A 113 ? N VAL A 113 O HIS A 127 ? O HIS A 127 
AA1 4 5 N GLY A 126 ? N GLY A 126 O ILE A 163 ? O ILE A 163 
# 
loop_
_struct_site.id 
_struct_site.pdbx_evidence_code 
_struct_site.pdbx_auth_asym_id 
_struct_site.pdbx_auth_comp_id 
_struct_site.pdbx_auth_seq_id 
_struct_site.pdbx_auth_ins_code 
_struct_site.pdbx_num_residues 
_struct_site.details 
AC1 Software A ACO 201 ? 27 'binding site for residue ACO A 201' 
AC2 Software A N2Z 202 ? 10 'binding site for residue N2Z A 202' 
# 
loop_
_struct_site_gen.id 
_struct_site_gen.site_id 
_struct_site_gen.pdbx_num_res 
_struct_site_gen.label_comp_id 
_struct_site_gen.label_asym_id 
_struct_site_gen.label_seq_id 
_struct_site_gen.pdbx_auth_ins_code 
_struct_site_gen.auth_comp_id 
_struct_site_gen.auth_asym_id 
_struct_site_gen.auth_seq_id 
_struct_site_gen.label_atom_id 
_struct_site_gen.label_alt_id 
_struct_site_gen.symmetry 
_struct_site_gen.details 
1  AC1 27 VAL A 68  ? VAL A 68  . ? 1_555 ? 
2  AC1 27 ASP A 130 ? ASP A 130 . ? 1_555 ? 
3  AC1 27 ILE A 131 ? ILE A 131 . ? 1_555 ? 
4  AC1 27 ALA A 132 ? ALA A 132 . ? 1_555 ? 
5  AC1 27 VAL A 133 ? VAL A 133 . ? 1_555 ? 
6  AC1 27 GLN A 138 ? GLN A 138 . ? 1_555 ? 
7  AC1 27 GLY A 139 ? GLY A 139 . ? 1_555 ? 
8  AC1 27 LYS A 140 ? LYS A 140 . ? 1_555 ? 
9  AC1 27 LYS A 141 ? LYS A 141 . ? 1_555 ? 
10 AC1 27 LEU A 142 ? LEU A 142 . ? 1_555 ? 
11 AC1 27 GLY A 143 ? GLY A 143 . ? 1_555 ? 
12 AC1 27 LEU A 144 ? LEU A 144 . ? 1_555 ? 
13 AC1 27 ASP A 165 ? ASP A 165 . ? 1_555 ? 
14 AC1 27 ALA A 169 ? ALA A 169 . ? 1_555 ? 
15 AC1 27 ASN A 170 ? ASN A 170 . ? 1_555 ? 
16 AC1 27 GLY A 172 ? GLY A 172 . ? 1_555 ? 
17 AC1 27 PHE A 173 ? PHE A 173 . ? 1_555 ? 
18 AC1 27 TYR A 174 ? TYR A 174 . ? 1_555 ? 
19 AC1 27 LYS A 176 ? LYS A 176 . ? 1_555 ? 
20 AC1 27 LYS A 176 ? LYS A 176 . ? 4_555 ? 
21 AC1 27 HOH D .   ? HOH A 307 . ? 1_555 ? 
22 AC1 27 HOH D .   ? HOH A 311 . ? 1_555 ? 
23 AC1 27 HOH D .   ? HOH A 331 . ? 1_555 ? 
24 AC1 27 HOH D .   ? HOH A 341 . ? 1_555 ? 
25 AC1 27 HOH D .   ? HOH A 348 . ? 1_555 ? 
26 AC1 27 HOH D .   ? HOH A 348 . ? 4_555 ? 
27 AC1 27 HOH D .   ? HOH A 372 . ? 1_555 ? 
28 AC2 10 GLU A 93  ? GLU A 93  . ? 3_554 ? 
29 AC2 10 GLU A 93  ? GLU A 93  . ? 1_555 ? 
30 AC2 10 TYR A 94  ? TYR A 94  . ? 1_555 ? 
31 AC2 10 VAL A 113 ? VAL A 113 . ? 3_554 ? 
32 AC2 10 VAL A 113 ? VAL A 113 . ? 1_555 ? 
33 AC2 10 GLU A 115 ? GLU A 115 . ? 3_554 ? 
34 AC2 10 HIS A 127 ? HIS A 127 . ? 3_554 ? 
35 AC2 10 HIS A 127 ? HIS A 127 . ? 1_555 ? 
36 AC2 10 GLU A 129 ? GLU A 129 . ? 1_555 ? 
37 AC2 10 GLU A 129 ? GLU A 129 . ? 3_554 ? 
# 
_pdbx_validate_rmsd_angle.id                         1 
_pdbx_validate_rmsd_angle.PDB_model_num              1 
_pdbx_validate_rmsd_angle.auth_atom_id_1             CA 
_pdbx_validate_rmsd_angle.auth_asym_id_1             A 
_pdbx_validate_rmsd_angle.auth_comp_id_1             PHE 
_pdbx_validate_rmsd_angle.auth_seq_id_1              118 
_pdbx_validate_rmsd_angle.PDB_ins_code_1             ? 
_pdbx_validate_rmsd_angle.label_alt_id_1             ? 
_pdbx_validate_rmsd_angle.auth_atom_id_2             C 
_pdbx_validate_rmsd_angle.auth_asym_id_2             A 
_pdbx_validate_rmsd_angle.auth_comp_id_2             PHE 
_pdbx_validate_rmsd_angle.auth_seq_id_2              118 
_pdbx_validate_rmsd_angle.PDB_ins_code_2             ? 
_pdbx_validate_rmsd_angle.label_alt_id_2             ? 
_pdbx_validate_rmsd_angle.auth_atom_id_3             O 
_pdbx_validate_rmsd_angle.auth_asym_id_3             A 
_pdbx_validate_rmsd_angle.auth_comp_id_3             PHE 
_pdbx_validate_rmsd_angle.auth_seq_id_3              118 
_pdbx_validate_rmsd_angle.PDB_ins_code_3             ? 
_pdbx_validate_rmsd_angle.label_alt_id_3             ? 
_pdbx_validate_rmsd_angle.angle_value                107.27 
_pdbx_validate_rmsd_angle.angle_target_value         120.10 
_pdbx_validate_rmsd_angle.angle_deviation            -12.83 
_pdbx_validate_rmsd_angle.angle_standard_deviation   2.10 
_pdbx_validate_rmsd_angle.linker_flag                N 
# 
loop_
_pdbx_validate_torsion.id 
_pdbx_validate_torsion.PDB_model_num 
_pdbx_validate_torsion.auth_comp_id 
_pdbx_validate_torsion.auth_asym_id 
_pdbx_validate_torsion.auth_seq_id 
_pdbx_validate_torsion.PDB_ins_code 
_pdbx_validate_torsion.label_alt_id 
_pdbx_validate_torsion.phi 
_pdbx_validate_torsion.psi 
1 1 ASP A 47  ? ? 73.06   -14.74 
2 1 VAL A 72  ? ? -103.78 -62.03 
3 1 LYS A 141 ? ? 81.30   7.42   
# 
loop_
_pdbx_struct_special_symmetry.id 
_pdbx_struct_special_symmetry.PDB_model_num 
_pdbx_struct_special_symmetry.auth_asym_id 
_pdbx_struct_special_symmetry.auth_comp_id 
_pdbx_struct_special_symmetry.auth_seq_id 
_pdbx_struct_special_symmetry.PDB_ins_code 
_pdbx_struct_special_symmetry.label_asym_id 
_pdbx_struct_special_symmetry.label_comp_id 
_pdbx_struct_special_symmetry.label_seq_id 
1 1 A N2Z 202 ? C N2Z . 
2 1 A N2Z 202 ? C N2Z . 
# 
_pdbx_entry_details.entry_id                 6TDH 
_pdbx_entry_details.has_ligand_of_interest   Y 
_pdbx_entry_details.compound_details         ? 
_pdbx_entry_details.source_details           ? 
_pdbx_entry_details.nonpolymer_details       ? 
_pdbx_entry_details.sequence_details         ? 
# 
loop_
_pdbx_unobs_or_zero_occ_residues.id 
_pdbx_unobs_or_zero_occ_residues.PDB_model_num 
_pdbx_unobs_or_zero_occ_residues.polymer_flag 
_pdbx_unobs_or_zero_occ_residues.occupancy_flag 
_pdbx_unobs_or_zero_occ_residues.auth_asym_id 
_pdbx_unobs_or_zero_occ_residues.auth_comp_id 
_pdbx_unobs_or_zero_occ_residues.auth_seq_id 
_pdbx_unobs_or_zero_occ_residues.PDB_ins_code 
_pdbx_unobs_or_zero_occ_residues.label_asym_id 
_pdbx_unobs_or_zero_occ_residues.label_comp_id 
_pdbx_unobs_or_zero_occ_residues.label_seq_id 
1  1 Y 1 A MET 1   ? A MET 1   
2  1 Y 1 A THR 2   ? A THR 2   
3  1 Y 1 A ASN 3   ? A ASN 3   
4  1 Y 1 A ALA 4   ? A ALA 4   
5  1 Y 1 A THR 5   ? A THR 5   
6  1 Y 1 A ILE 6   ? A ILE 6   
7  1 Y 1 A ALA 7   ? A ALA 7   
8  1 Y 1 A PRO 8   ? A PRO 8   
9  1 Y 1 A THR 9   ? A THR 9   
10 1 Y 1 A THR 10  ? A THR 10  
11 1 Y 1 A THR 11  ? A THR 11  
12 1 Y 1 A ALA 12  ? A ALA 12  
13 1 Y 1 A ALA 13  ? A ALA 13  
14 1 Y 1 A PRO 14  ? A PRO 14  
15 1 Y 1 A VAL 15  ? A VAL 15  
16 1 Y 1 A THR 16  ? A THR 16  
17 1 Y 1 A LYS 17  ? A LYS 17  
18 1 Y 1 A SER 18  ? A SER 18  
19 1 Y 1 A VAL 19  ? A VAL 19  
20 1 Y 1 A ASP 20  ? A ASP 20  
21 1 Y 1 A ALA 21  ? A ALA 21  
22 1 Y 1 A PRO 22  ? A PRO 22  
23 1 Y 1 A THR 23  ? A THR 23  
24 1 Y 1 A ALA 24  ? A ALA 24  
25 1 Y 1 A ASP 25  ? A ASP 25  
26 1 Y 1 A ILE 119 ? A ILE 119 
# 
loop_
_chem_comp_atom.comp_id 
_chem_comp_atom.atom_id 
_chem_comp_atom.type_symbol 
_chem_comp_atom.pdbx_aromatic_flag 
_chem_comp_atom.pdbx_stereo_config 
_chem_comp_atom.pdbx_ordinal 
ACO N1A  N  Y N 1   
ACO C2A  C  Y N 2   
ACO N3A  N  Y N 3   
ACO C4A  C  Y N 4   
ACO C5A  C  Y N 5   
ACO C6A  C  Y N 6   
ACO N6A  N  N N 7   
ACO N7A  N  Y N 8   
ACO C8A  C  Y N 9   
ACO N9A  N  Y N 10  
ACO C1B  C  N R 11  
ACO C2B  C  N R 12  
ACO O2B  O  N N 13  
ACO C3B  C  N S 14  
ACO O3B  O  N N 15  
ACO P3B  P  N N 16  
ACO O7A  O  N N 17  
ACO O8A  O  N N 18  
ACO O9A  O  N N 19  
ACO C4B  C  N R 20  
ACO O4B  O  N N 21  
ACO C5B  C  N N 22  
ACO O5B  O  N N 23  
ACO P1A  P  N S 24  
ACO O1A  O  N N 25  
ACO O2A  O  N N 26  
ACO O3A  O  N N 27  
ACO P2A  P  N S 28  
ACO O4A  O  N N 29  
ACO O5A  O  N N 30  
ACO O6A  O  N N 31  
ACO CBP  C  N N 32  
ACO CCP  C  N N 33  
ACO CDP  C  N N 34  
ACO CEP  C  N N 35  
ACO CAP  C  N R 36  
ACO OAP  O  N N 37  
ACO C9P  C  N N 38  
ACO O9P  O  N N 39  
ACO N8P  N  N N 40  
ACO C7P  C  N N 41  
ACO C6P  C  N N 42  
ACO C5P  C  N N 43  
ACO O5P  O  N N 44  
ACO N4P  N  N N 45  
ACO C3P  C  N N 46  
ACO C2P  C  N N 47  
ACO S1P  S  N N 48  
ACO C    C  N N 49  
ACO O    O  N N 50  
ACO CH3  C  N N 51  
ACO H2A  H  N N 52  
ACO H61A H  N N 53  
ACO H62A H  N N 54  
ACO H8A  H  N N 55  
ACO H1B  H  N N 56  
ACO H2B  H  N N 57  
ACO HO2A H  N N 58  
ACO H3B  H  N N 59  
ACO HOA8 H  N N 60  
ACO HOA9 H  N N 61  
ACO H4B  H  N N 62  
ACO H51A H  N N 63  
ACO H52A H  N N 64  
ACO HOA2 H  N N 65  
ACO HOA5 H  N N 66  
ACO H121 H  N N 67  
ACO H122 H  N N 68  
ACO H131 H  N N 69  
ACO H132 H  N N 70  
ACO H133 H  N N 71  
ACO H141 H  N N 72  
ACO H142 H  N N 73  
ACO H143 H  N N 74  
ACO H10  H  N N 75  
ACO HO1  H  N N 76  
ACO HN8  H  N N 77  
ACO H71  H  N N 78  
ACO H72  H  N N 79  
ACO H61  H  N N 80  
ACO H62  H  N N 81  
ACO HN4  H  N N 82  
ACO H31  H  N N 83  
ACO H32  H  N N 84  
ACO H21  H  N N 85  
ACO H22  H  N N 86  
ACO HH31 H  N N 87  
ACO HH32 H  N N 88  
ACO HH33 H  N N 89  
ALA N    N  N N 90  
ALA CA   C  N S 91  
ALA C    C  N N 92  
ALA O    O  N N 93  
ALA CB   C  N N 94  
ALA OXT  O  N N 95  
ALA H    H  N N 96  
ALA H2   H  N N 97  
ALA HA   H  N N 98  
ALA HB1  H  N N 99  
ALA HB2  H  N N 100 
ALA HB3  H  N N 101 
ALA HXT  H  N N 102 
ARG N    N  N N 103 
ARG CA   C  N S 104 
ARG C    C  N N 105 
ARG O    O  N N 106 
ARG CB   C  N N 107 
ARG CG   C  N N 108 
ARG CD   C  N N 109 
ARG NE   N  N N 110 
ARG CZ   C  N N 111 
ARG NH1  N  N N 112 
ARG NH2  N  N N 113 
ARG OXT  O  N N 114 
ARG H    H  N N 115 
ARG H2   H  N N 116 
ARG HA   H  N N 117 
ARG HB2  H  N N 118 
ARG HB3  H  N N 119 
ARG HG2  H  N N 120 
ARG HG3  H  N N 121 
ARG HD2  H  N N 122 
ARG HD3  H  N N 123 
ARG HE   H  N N 124 
ARG HH11 H  N N 125 
ARG HH12 H  N N 126 
ARG HH21 H  N N 127 
ARG HH22 H  N N 128 
ARG HXT  H  N N 129 
ASN N    N  N N 130 
ASN CA   C  N S 131 
ASN C    C  N N 132 
ASN O    O  N N 133 
ASN CB   C  N N 134 
ASN CG   C  N N 135 
ASN OD1  O  N N 136 
ASN ND2  N  N N 137 
ASN OXT  O  N N 138 
ASN H    H  N N 139 
ASN H2   H  N N 140 
ASN HA   H  N N 141 
ASN HB2  H  N N 142 
ASN HB3  H  N N 143 
ASN HD21 H  N N 144 
ASN HD22 H  N N 145 
ASN HXT  H  N N 146 
ASP N    N  N N 147 
ASP CA   C  N S 148 
ASP C    C  N N 149 
ASP O    O  N N 150 
ASP CB   C  N N 151 
ASP CG   C  N N 152 
ASP OD1  O  N N 153 
ASP OD2  O  N N 154 
ASP OXT  O  N N 155 
ASP H    H  N N 156 
ASP H2   H  N N 157 
ASP HA   H  N N 158 
ASP HB2  H  N N 159 
ASP HB3  H  N N 160 
ASP HD2  H  N N 161 
ASP HXT  H  N N 162 
CYS N    N  N N 163 
CYS CA   C  N R 164 
CYS C    C  N N 165 
CYS O    O  N N 166 
CYS CB   C  N N 167 
CYS SG   S  N N 168 
CYS OXT  O  N N 169 
CYS H    H  N N 170 
CYS H2   H  N N 171 
CYS HA   H  N N 172 
CYS HB2  H  N N 173 
CYS HB3  H  N N 174 
CYS HG   H  N N 175 
CYS HXT  H  N N 176 
GLN N    N  N N 177 
GLN CA   C  N S 178 
GLN C    C  N N 179 
GLN O    O  N N 180 
GLN CB   C  N N 181 
GLN CG   C  N N 182 
GLN CD   C  N N 183 
GLN OE1  O  N N 184 
GLN NE2  N  N N 185 
GLN OXT  O  N N 186 
GLN H    H  N N 187 
GLN H2   H  N N 188 
GLN HA   H  N N 189 
GLN HB2  H  N N 190 
GLN HB3  H  N N 191 
GLN HG2  H  N N 192 
GLN HG3  H  N N 193 
GLN HE21 H  N N 194 
GLN HE22 H  N N 195 
GLN HXT  H  N N 196 
GLU N    N  N N 197 
GLU CA   C  N S 198 
GLU C    C  N N 199 
GLU O    O  N N 200 
GLU CB   C  N N 201 
GLU CG   C  N N 202 
GLU CD   C  N N 203 
GLU OE1  O  N N 204 
GLU OE2  O  N N 205 
GLU OXT  O  N N 206 
GLU H    H  N N 207 
GLU H2   H  N N 208 
GLU HA   H  N N 209 
GLU HB2  H  N N 210 
GLU HB3  H  N N 211 
GLU HG2  H  N N 212 
GLU HG3  H  N N 213 
GLU HE2  H  N N 214 
GLU HXT  H  N N 215 
GLY N    N  N N 216 
GLY CA   C  N N 217 
GLY C    C  N N 218 
GLY O    O  N N 219 
GLY OXT  O  N N 220 
GLY H    H  N N 221 
GLY H2   H  N N 222 
GLY HA2  H  N N 223 
GLY HA3  H  N N 224 
GLY HXT  H  N N 225 
HIS N    N  N N 226 
HIS CA   C  N S 227 
HIS C    C  N N 228 
HIS O    O  N N 229 
HIS CB   C  N N 230 
HIS CG   C  Y N 231 
HIS ND1  N  Y N 232 
HIS CD2  C  Y N 233 
HIS CE1  C  Y N 234 
HIS NE2  N  Y N 235 
HIS OXT  O  N N 236 
HIS H    H  N N 237 
HIS H2   H  N N 238 
HIS HA   H  N N 239 
HIS HB2  H  N N 240 
HIS HB3  H  N N 241 
HIS HD1  H  N N 242 
HIS HD2  H  N N 243 
HIS HE1  H  N N 244 
HIS HE2  H  N N 245 
HIS HXT  H  N N 246 
HOH O    O  N N 247 
HOH H1   H  N N 248 
HOH H2   H  N N 249 
ILE N    N  N N 250 
ILE CA   C  N S 251 
ILE C    C  N N 252 
ILE O    O  N N 253 
ILE CB   C  N S 254 
ILE CG1  C  N N 255 
ILE CG2  C  N N 256 
ILE CD1  C  N N 257 
ILE OXT  O  N N 258 
ILE H    H  N N 259 
ILE H2   H  N N 260 
ILE HA   H  N N 261 
ILE HB   H  N N 262 
ILE HG12 H  N N 263 
ILE HG13 H  N N 264 
ILE HG21 H  N N 265 
ILE HG22 H  N N 266 
ILE HG23 H  N N 267 
ILE HD11 H  N N 268 
ILE HD12 H  N N 269 
ILE HD13 H  N N 270 
ILE HXT  H  N N 271 
LEU N    N  N N 272 
LEU CA   C  N S 273 
LEU C    C  N N 274 
LEU O    O  N N 275 
LEU CB   C  N N 276 
LEU CG   C  N N 277 
LEU CD1  C  N N 278 
LEU CD2  C  N N 279 
LEU OXT  O  N N 280 
LEU H    H  N N 281 
LEU H2   H  N N 282 
LEU HA   H  N N 283 
LEU HB2  H  N N 284 
LEU HB3  H  N N 285 
LEU HG   H  N N 286 
LEU HD11 H  N N 287 
LEU HD12 H  N N 288 
LEU HD13 H  N N 289 
LEU HD21 H  N N 290 
LEU HD22 H  N N 291 
LEU HD23 H  N N 292 
LEU HXT  H  N N 293 
LYS N    N  N N 294 
LYS CA   C  N S 295 
LYS C    C  N N 296 
LYS O    O  N N 297 
LYS CB   C  N N 298 
LYS CG   C  N N 299 
LYS CD   C  N N 300 
LYS CE   C  N N 301 
LYS NZ   N  N N 302 
LYS OXT  O  N N 303 
LYS H    H  N N 304 
LYS H2   H  N N 305 
LYS HA   H  N N 306 
LYS HB2  H  N N 307 
LYS HB3  H  N N 308 
LYS HG2  H  N N 309 
LYS HG3  H  N N 310 
LYS HD2  H  N N 311 
LYS HD3  H  N N 312 
LYS HE2  H  N N 313 
LYS HE3  H  N N 314 
LYS HZ1  H  N N 315 
LYS HZ2  H  N N 316 
LYS HZ3  H  N N 317 
LYS HXT  H  N N 318 
MET N    N  N N 319 
MET CA   C  N S 320 
MET C    C  N N 321 
MET O    O  N N 322 
MET CB   C  N N 323 
MET CG   C  N N 324 
MET SD   S  N N 325 
MET CE   C  N N 326 
MET OXT  O  N N 327 
MET H    H  N N 328 
MET H2   H  N N 329 
MET HA   H  N N 330 
MET HB2  H  N N 331 
MET HB3  H  N N 332 
MET HG2  H  N N 333 
MET HG3  H  N N 334 
MET HE1  H  N N 335 
MET HE2  H  N N 336 
MET HE3  H  N N 337 
MET HXT  H  N N 338 
N2Z N1   N  Y N 339 
N2Z N3   N  Y N 340 
N2Z C4   C  Y N 341 
N2Z C5   C  Y N 342 
N2Z C6   C  Y N 343 
N2Z C7   C  Y N 344 
N2Z C8   C  Y N 345 
N2Z C1   C  Y N 346 
N2Z C2   C  Y N 347 
N2Z N2   N  Y N 348 
N2Z C3   C  Y N 349 
N2Z CL1  CL N N 350 
N2Z H1   H  N N 351 
N2Z H2   H  N N 352 
N2Z H3   H  N N 353 
N2Z H4   H  N N 354 
N2Z H5   H  N N 355 
N2Z H6   H  N N 356 
PHE N    N  N N 357 
PHE CA   C  N S 358 
PHE C    C  N N 359 
PHE O    O  N N 360 
PHE CB   C  N N 361 
PHE CG   C  Y N 362 
PHE CD1  C  Y N 363 
PHE CD2  C  Y N 364 
PHE CE1  C  Y N 365 
PHE CE2  C  Y N 366 
PHE CZ   C  Y N 367 
PHE OXT  O  N N 368 
PHE H    H  N N 369 
PHE H2   H  N N 370 
PHE HA   H  N N 371 
PHE HB2  H  N N 372 
PHE HB3  H  N N 373 
PHE HD1  H  N N 374 
PHE HD2  H  N N 375 
PHE HE1  H  N N 376 
PHE HE2  H  N N 377 
PHE HZ   H  N N 378 
PHE HXT  H  N N 379 
PRO N    N  N N 380 
PRO CA   C  N S 381 
PRO C    C  N N 382 
PRO O    O  N N 383 
PRO CB   C  N N 384 
PRO CG   C  N N 385 
PRO CD   C  N N 386 
PRO OXT  O  N N 387 
PRO H    H  N N 388 
PRO HA   H  N N 389 
PRO HB2  H  N N 390 
PRO HB3  H  N N 391 
PRO HG2  H  N N 392 
PRO HG3  H  N N 393 
PRO HD2  H  N N 394 
PRO HD3  H  N N 395 
PRO HXT  H  N N 396 
SER N    N  N N 397 
SER CA   C  N S 398 
SER C    C  N N 399 
SER O    O  N N 400 
SER CB   C  N N 401 
SER OG   O  N N 402 
SER OXT  O  N N 403 
SER H    H  N N 404 
SER H2   H  N N 405 
SER HA   H  N N 406 
SER HB2  H  N N 407 
SER HB3  H  N N 408 
SER HG   H  N N 409 
SER HXT  H  N N 410 
THR N    N  N N 411 
THR CA   C  N S 412 
THR C    C  N N 413 
THR O    O  N N 414 
THR CB   C  N R 415 
THR OG1  O  N N 416 
THR CG2  C  N N 417 
THR OXT  O  N N 418 
THR H    H  N N 419 
THR H2   H  N N 420 
THR HA   H  N N 421 
THR HB   H  N N 422 
THR HG1  H  N N 423 
THR HG21 H  N N 424 
THR HG22 H  N N 425 
THR HG23 H  N N 426 
THR HXT  H  N N 427 
TRP N    N  N N 428 
TRP CA   C  N S 429 
TRP C    C  N N 430 
TRP O    O  N N 431 
TRP CB   C  N N 432 
TRP CG   C  Y N 433 
TRP CD1  C  Y N 434 
TRP CD2  C  Y N 435 
TRP NE1  N  Y N 436 
TRP CE2  C  Y N 437 
TRP CE3  C  Y N 438 
TRP CZ2  C  Y N 439 
TRP CZ3  C  Y N 440 
TRP CH2  C  Y N 441 
TRP OXT  O  N N 442 
TRP H    H  N N 443 
TRP H2   H  N N 444 
TRP HA   H  N N 445 
TRP HB2  H  N N 446 
TRP HB3  H  N N 447 
TRP HD1  H  N N 448 
TRP HE1  H  N N 449 
TRP HE3  H  N N 450 
TRP HZ2  H  N N 451 
TRP HZ3  H  N N 452 
TRP HH2  H  N N 453 
TRP HXT  H  N N 454 
TYR N    N  N N 455 
TYR CA   C  N S 456 
TYR C    C  N N 457 
TYR O    O  N N 458 
TYR CB   C  N N 459 
TYR CG   C  Y N 460 
TYR CD1  C  Y N 461 
TYR CD2  C  Y N 462 
TYR CE1  C  Y N 463 
TYR CE2  C  Y N 464 
TYR CZ   C  Y N 465 
TYR OH   O  N N 466 
TYR OXT  O  N N 467 
TYR H    H  N N 468 
TYR H2   H  N N 469 
TYR HA   H  N N 470 
TYR HB2  H  N N 471 
TYR HB3  H  N N 472 
TYR HD1  H  N N 473 
TYR HD2  H  N N 474 
TYR HE1  H  N N 475 
TYR HE2  H  N N 476 
TYR HH   H  N N 477 
TYR HXT  H  N N 478 
VAL N    N  N N 479 
VAL CA   C  N S 480 
VAL C    C  N N 481 
VAL O    O  N N 482 
VAL CB   C  N N 483 
VAL CG1  C  N N 484 
VAL CG2  C  N N 485 
VAL OXT  O  N N 486 
VAL H    H  N N 487 
VAL H2   H  N N 488 
VAL HA   H  N N 489 
VAL HB   H  N N 490 
VAL HG11 H  N N 491 
VAL HG12 H  N N 492 
VAL HG13 H  N N 493 
VAL HG21 H  N N 494 
VAL HG22 H  N N 495 
VAL HG23 H  N N 496 
VAL HXT  H  N N 497 
# 
loop_
_chem_comp_bond.comp_id 
_chem_comp_bond.atom_id_1 
_chem_comp_bond.atom_id_2 
_chem_comp_bond.value_order 
_chem_comp_bond.pdbx_aromatic_flag 
_chem_comp_bond.pdbx_stereo_config 
_chem_comp_bond.pdbx_ordinal 
ACO N1A C2A  sing Y N 1   
ACO N1A C6A  doub Y N 2   
ACO C2A N3A  doub Y N 3   
ACO C2A H2A  sing N N 4   
ACO N3A C4A  sing Y N 5   
ACO C4A C5A  doub Y N 6   
ACO C4A N9A  sing Y N 7   
ACO C5A C6A  sing Y N 8   
ACO C5A N7A  sing Y N 9   
ACO C6A N6A  sing N N 10  
ACO N6A H61A sing N N 11  
ACO N6A H62A sing N N 12  
ACO N7A C8A  doub Y N 13  
ACO C8A N9A  sing Y N 14  
ACO C8A H8A  sing N N 15  
ACO N9A C1B  sing N N 16  
ACO C1B C2B  sing N N 17  
ACO C1B O4B  sing N N 18  
ACO C1B H1B  sing N N 19  
ACO C2B O2B  sing N N 20  
ACO C2B C3B  sing N N 21  
ACO C2B H2B  sing N N 22  
ACO O2B HO2A sing N N 23  
ACO C3B O3B  sing N N 24  
ACO C3B C4B  sing N N 25  
ACO C3B H3B  sing N N 26  
ACO O3B P3B  sing N N 27  
ACO P3B O7A  doub N N 28  
ACO P3B O8A  sing N N 29  
ACO P3B O9A  sing N N 30  
ACO O8A HOA8 sing N N 31  
ACO O9A HOA9 sing N N 32  
ACO C4B O4B  sing N N 33  
ACO C4B C5B  sing N N 34  
ACO C4B H4B  sing N N 35  
ACO C5B O5B  sing N N 36  
ACO C5B H51A sing N N 37  
ACO C5B H52A sing N N 38  
ACO O5B P1A  sing N N 39  
ACO P1A O1A  doub N N 40  
ACO P1A O2A  sing N N 41  
ACO P1A O3A  sing N N 42  
ACO O2A HOA2 sing N N 43  
ACO O3A P2A  sing N N 44  
ACO P2A O4A  doub N N 45  
ACO P2A O5A  sing N N 46  
ACO P2A O6A  sing N N 47  
ACO O5A HOA5 sing N N 48  
ACO O6A CCP  sing N N 49  
ACO CBP CCP  sing N N 50  
ACO CBP CDP  sing N N 51  
ACO CBP CEP  sing N N 52  
ACO CBP CAP  sing N N 53  
ACO CCP H121 sing N N 54  
ACO CCP H122 sing N N 55  
ACO CDP H131 sing N N 56  
ACO CDP H132 sing N N 57  
ACO CDP H133 sing N N 58  
ACO CEP H141 sing N N 59  
ACO CEP H142 sing N N 60  
ACO CEP H143 sing N N 61  
ACO CAP OAP  sing N N 62  
ACO CAP C9P  sing N N 63  
ACO CAP H10  sing N N 64  
ACO OAP HO1  sing N N 65  
ACO C9P O9P  doub N N 66  
ACO C9P N8P  sing N N 67  
ACO N8P C7P  sing N N 68  
ACO N8P HN8  sing N N 69  
ACO C7P C6P  sing N N 70  
ACO C7P H71  sing N N 71  
ACO C7P H72  sing N N 72  
ACO C6P C5P  sing N N 73  
ACO C6P H61  sing N N 74  
ACO C6P H62  sing N N 75  
ACO C5P O5P  doub N N 76  
ACO C5P N4P  sing N N 77  
ACO N4P C3P  sing N N 78  
ACO N4P HN4  sing N N 79  
ACO C3P C2P  sing N N 80  
ACO C3P H31  sing N N 81  
ACO C3P H32  sing N N 82  
ACO C2P S1P  sing N N 83  
ACO C2P H21  sing N N 84  
ACO C2P H22  sing N N 85  
ACO S1P C    sing N N 86  
ACO C   O    doub N N 87  
ACO C   CH3  sing N N 88  
ACO CH3 HH31 sing N N 89  
ACO CH3 HH32 sing N N 90  
ACO CH3 HH33 sing N N 91  
ALA N   CA   sing N N 92  
ALA N   H    sing N N 93  
ALA N   H2   sing N N 94  
ALA CA  C    sing N N 95  
ALA CA  CB   sing N N 96  
ALA CA  HA   sing N N 97  
ALA C   O    doub N N 98  
ALA C   OXT  sing N N 99  
ALA CB  HB1  sing N N 100 
ALA CB  HB2  sing N N 101 
ALA CB  HB3  sing N N 102 
ALA OXT HXT  sing N N 103 
ARG N   CA   sing N N 104 
ARG N   H    sing N N 105 
ARG N   H2   sing N N 106 
ARG CA  C    sing N N 107 
ARG CA  CB   sing N N 108 
ARG CA  HA   sing N N 109 
ARG C   O    doub N N 110 
ARG C   OXT  sing N N 111 
ARG CB  CG   sing N N 112 
ARG CB  HB2  sing N N 113 
ARG CB  HB3  sing N N 114 
ARG CG  CD   sing N N 115 
ARG CG  HG2  sing N N 116 
ARG CG  HG3  sing N N 117 
ARG CD  NE   sing N N 118 
ARG CD  HD2  sing N N 119 
ARG CD  HD3  sing N N 120 
ARG NE  CZ   sing N N 121 
ARG NE  HE   sing N N 122 
ARG CZ  NH1  sing N N 123 
ARG CZ  NH2  doub N N 124 
ARG NH1 HH11 sing N N 125 
ARG NH1 HH12 sing N N 126 
ARG NH2 HH21 sing N N 127 
ARG NH2 HH22 sing N N 128 
ARG OXT HXT  sing N N 129 
ASN N   CA   sing N N 130 
ASN N   H    sing N N 131 
ASN N   H2   sing N N 132 
ASN CA  C    sing N N 133 
ASN CA  CB   sing N N 134 
ASN CA  HA   sing N N 135 
ASN C   O    doub N N 136 
ASN C   OXT  sing N N 137 
ASN CB  CG   sing N N 138 
ASN CB  HB2  sing N N 139 
ASN CB  HB3  sing N N 140 
ASN CG  OD1  doub N N 141 
ASN CG  ND2  sing N N 142 
ASN ND2 HD21 sing N N 143 
ASN ND2 HD22 sing N N 144 
ASN OXT HXT  sing N N 145 
ASP N   CA   sing N N 146 
ASP N   H    sing N N 147 
ASP N   H2   sing N N 148 
ASP CA  C    sing N N 149 
ASP CA  CB   sing N N 150 
ASP CA  HA   sing N N 151 
ASP C   O    doub N N 152 
ASP C   OXT  sing N N 153 
ASP CB  CG   sing N N 154 
ASP CB  HB2  sing N N 155 
ASP CB  HB3  sing N N 156 
ASP CG  OD1  doub N N 157 
ASP CG  OD2  sing N N 158 
ASP OD2 HD2  sing N N 159 
ASP OXT HXT  sing N N 160 
CYS N   CA   sing N N 161 
CYS N   H    sing N N 162 
CYS N   H2   sing N N 163 
CYS CA  C    sing N N 164 
CYS CA  CB   sing N N 165 
CYS CA  HA   sing N N 166 
CYS C   O    doub N N 167 
CYS C   OXT  sing N N 168 
CYS CB  SG   sing N N 169 
CYS CB  HB2  sing N N 170 
CYS CB  HB3  sing N N 171 
CYS SG  HG   sing N N 172 
CYS OXT HXT  sing N N 173 
GLN N   CA   sing N N 174 
GLN N   H    sing N N 175 
GLN N   H2   sing N N 176 
GLN CA  C    sing N N 177 
GLN CA  CB   sing N N 178 
GLN CA  HA   sing N N 179 
GLN C   O    doub N N 180 
GLN C   OXT  sing N N 181 
GLN CB  CG   sing N N 182 
GLN CB  HB2  sing N N 183 
GLN CB  HB3  sing N N 184 
GLN CG  CD   sing N N 185 
GLN CG  HG2  sing N N 186 
GLN CG  HG3  sing N N 187 
GLN CD  OE1  doub N N 188 
GLN CD  NE2  sing N N 189 
GLN NE2 HE21 sing N N 190 
GLN NE2 HE22 sing N N 191 
GLN OXT HXT  sing N N 192 
GLU N   CA   sing N N 193 
GLU N   H    sing N N 194 
GLU N   H2   sing N N 195 
GLU CA  C    sing N N 196 
GLU CA  CB   sing N N 197 
GLU CA  HA   sing N N 198 
GLU C   O    doub N N 199 
GLU C   OXT  sing N N 200 
GLU CB  CG   sing N N 201 
GLU CB  HB2  sing N N 202 
GLU CB  HB3  sing N N 203 
GLU CG  CD   sing N N 204 
GLU CG  HG2  sing N N 205 
GLU CG  HG3  sing N N 206 
GLU CD  OE1  doub N N 207 
GLU CD  OE2  sing N N 208 
GLU OE2 HE2  sing N N 209 
GLU OXT HXT  sing N N 210 
GLY N   CA   sing N N 211 
GLY N   H    sing N N 212 
GLY N   H2   sing N N 213 
GLY CA  C    sing N N 214 
GLY CA  HA2  sing N N 215 
GLY CA  HA3  sing N N 216 
GLY C   O    doub N N 217 
GLY C   OXT  sing N N 218 
GLY OXT HXT  sing N N 219 
HIS N   CA   sing N N 220 
HIS N   H    sing N N 221 
HIS N   H2   sing N N 222 
HIS CA  C    sing N N 223 
HIS CA  CB   sing N N 224 
HIS CA  HA   sing N N 225 
HIS C   O    doub N N 226 
HIS C   OXT  sing N N 227 
HIS CB  CG   sing N N 228 
HIS CB  HB2  sing N N 229 
HIS CB  HB3  sing N N 230 
HIS CG  ND1  sing Y N 231 
HIS CG  CD2  doub Y N 232 
HIS ND1 CE1  doub Y N 233 
HIS ND1 HD1  sing N N 234 
HIS CD2 NE2  sing Y N 235 
HIS CD2 HD2  sing N N 236 
HIS CE1 NE2  sing Y N 237 
HIS CE1 HE1  sing N N 238 
HIS NE2 HE2  sing N N 239 
HIS OXT HXT  sing N N 240 
HOH O   H1   sing N N 241 
HOH O   H2   sing N N 242 
ILE N   CA   sing N N 243 
ILE N   H    sing N N 244 
ILE N   H2   sing N N 245 
ILE CA  C    sing N N 246 
ILE CA  CB   sing N N 247 
ILE CA  HA   sing N N 248 
ILE C   O    doub N N 249 
ILE C   OXT  sing N N 250 
ILE CB  CG1  sing N N 251 
ILE CB  CG2  sing N N 252 
ILE CB  HB   sing N N 253 
ILE CG1 CD1  sing N N 254 
ILE CG1 HG12 sing N N 255 
ILE CG1 HG13 sing N N 256 
ILE CG2 HG21 sing N N 257 
ILE CG2 HG22 sing N N 258 
ILE CG2 HG23 sing N N 259 
ILE CD1 HD11 sing N N 260 
ILE CD1 HD12 sing N N 261 
ILE CD1 HD13 sing N N 262 
ILE OXT HXT  sing N N 263 
LEU N   CA   sing N N 264 
LEU N   H    sing N N 265 
LEU N   H2   sing N N 266 
LEU CA  C    sing N N 267 
LEU CA  CB   sing N N 268 
LEU CA  HA   sing N N 269 
LEU C   O    doub N N 270 
LEU C   OXT  sing N N 271 
LEU CB  CG   sing N N 272 
LEU CB  HB2  sing N N 273 
LEU CB  HB3  sing N N 274 
LEU CG  CD1  sing N N 275 
LEU CG  CD2  sing N N 276 
LEU CG  HG   sing N N 277 
LEU CD1 HD11 sing N N 278 
LEU CD1 HD12 sing N N 279 
LEU CD1 HD13 sing N N 280 
LEU CD2 HD21 sing N N 281 
LEU CD2 HD22 sing N N 282 
LEU CD2 HD23 sing N N 283 
LEU OXT HXT  sing N N 284 
LYS N   CA   sing N N 285 
LYS N   H    sing N N 286 
LYS N   H2   sing N N 287 
LYS CA  C    sing N N 288 
LYS CA  CB   sing N N 289 
LYS CA  HA   sing N N 290 
LYS C   O    doub N N 291 
LYS C   OXT  sing N N 292 
LYS CB  CG   sing N N 293 
LYS CB  HB2  sing N N 294 
LYS CB  HB3  sing N N 295 
LYS CG  CD   sing N N 296 
LYS CG  HG2  sing N N 297 
LYS CG  HG3  sing N N 298 
LYS CD  CE   sing N N 299 
LYS CD  HD2  sing N N 300 
LYS CD  HD3  sing N N 301 
LYS CE  NZ   sing N N 302 
LYS CE  HE2  sing N N 303 
LYS CE  HE3  sing N N 304 
LYS NZ  HZ1  sing N N 305 
LYS NZ  HZ2  sing N N 306 
LYS NZ  HZ3  sing N N 307 
LYS OXT HXT  sing N N 308 
MET N   CA   sing N N 309 
MET N   H    sing N N 310 
MET N   H2   sing N N 311 
MET CA  C    sing N N 312 
MET CA  CB   sing N N 313 
MET CA  HA   sing N N 314 
MET C   O    doub N N 315 
MET C   OXT  sing N N 316 
MET CB  CG   sing N N 317 
MET CB  HB2  sing N N 318 
MET CB  HB3  sing N N 319 
MET CG  SD   sing N N 320 
MET CG  HG2  sing N N 321 
MET CG  HG3  sing N N 322 
MET SD  CE   sing N N 323 
MET CE  HE1  sing N N 324 
MET CE  HE2  sing N N 325 
MET CE  HE3  sing N N 326 
MET OXT HXT  sing N N 327 
N2Z C7  C8   doub Y N 328 
N2Z C7  C6   sing Y N 329 
N2Z C8  C3   sing Y N 330 
N2Z C6  C5   doub Y N 331 
N2Z N3  N2   sing Y N 332 
N2Z N3  C1   doub Y N 333 
N2Z C3  C1   sing N N 334 
N2Z C3  C4   doub Y N 335 
N2Z N2  C2   doub Y N 336 
N2Z C1  N1   sing Y N 337 
N2Z C5  C4   sing Y N 338 
N2Z C4  CL1  sing N N 339 
N2Z C2  N1   sing Y N 340 
N2Z N1  H1   sing N N 341 
N2Z C5  H2   sing N N 342 
N2Z C6  H3   sing N N 343 
N2Z C7  H4   sing N N 344 
N2Z C8  H5   sing N N 345 
N2Z C2  H6   sing N N 346 
PHE N   CA   sing N N 347 
PHE N   H    sing N N 348 
PHE N   H2   sing N N 349 
PHE CA  C    sing N N 350 
PHE CA  CB   sing N N 351 
PHE CA  HA   sing N N 352 
PHE C   O    doub N N 353 
PHE C   OXT  sing N N 354 
PHE CB  CG   sing N N 355 
PHE CB  HB2  sing N N 356 
PHE CB  HB3  sing N N 357 
PHE CG  CD1  doub Y N 358 
PHE CG  CD2  sing Y N 359 
PHE CD1 CE1  sing Y N 360 
PHE CD1 HD1  sing N N 361 
PHE CD2 CE2  doub Y N 362 
PHE CD2 HD2  sing N N 363 
PHE CE1 CZ   doub Y N 364 
PHE CE1 HE1  sing N N 365 
PHE CE2 CZ   sing Y N 366 
PHE CE2 HE2  sing N N 367 
PHE CZ  HZ   sing N N 368 
PHE OXT HXT  sing N N 369 
PRO N   CA   sing N N 370 
PRO N   CD   sing N N 371 
PRO N   H    sing N N 372 
PRO CA  C    sing N N 373 
PRO CA  CB   sing N N 374 
PRO CA  HA   sing N N 375 
PRO C   O    doub N N 376 
PRO C   OXT  sing N N 377 
PRO CB  CG   sing N N 378 
PRO CB  HB2  sing N N 379 
PRO CB  HB3  sing N N 380 
PRO CG  CD   sing N N 381 
PRO CG  HG2  sing N N 382 
PRO CG  HG3  sing N N 383 
PRO CD  HD2  sing N N 384 
PRO CD  HD3  sing N N 385 
PRO OXT HXT  sing N N 386 
SER N   CA   sing N N 387 
SER N   H    sing N N 388 
SER N   H2   sing N N 389 
SER CA  C    sing N N 390 
SER CA  CB   sing N N 391 
SER CA  HA   sing N N 392 
SER C   O    doub N N 393 
SER C   OXT  sing N N 394 
SER CB  OG   sing N N 395 
SER CB  HB2  sing N N 396 
SER CB  HB3  sing N N 397 
SER OG  HG   sing N N 398 
SER OXT HXT  sing N N 399 
THR N   CA   sing N N 400 
THR N   H    sing N N 401 
THR N   H2   sing N N 402 
THR CA  C    sing N N 403 
THR CA  CB   sing N N 404 
THR CA  HA   sing N N 405 
THR C   O    doub N N 406 
THR C   OXT  sing N N 407 
THR CB  OG1  sing N N 408 
THR CB  CG2  sing N N 409 
THR CB  HB   sing N N 410 
THR OG1 HG1  sing N N 411 
THR CG2 HG21 sing N N 412 
THR CG2 HG22 sing N N 413 
THR CG2 HG23 sing N N 414 
THR OXT HXT  sing N N 415 
TRP N   CA   sing N N 416 
TRP N   H    sing N N 417 
TRP N   H2   sing N N 418 
TRP CA  C    sing N N 419 
TRP CA  CB   sing N N 420 
TRP CA  HA   sing N N 421 
TRP C   O    doub N N 422 
TRP C   OXT  sing N N 423 
TRP CB  CG   sing N N 424 
TRP CB  HB2  sing N N 425 
TRP CB  HB3  sing N N 426 
TRP CG  CD1  doub Y N 427 
TRP CG  CD2  sing Y N 428 
TRP CD1 NE1  sing Y N 429 
TRP CD1 HD1  sing N N 430 
TRP CD2 CE2  doub Y N 431 
TRP CD2 CE3  sing Y N 432 
TRP NE1 CE2  sing Y N 433 
TRP NE1 HE1  sing N N 434 
TRP CE2 CZ2  sing Y N 435 
TRP CE3 CZ3  doub Y N 436 
TRP CE3 HE3  sing N N 437 
TRP CZ2 CH2  doub Y N 438 
TRP CZ2 HZ2  sing N N 439 
TRP CZ3 CH2  sing Y N 440 
TRP CZ3 HZ3  sing N N 441 
TRP CH2 HH2  sing N N 442 
TRP OXT HXT  sing N N 443 
TYR N   CA   sing N N 444 
TYR N   H    sing N N 445 
TYR N   H2   sing N N 446 
TYR CA  C    sing N N 447 
TYR CA  CB   sing N N 448 
TYR CA  HA   sing N N 449 
TYR C   O    doub N N 450 
TYR C   OXT  sing N N 451 
TYR CB  CG   sing N N 452 
TYR CB  HB2  sing N N 453 
TYR CB  HB3  sing N N 454 
TYR CG  CD1  doub Y N 455 
TYR CG  CD2  sing Y N 456 
TYR CD1 CE1  sing Y N 457 
TYR CD1 HD1  sing N N 458 
TYR CD2 CE2  doub Y N 459 
TYR CD2 HD2  sing N N 460 
TYR CE1 CZ   doub Y N 461 
TYR CE1 HE1  sing N N 462 
TYR CE2 CZ   sing Y N 463 
TYR CE2 HE2  sing N N 464 
TYR CZ  OH   sing N N 465 
TYR OH  HH   sing N N 466 
TYR OXT HXT  sing N N 467 
VAL N   CA   sing N N 468 
VAL N   H    sing N N 469 
VAL N   H2   sing N N 470 
VAL CA  C    sing N N 471 
VAL CA  CB   sing N N 472 
VAL CA  HA   sing N N 473 
VAL C   O    doub N N 474 
VAL C   OXT  sing N N 475 
VAL CB  CG1  sing N N 476 
VAL CB  CG2  sing N N 477 
VAL CB  HB   sing N N 478 
VAL CG1 HG11 sing N N 479 
VAL CG1 HG12 sing N N 480 
VAL CG1 HG13 sing N N 481 
VAL CG2 HG21 sing N N 482 
VAL CG2 HG22 sing N N 483 
VAL CG2 HG23 sing N N 484 
VAL OXT HXT  sing N N 485 
# 
_pdbx_audit_support.funding_organization   'Medical Research Council (United Kingdom)' 
_pdbx_audit_support.country                'United Kingdom' 
_pdbx_audit_support.grant_number           M004139 
_pdbx_audit_support.ordinal                1 
# 
_pdbx_entity_instance_feature.ordinal        1 
_pdbx_entity_instance_feature.comp_id        N2Z 
_pdbx_entity_instance_feature.asym_id        ? 
_pdbx_entity_instance_feature.seq_num        ? 
_pdbx_entity_instance_feature.auth_comp_id   N2Z 
_pdbx_entity_instance_feature.auth_asym_id   ? 
_pdbx_entity_instance_feature.auth_seq_num   ? 
_pdbx_entity_instance_feature.feature_type   'SUBJECT OF INVESTIGATION' 
_pdbx_entity_instance_feature.details        ? 
# 
_pdbx_initial_refinement_model.id               1 
_pdbx_initial_refinement_model.entity_id_list   ? 
_pdbx_initial_refinement_model.type             'experimental model' 
_pdbx_initial_refinement_model.source_name      PDB 
_pdbx_initial_refinement_model.accession_code   2VEZ 
_pdbx_initial_refinement_model.details          ? 
# 
_atom_sites.entry_id                    6TDH 
_atom_sites.Cartn_transf_matrix[1][1]   ? 
_atom_sites.Cartn_transf_matrix[1][2]   ? 
_atom_sites.Cartn_transf_matrix[1][3]   ? 
_atom_sites.Cartn_transf_matrix[2][1]   ? 
_atom_sites.Cartn_transf_matrix[2][2]   ? 
_atom_sites.Cartn_transf_matrix[2][3]   ? 
_atom_sites.Cartn_transf_matrix[3][1]   ? 
_atom_sites.Cartn_transf_matrix[3][2]   ? 
_atom_sites.Cartn_transf_matrix[3][3]   ? 
_atom_sites.Cartn_transf_vector[1]      ? 
_atom_sites.Cartn_transf_vector[2]      ? 
_atom_sites.Cartn_transf_vector[3]      ? 
_atom_sites.fract_transf_matrix[1][1]   0.00593741 
_atom_sites.fract_transf_matrix[1][2]   -0.00396773 
_atom_sites.fract_transf_matrix[1][3]   0.01294492 
_atom_sites.fract_transf_matrix[2][1]   -0.00847885 
_atom_sites.fract_transf_matrix[2][2]   -0.00402780 
_atom_sites.fract_transf_matrix[2][3]   0.00265441 
_atom_sites.fract_transf_matrix[3][1]   0.00509528 
_atom_sites.fract_transf_matrix[3][2]   -0.01537105 
_atom_sites.fract_transf_matrix[3][3]   -0.00704839 
_atom_sites.fract_transf_vector[1]      -0.141083 
_atom_sites.fract_transf_vector[2]      0.177780 
_atom_sites.fract_transf_vector[3]      -0.079919 
_atom_sites.solution_primary            ? 
_atom_sites.solution_secondary          ? 
_atom_sites.solution_hydrogens          ? 
_atom_sites.special_details             ? 
# 
loop_
_atom_type.symbol 
C  
CL 
N  
O  
P  
S  
# 
loop_
_atom_site.group_PDB 
_atom_site.id 
_atom_site.type_symbol 
_atom_site.label_atom_id 
_atom_site.label_alt_id 
_atom_site.label_comp_id 
_atom_site.label_asym_id 
_atom_site.label_entity_id 
_atom_site.label_seq_id 
_atom_site.pdbx_PDB_ins_code 
_atom_site.Cartn_x 
_atom_site.Cartn_y 
_atom_site.Cartn_z 
_atom_site.occupancy 
_atom_site.B_iso_or_equiv 
_atom_site.pdbx_formal_charge 
_atom_site.auth_seq_id 
_atom_site.auth_comp_id 
_atom_site.auth_asym_id 
_atom_site.auth_atom_id 
_atom_site.pdbx_PDB_model_num 
ATOM   1    N  N   . GLU A 1 26  ? -15.518 -13.618 0.037   1.00 68.98  ? 26  GLU A N   1 
ATOM   2    C  CA  . GLU A 1 26  ? -14.017 -13.710 0.131   1.00 63.52  ? 26  GLU A CA  1 
ATOM   3    C  C   . GLU A 1 26  ? -13.380 -12.835 -0.956  1.00 59.38  ? 26  GLU A C   1 
ATOM   4    O  O   . GLU A 1 26  ? -12.152 -12.649 -0.906  1.00 55.31  ? 26  GLU A O   1 
ATOM   5    C  CB  . GLU A 1 26  ? -13.562 -15.173 0.048   1.00 73.12  ? 26  GLU A CB  1 
ATOM   6    C  CG  . GLU A 1 26  ? -12.733 -15.531 -1.182  1.00 78.58  ? 26  GLU A CG  1 
ATOM   7    C  CD  . GLU A 1 26  ? -13.452 -16.112 -2.393  1.00 78.83  ? 26  GLU A CD  1 
ATOM   8    O  OE1 . GLU A 1 26  ? -14.227 -15.375 -3.047  1.00 87.24  ? 26  GLU A OE1 1 
ATOM   9    O  OE2 . GLU A 1 26  ? -13.199 -17.295 -2.710  1.00 74.05  ? 26  GLU A OE2 1 
ATOM   10   N  N   . ASN A 1 27  ? -14.174 -12.344 -1.910  1.00 49.44  ? 27  ASN A N   1 
ATOM   11   C  CA  . ASN A 1 27  ? -13.756 -11.347 -2.925  1.00 50.09  ? 27  ASN A CA  1 
ATOM   12   C  C   . ASN A 1 27  ? -14.222 -9.949  -2.494  1.00 49.63  ? 27  ASN A C   1 
ATOM   13   O  O   . ASN A 1 27  ? -14.099 -8.998  -3.324  1.00 54.65  ? 27  ASN A O   1 
ATOM   14   C  CB  . ASN A 1 27  ? -14.291 -11.709 -4.311  1.00 48.34  ? 27  ASN A CB  1 
ATOM   15   C  CG  . ASN A 1 27  ? -13.575 -12.880 -4.961  1.00 51.09  ? 27  ASN A CG  1 
ATOM   16   O  OD1 . ASN A 1 27  ? -12.353 -13.016 -4.860  1.00 46.60  ? 27  ASN A OD1 1 
ATOM   17   N  ND2 . ASN A 1 27  ? -14.331 -13.697 -5.685  1.00 49.95  ? 27  ASN A ND2 1 
ATOM   18   N  N   . THR A 1 28  ? -14.737 -9.811  -1.265  1.00 47.17  ? 28  THR A N   1 
ATOM   19   C  CA  . THR A 1 28  ? -15.195 -8.510  -0.707  1.00 44.79  ? 28  THR A CA  1 
ATOM   20   C  C   . THR A 1 28  ? -13.970 -7.637  -0.457  1.00 35.33  ? 28  THR A C   1 
ATOM   21   O  O   . THR A 1 28  ? -13.085 -8.026  0.282   1.00 39.55  ? 28  THR A O   1 
ATOM   22   C  CB  . THR A 1 28  ? -15.930 -8.669  0.620   1.00 46.78  ? 28  THR A CB  1 
ATOM   23   O  OG1 . THR A 1 28  ? -17.077 -9.475  0.339   1.00 50.39  ? 28  THR A OG1 1 
ATOM   24   C  CG2 . THR A 1 28  ? -16.316 -7.329  1.207   1.00 49.04  ? 28  THR A CG2 1 
ATOM   25   N  N   . PRO A 1 29  ? -13.846 -6.496  -1.134  1.00 37.64  ? 29  PRO A N   1 
ATOM   26   C  CA  . PRO A 1 29  ? -12.641 -5.686  -0.963  1.00 34.11  ? 29  PRO A CA  1 
ATOM   27   C  C   . PRO A 1 29  ? -12.537 -5.134  0.469   1.00 33.91  ? 29  PRO A C   1 
ATOM   28   O  O   . PRO A 1 29  ? -13.551 -4.845  1.095   1.00 31.65  ? 29  PRO A O   1 
ATOM   29   C  CB  . PRO A 1 29  ? -12.782 -4.575  -2.004  1.00 35.08  ? 29  PRO A CB  1 
ATOM   30   C  CG  . PRO A 1 29  ? -14.222 -4.599  -2.447  1.00 43.05  ? 29  PRO A CG  1 
ATOM   31   C  CD  . PRO A 1 29  ? -14.746 -5.993  -2.172  1.00 37.14  ? 29  PRO A CD  1 
ATOM   32   N  N   . LEU A 1 30  ? -11.304 -4.944  0.935   1.00 29.34  ? 30  LEU A N   1 
ATOM   33   C  CA  . LEU A 1 30  ? -10.973 -4.345  2.242   1.00 29.95  ? 30  LEU A CA  1 
ATOM   34   C  C   . LEU A 1 30  ? -11.630 -2.967  2.390   1.00 30.17  ? 30  LEU A C   1 
ATOM   35   O  O   . LEU A 1 30  ? -12.078 -2.643  3.503   1.00 31.32  ? 30  LEU A O   1 
ATOM   36   C  CB  . LEU A 1 30  ? -9.454  -4.250  2.381   1.00 27.79  ? 30  LEU A CB  1 
ATOM   37   C  CG  . LEU A 1 30  ? -8.961  -3.636  3.680   1.00 27.99  ? 30  LEU A CG  1 
ATOM   38   C  CD1 . LEU A 1 30  ? -9.554  -4.339  4.876   1.00 30.39  ? 30  LEU A CD1 1 
ATOM   39   C  CD2 . LEU A 1 30  ? -7.436  -3.640  3.738   1.00 27.77  ? 30  LEU A CD2 1 
ATOM   40   N  N   . PHE A 1 31  ? -11.631 -2.162  1.340   1.00 25.70  ? 31  PHE A N   1 
ATOM   41   C  CA  . PHE A 1 31  ? -12.206 -0.799  1.328   1.00 27.93  ? 31  PHE A CA  1 
ATOM   42   C  C   . PHE A 1 31  ? -12.814 -0.589  -0.041  1.00 28.18  ? 31  PHE A C   1 
ATOM   43   O  O   . PHE A 1 31  ? -12.599 -1.418  -0.950  1.00 26.22  ? 31  PHE A O   1 
ATOM   44   C  CB  . PHE A 1 31  ? -11.204 0.298   1.662   1.00 26.91  ? 31  PHE A CB  1 
ATOM   45   C  CG  . PHE A 1 31  ? -9.991  0.377   0.767   1.00 25.55  ? 31  PHE A CG  1 
ATOM   46   C  CD1 . PHE A 1 31  ? -8.825  -0.288  1.125   1.00 25.62  ? 31  PHE A CD1 1 
ATOM   47   C  CD2 . PHE A 1 31  ? -9.986  1.145   -0.385  1.00 26.78  ? 31  PHE A CD2 1 
ATOM   48   C  CE1 . PHE A 1 31  ? -7.714  -0.208  0.318   1.00 22.82  ? 31  PHE A CE1 1 
ATOM   49   C  CE2 . PHE A 1 31  ? -8.868  1.199   -1.211  1.00 25.77  ? 31  PHE A CE2 1 
ATOM   50   C  CZ  . PHE A 1 31  ? -7.725  0.527   -0.833  1.00 24.76  ? 31  PHE A CZ  1 
ATOM   51   N  N   . SER A 1 32  ? -13.558 0.502   -0.181  1.00 28.58  ? 32  SER A N   1 
ATOM   52   C  CA  . SER A 1 32  ? -14.338 0.711   -1.425  1.00 32.36  ? 32  SER A CA  1 
ATOM   53   C  C   . SER A 1 32  ? -13.398 0.864   -2.625  1.00 30.43  ? 32  SER A C   1 
ATOM   54   O  O   . SER A 1 32  ? -12.491 1.690   -2.611  1.00 27.93  ? 32  SER A O   1 
ATOM   55   C  CB  . SER A 1 32  ? -15.253 1.883   -1.270  1.00 33.96  ? 32  SER A CB  1 
ATOM   56   O  OG  . SER A 1 32  ? -15.844 2.164   -2.534  1.00 34.14  ? 32  SER A OG  1 
ATOM   57   N  N   . PRO A 1 33  ? -13.624 0.143   -3.747  1.00 30.88  ? 33  PRO A N   1 
ATOM   58   C  CA  . PRO A 1 33  ? -12.909 0.398   -4.993  1.00 31.55  ? 33  PRO A CA  1 
ATOM   59   C  C   . PRO A 1 33  ? -13.048 1.824   -5.540  1.00 30.56  ? 33  PRO A C   1 
ATOM   60   O  O   . PRO A 1 33  ? -12.218 2.192   -6.318  1.00 28.65  ? 33  PRO A O   1 
ATOM   61   C  CB  . PRO A 1 33  ? -13.492 -0.608  -5.997  1.00 36.27  ? 33  PRO A CB  1 
ATOM   62   C  CG  . PRO A 1 33  ? -14.053 -1.709  -5.127  1.00 37.65  ? 33  PRO A CG  1 
ATOM   63   C  CD  . PRO A 1 33  ? -14.531 -1.014  -3.865  1.00 33.41  ? 33  PRO A CD  1 
ATOM   64   N  N   . SER A 1 34  ? -13.994 2.608   -5.036  1.00 28.74  ? 34  SER A N   1 
ATOM   65   C  CA  . SER A 1 34  ? -14.204 4.024   -5.435  1.00 30.25  ? 34  SER A CA  1 
ATOM   66   C  C   . SER A 1 34  ? -13.027 4.869   -4.914  1.00 27.15  ? 34  SER A C   1 
ATOM   67   O  O   . SER A 1 34  ? -12.879 6.008   -5.375  1.00 29.44  ? 34  SER A O   1 
ATOM   68   C  CB  . SER A 1 34  ? -15.519 4.547   -4.945  1.00 31.51  ? 34  SER A CB  1 
ATOM   69   O  OG  . SER A 1 34  ? -15.582 4.545   -3.518  1.00 40.21  ? 34  SER A OG  1 
ATOM   70   N  N   . LEU A 1 35  ? -12.220 4.318   -3.993  1.00 26.48  ? 35  LEU A N   1 
ATOM   71   C  CA  . LEU A 1 35  ? -11.018 5.024   -3.479  1.00 26.20  ? 35  LEU A CA  1 
ATOM   72   C  C   . LEU A 1 35  ? -9.813  4.776   -4.385  1.00 28.69  ? 35  LEU A C   1 
ATOM   73   O  O   . LEU A 1 35  ? -8.782  5.402   -4.153  1.00 25.82  ? 35  LEU A O   1 
ATOM   74   C  CB  . LEU A 1 35  ? -10.756 4.606   -2.023  1.00 27.80  ? 35  LEU A CB  1 
ATOM   75   C  CG  . LEU A 1 35  ? -11.690 5.205   -0.982  1.00 29.30  ? 35  LEU A CG  1 
ATOM   76   C  CD1 . LEU A 1 35  ? -11.529 4.560   0.353   1.00 28.70  ? 35  LEU A CD1 1 
ATOM   77   C  CD2 . LEU A 1 35  ? -11.462 6.698   -0.874  1.00 33.39  ? 35  LEU A CD2 1 
ATOM   78   N  N   . ILE A 1 36  ? -9.930  3.979   -5.452  1.00 27.14  ? 36  ILE A N   1 
ATOM   79   C  CA  . ILE A 1 36  ? -8.783  3.735   -6.358  1.00 26.75  ? 36  ILE A CA  1 
ATOM   80   C  C   . ILE A 1 36  ? -8.781  4.786   -7.447  1.00 26.88  ? 36  ILE A C   1 
ATOM   81   O  O   . ILE A 1 36  ? -9.784  4.942   -8.161  1.00 27.24  ? 36  ILE A O   1 
ATOM   82   C  CB  . ILE A 1 36  ? -8.794  2.321   -6.931  1.00 25.97  ? 36  ILE A CB  1 
ATOM   83   C  CG1 . ILE A 1 36  ? -8.868  1.270   -5.822  1.00 24.93  ? 36  ILE A CG1 1 
ATOM   84   C  CG2 . ILE A 1 36  ? -7.621  2.108   -7.873  1.00 26.65  ? 36  ILE A CG2 1 
ATOM   85   C  CD1 . ILE A 1 36  ? -7.611  1.139   -4.965  1.00 25.83  ? 36  ILE A CD1 1 
ATOM   86   N  N   . SER A 1 37  ? -7.653  5.471   -7.588  1.00 25.28  ? 37  SER A N   1 
ATOM   87   C  CA  . SER A 1 37  ? -7.427  6.512   -8.607  1.00 27.00  ? 37  SER A CA  1 
ATOM   88   C  C   . SER A 1 37  ? -7.784  6.015   -10.003 1.00 26.93  ? 37  SER A C   1 
ATOM   89   O  O   . SER A 1 37  ? -7.116  5.166   -10.583 1.00 27.05  ? 37  SER A O   1 
ATOM   90   C  CB  . SER A 1 37  ? -5.993  6.911   -8.585  1.00 28.49  ? 37  SER A CB  1 
ATOM   91   O  OG  . SER A 1 37  ? -5.744  7.847   -9.617  1.00 31.29  ? 37  SER A OG  1 
ATOM   92   N  N   . PRO A 1 38  ? -8.772  6.662   -10.667 1.00 31.11  ? 38  PRO A N   1 
ATOM   93   C  CA  . PRO A 1 38  ? -9.058  6.345   -12.055 1.00 31.08  ? 38  PRO A CA  1 
ATOM   94   C  C   . PRO A 1 38  ? -7.867  6.643   -12.949 1.00 26.95  ? 38  PRO A C   1 
ATOM   95   O  O   . PRO A 1 38  ? -7.630  5.886   -13.890 1.00 31.29  ? 38  PRO A O   1 
ATOM   96   C  CB  . PRO A 1 38  ? -10.232 7.285   -12.446 1.00 33.49  ? 38  PRO A CB  1 
ATOM   97   C  CG  . PRO A 1 38  ? -10.753 7.861   -11.143 1.00 34.73  ? 38  PRO A CG  1 
ATOM   98   C  CD  . PRO A 1 38  ? -9.666  7.678   -10.102 1.00 33.53  ? 38  PRO A CD  1 
ATOM   99   N  N   . ASP A 1 39  ? -7.131  7.728   -12.666 1.00 29.81  ? 39  ASP A N   1 
ATOM   100  C  CA  . ASP A 1 39  ? -5.959  8.087   -13.494 1.00 30.78  ? 39  ASP A CA  1 
ATOM   101  C  C   . ASP A 1 39  ? -4.885  7.004   -13.396 1.00 31.90  ? 39  ASP A C   1 
ATOM   102  O  O   . ASP A 1 39  ? -4.294  6.650   -14.437 1.00 29.91  ? 39  ASP A O   1 
ATOM   103  C  CB  . ASP A 1 39  ? -5.445  9.473   -13.167 1.00 32.34  ? 39  ASP A CB  1 
ATOM   104  C  CG  . ASP A 1 39  ? -6.429  10.543  -13.590 1.00 40.77  ? 39  ASP A CG  1 
ATOM   105  O  OD1 . ASP A 1 39  ? -7.343  10.223  -14.371 1.00 43.07  ? 39  ASP A OD1 1 
ATOM   106  O  OD2 . ASP A 1 39  ? -6.293  11.644  -13.077 1.00 46.19  ? 39  ASP A OD2 1 
ATOM   107  N  N   . VAL A 1 40  ? -4.675  6.416   -12.207 1.00 28.67  ? 40  VAL A N   1 
ATOM   108  C  CA  . VAL A 1 40  ? -3.706  5.301   -12.107 1.00 26.61  ? 40  VAL A CA  1 
ATOM   109  C  C   . VAL A 1 40  ? -4.213  4.092   -12.909 1.00 25.60  ? 40  VAL A C   1 
ATOM   110  O  O   . VAL A 1 40  ? -3.450  3.485   -13.631 1.00 25.94  ? 40  VAL A O   1 
ATOM   111  C  CB  . VAL A 1 40  ? -3.398  4.964   -10.631 1.00 26.72  ? 40  VAL A CB  1 
ATOM   112  C  CG1 . VAL A 1 40  ? -2.593  3.702   -10.535 1.00 27.38  ? 40  VAL A CG1 1 
ATOM   113  C  CG2 . VAL A 1 40  ? -2.711  6.129   -9.922  1.00 28.33  ? 40  VAL A CG2 1 
ATOM   114  N  N   . LEU A 1 41  ? -5.472  3.704   -12.732 1.00 29.29  ? 41  LEU A N   1 
ATOM   115  C  CA  . LEU A 1 41  ? -6.009  2.540   -13.478 1.00 29.15  ? 41  LEU A CA  1 
ATOM   116  C  C   . LEU A 1 41  ? -5.805  2.747   -14.991 1.00 28.33  ? 41  LEU A C   1 
ATOM   117  O  O   . LEU A 1 41  ? -5.465  1.780   -15.653 1.00 31.75  ? 41  LEU A O   1 
ATOM   118  C  CB  . LEU A 1 41  ? -7.485  2.416   -13.115 1.00 28.90  ? 41  LEU A CB  1 
ATOM   119  C  CG  . LEU A 1 41  ? -7.743  1.943   -11.696 1.00 32.34  ? 41  LEU A CG  1 
ATOM   120  C  CD1 . LEU A 1 41  ? -9.186  2.185   -11.288 1.00 37.74  ? 41  LEU A CD1 1 
ATOM   121  C  CD2 . LEU A 1 41  ? -7.384  0.484   -11.550 1.00 33.48  ? 41  LEU A CD2 1 
ATOM   122  N  N   . ALA A 1 42  ? -5.925  3.982   -15.454 1.00 30.65  ? 42  ALA A N   1 
ATOM   123  C  CA  . ALA A 1 42  ? -5.874  4.336   -16.900 1.00 30.80  ? 42  ALA A CA  1 
ATOM   124  C  C   . ALA A 1 42  ? -4.486  4.050   -17.487 1.00 35.35  ? 42  ALA A C   1 
ATOM   125  O  O   . ALA A 1 42  ? -4.434  3.724   -18.685 1.00 34.85  ? 42  ALA A O   1 
ATOM   126  C  CB  . ALA A 1 42  ? -6.244  5.772   -17.070 1.00 33.35  ? 42  ALA A CB  1 
ATOM   127  N  N   . VAL A 1 43  ? -3.405  4.107   -16.681 1.00 31.99  ? 43  VAL A N   1 
ATOM   128  C  CA  . VAL A 1 43  ? -1.988  4.035   -17.164 1.00 29.90  ? 43  VAL A CA  1 
ATOM   129  C  C   . VAL A 1 43  ? -1.300  2.723   -16.779 1.00 31.37  ? 43  VAL A C   1 
ATOM   130  O  O   . VAL A 1 43  ? -0.162  2.483   -17.200 1.00 32.87  ? 43  VAL A O   1 
ATOM   131  C  CB  . VAL A 1 43  ? -1.185  5.257   -16.686 1.00 33.54  ? 43  VAL A CB  1 
ATOM   132  C  CG1 . VAL A 1 43  ? -1.725  6.530   -17.322 1.00 37.38  ? 43  VAL A CG1 1 
ATOM   133  C  CG2 . VAL A 1 43  ? -1.184  5.320   -15.170 1.00 32.06  ? 43  VAL A CG2 1 
ATOM   134  N  N   . LEU A 1 44  ? -1.956  1.809   -16.081 1.00 29.44  ? 44  LEU A N   1 
ATOM   135  C  CA  . LEU A 1 44  ? -1.349  0.495   -15.796 1.00 29.68  ? 44  LEU A CA  1 
ATOM   136  C  C   . LEU A 1 44  ? -1.184  -0.310  -17.078 1.00 33.52  ? 44  LEU A C   1 
ATOM   137  O  O   . LEU A 1 44  ? -1.982  -0.129  -18.003 1.00 35.01  ? 44  LEU A O   1 
ATOM   138  C  CB  . LEU A 1 44  ? -2.193  -0.287  -14.799 1.00 29.84  ? 44  LEU A CB  1 
ATOM   139  C  CG  . LEU A 1 44  ? -2.010  0.163   -13.351 1.00 32.36  ? 44  LEU A CG  1 
ATOM   140  C  CD1 . LEU A 1 44  ? -3.068  -0.507  -12.511 1.00 34.54  ? 44  LEU A CD1 1 
ATOM   141  C  CD2 . LEU A 1 44  ? -0.604  -0.175  -12.860 1.00 31.37  ? 44  LEU A CD2 1 
ATOM   142  N  N   . PRO A 1 45  ? -0.184  -1.225  -17.111 1.00 33.63  ? 45  PRO A N   1 
ATOM   143  C  CA  . PRO A 1 45  ? -0.006  -2.143  -18.228 1.00 40.97  ? 45  PRO A CA  1 
ATOM   144  C  C   . PRO A 1 45  ? -1.276  -2.978  -18.468 1.00 39.58  ? 45  PRO A C   1 
ATOM   145  O  O   . PRO A 1 45  ? -2.079  -3.215  -17.584 1.00 34.97  ? 45  PRO A O   1 
ATOM   146  C  CB  . PRO A 1 45  ? 1.185   -3.037  -17.859 1.00 39.46  ? 45  PRO A CB  1 
ATOM   147  C  CG  . PRO A 1 45  ? 1.800   -2.472  -16.602 1.00 39.89  ? 45  PRO A CG  1 
ATOM   148  C  CD  . PRO A 1 45  ? 0.844   -1.416  -16.070 1.00 36.72  ? 45  PRO A CD  1 
ATOM   149  N  N   . ALA A 1 46  ? -1.488  -3.389  -19.711 1.00 37.89  ? 46  ALA A N   1 
ATOM   150  C  CA  . ALA A 1 46  ? -2.686  -4.179  -20.060 1.00 39.11  ? 46  ALA A CA  1 
ATOM   151  C  C   . ALA A 1 46  ? -2.861  -5.337  -19.072 1.00 33.56  ? 46  ALA A C   1 
ATOM   152  O  O   . ALA A 1 46  ? -1.885  -6.015  -18.738 1.00 38.79  ? 46  ALA A O   1 
ATOM   153  C  CB  . ALA A 1 46  ? -2.598  -4.670  -21.487 1.00 42.33  ? 46  ALA A CB  1 
ATOM   154  N  N   . ASP A 1 47  ? -4.100  -5.529  -18.662 1.00 35.37  ? 47  ASP A N   1 
ATOM   155  C  CA  . ASP A 1 47  ? -4.605  -6.587  -17.761 1.00 33.64  ? 47  ASP A CA  1 
ATOM   156  C  C   . ASP A 1 47  ? -4.194  -6.358  -16.301 1.00 35.23  ? 47  ASP A C   1 
ATOM   157  O  O   . ASP A 1 47  ? -4.789  -7.031  -15.467 1.00 34.75  ? 47  ASP A O   1 
ATOM   158  C  CB  . ASP A 1 47  ? -4.138  -7.973  -18.174 1.00 38.98  ? 47  ASP A CB  1 
ATOM   159  C  CG  . ASP A 1 47  ? -4.785  -8.433  -19.457 1.00 42.77  ? 47  ASP A CG  1 
ATOM   160  O  OD1 . ASP A 1 47  ? -5.748  -7.734  -19.951 1.00 42.55  ? 47  ASP A OD1 1 
ATOM   161  O  OD2 . ASP A 1 47  ? -4.328  -9.482  -19.929 1.00 44.61  ? 47  ASP A OD2 1 
ATOM   162  N  N   . TYR A 1 48  ? -3.231  -5.479  -16.010 1.00 31.27  ? 48  TYR A N   1 
ATOM   163  C  CA  . TYR A 1 48  ? -2.893  -5.113  -14.603 1.00 29.89  ? 48  TYR A CA  1 
ATOM   164  C  C   . TYR A 1 48  ? -4.039  -4.299  -14.005 1.00 28.97  ? 48  TYR A C   1 
ATOM   165  O  O   . TYR A 1 48  ? -4.727  -3.449  -14.671 1.00 31.28  ? 48  TYR A O   1 
ATOM   166  C  CB  . TYR A 1 48  ? -1.559  -4.356  -14.528 1.00 28.70  ? 48  TYR A CB  1 
ATOM   167  C  CG  . TYR A 1 48  ? -0.316  -5.200  -14.631 1.00 30.28  ? 48  TYR A CG  1 
ATOM   168  C  CD1 . TYR A 1 48  ? -0.154  -6.105  -15.668 1.00 32.53  ? 48  TYR A CD1 1 
ATOM   169  C  CD2 . TYR A 1 48  ? 0.704   -5.145  -13.703 1.00 30.97  ? 48  TYR A CD2 1 
ATOM   170  C  CE1 . TYR A 1 48  ? 0.965   -6.911  -15.778 1.00 33.53  ? 48  TYR A CE1 1 
ATOM   171  C  CE2 . TYR A 1 48  ? 1.839   -5.934  -13.796 1.00 33.18  ? 48  TYR A CE2 1 
ATOM   172  C  CZ  . TYR A 1 48  ? 1.978   -6.820  -14.849 1.00 37.23  ? 48  TYR A CZ  1 
ATOM   173  O  OH  . TYR A 1 48  ? 3.057   -7.631  -14.965 1.00 38.89  ? 48  TYR A OH  1 
ATOM   174  N  N   . THR A 1 49  ? -4.185  -4.420  -12.678 1.00 28.31  ? 49  THR A N   1 
ATOM   175  C  CA  . THR A 1 49  ? -5.096  -3.554  -11.938 1.00 27.65  ? 49  THR A CA  1 
ATOM   176  C  C   . THR A 1 49  ? -4.467  -3.254  -10.573 1.00 23.94  ? 49  THR A C   1 
ATOM   177  O  O   . THR A 1 49  ? -3.540  -3.977  -10.164 1.00 24.04  ? 49  THR A O   1 
ATOM   178  C  CB  . THR A 1 49  ? -6.455  -4.224  -11.832 1.00 34.84  ? 49  THR A CB  1 
ATOM   179  O  OG1 . THR A 1 49  ? -7.336  -3.234  -11.306 1.00 44.51  ? 49  THR A OG1 1 
ATOM   180  C  CG2 . THR A 1 49  ? -6.353  -5.475  -11.010 1.00 30.15  ? 49  THR A CG2 1 
ATOM   181  N  N   . ILE A 1 50  ? -4.881  -2.151  -10.008 1.00 25.71  ? 50  ILE A N   1 
ATOM   182  C  CA  . ILE A 1 50  ? -4.603  -1.806  -8.595  1.00 23.17  ? 50  ILE A CA  1 
ATOM   183  C  C   . ILE A 1 50  ? -5.962  -1.780  -7.896  1.00 23.30  ? 50  ILE A C   1 
ATOM   184  O  O   . ILE A 1 50  ? -6.957  -1.271  -8.463  1.00 25.55  ? 50  ILE A O   1 
ATOM   185  C  CB  . ILE A 1 50  ? -3.845  -0.472  -8.519  1.00 26.64  ? 50  ILE A CB  1 
ATOM   186  C  CG1 . ILE A 1 50  ? -3.563  -0.074  -7.086  1.00 27.21  ? 50  ILE A CG1 1 
ATOM   187  C  CG2 . ILE A 1 50  ? -4.590  0.643   -9.228  1.00 31.71  ? 50  ILE A CG2 1 
ATOM   188  C  CD1 . ILE A 1 50  ? -2.299  0.817   -7.014  1.00 35.67  ? 50  ILE A CD1 1 
ATOM   189  N  N   . ARG A 1 51  ? -6.030  -2.361  -6.734  1.00 22.68  ? 51  ARG A N   1 
ATOM   190  C  CA  . ARG A 1 51  ? -7.305  -2.553  -6.041  1.00 23.34  ? 51  ARG A CA  1 
ATOM   191  C  C   . ARG A 1 51  ? -7.044  -2.778  -4.559  1.00 23.01  ? 51  ARG A C   1 
ATOM   192  O  O   . ARG A 1 51  ? -5.944  -3.137  -4.154  1.00 21.92  ? 51  ARG A O   1 
ATOM   193  C  CB  . ARG A 1 51  ? -8.038  -3.731  -6.687  1.00 22.19  ? 51  ARG A CB  1 
ATOM   194  C  CG  . ARG A 1 51  ? -7.233  -5.027  -6.728  1.00 24.02  ? 51  ARG A CG  1 
ATOM   195  C  CD  . ARG A 1 51  ? -8.178  -6.193  -6.994  1.00 26.12  ? 51  ARG A CD  1 
ATOM   196  N  NE  . ARG A 1 51  ? -7.449  -7.441  -7.071  1.00 27.13  ? 51  ARG A NE  1 
ATOM   197  C  CZ  . ARG A 1 51  ? -7.052  -8.191  -6.038  1.00 28.33  ? 51  ARG A CZ  1 
ATOM   198  N  NH1 . ARG A 1 51  ? -7.272  -7.801  -4.790  1.00 25.32  ? 51  ARG A NH1 1 
ATOM   199  N  NH2 . ARG A 1 51  ? -6.363  -9.299  -6.269  1.00 28.90  ? 51  ARG A NH2 1 
ATOM   200  N  N   . PRO A 1 52  ? -8.097  -2.651  -3.735  1.00 22.73  ? 52  PRO A N   1 
ATOM   201  C  CA  . PRO A 1 52  ? -7.986  -3.013  -2.325  1.00 22.43  ? 52  PRO A CA  1 
ATOM   202  C  C   . PRO A 1 52  ? -7.605  -4.492  -2.205  1.00 22.68  ? 52  PRO A C   1 
ATOM   203  O  O   . PRO A 1 52  ? -8.035  -5.366  -3.019  1.00 23.67  ? 52  PRO A O   1 
ATOM   204  C  CB  . PRO A 1 52  ? -9.385  -2.799  -1.737  1.00 22.07  ? 52  PRO A CB  1 
ATOM   205  C  CG  . PRO A 1 52  ? -10.166 -1.995  -2.797  1.00 25.78  ? 52  PRO A CG  1 
ATOM   206  C  CD  . PRO A 1 52  ? -9.404  -2.081  -4.099  1.00 24.93  ? 52  PRO A CD  1 
ATOM   207  N  N   . LEU A 1 53  ? -6.869  -4.805  -1.155  1.00 23.92  ? 53  LEU A N   1 
ATOM   208  C  CA  . LEU A 1 53  ? -6.695  -6.192  -0.699  1.00 22.32  ? 53  LEU A CA  1 
ATOM   209  C  C   . LEU A 1 53  ? -8.053  -6.855  -0.547  1.00 25.67  ? 53  LEU A C   1 
ATOM   210  O  O   . LEU A 1 53  ? -9.001  -6.164  -0.219  1.00 25.69  ? 53  LEU A O   1 
ATOM   211  C  CB  . LEU A 1 53  ? -5.985  -6.165  0.645   1.00 22.27  ? 53  LEU A CB  1 
ATOM   212  C  CG  . LEU A 1 53  ? -5.670  -7.544  1.210   1.00 24.29  ? 53  LEU A CG  1 
ATOM   213  C  CD1 . LEU A 1 53  ? -4.569  -8.204  0.371   1.00 24.14  ? 53  LEU A CD1 1 
ATOM   214  C  CD2 . LEU A 1 53  ? -5.187  -7.345  2.656   1.00 26.26  ? 53  LEU A CD2 1 
ATOM   215  N  N   . CYS A 1 54  ? -8.142  -8.134  -0.870  1.00 25.51  ? 54  CYS A N   1 
ATOM   216  C  CA  . CYS A 1 54  ? -9.313  -8.919  -0.417  1.00 29.54  ? 54  CYS A CA  1 
ATOM   217  C  C   . CYS A 1 54  ? -8.820  -10.226 0.179   1.00 26.33  ? 54  CYS A C   1 
ATOM   218  O  O   . CYS A 1 54  ? -7.626  -10.574 0.064   1.00 25.38  ? 54  CYS A O   1 
ATOM   219  C  CB  . CYS A 1 54  ? -10.379 -9.065  -1.484  1.00 42.20  ? 54  CYS A CB  1 
ATOM   220  S  SG  . CYS A 1 54  ? -9.786  -10.069 -2.849  1.00 49.05  ? 54  CYS A SG  1 
ATOM   221  N  N   . ARG A 1 55  ? -9.726  -10.905 0.859   1.00 27.65  ? 55  ARG A N   1 
ATOM   222  C  CA  . ARG A 1 55  ? -9.319  -12.033 1.728   1.00 32.39  ? 55  ARG A CA  1 
ATOM   223  C  C   . ARG A 1 55  ? -8.740  -13.139 0.839   1.00 28.45  ? 55  ARG A C   1 
ATOM   224  O  O   . ARG A 1 55  ? -7.751  -13.805 1.267   1.00 33.19  ? 55  ARG A O   1 
ATOM   225  C  CB  . ARG A 1 55  ? -10.483 -12.513 2.600   1.00 37.69  ? 55  ARG A CB  1 
ATOM   226  C  CG  . ARG A 1 55  ? -10.031 -13.302 3.820   1.00 48.04  ? 55  ARG A CG  1 
ATOM   227  C  CD  . ARG A 1 55  ? -11.165 -13.693 4.757   1.00 53.30  ? 55  ARG A CD  1 
ATOM   228  N  NE  . ARG A 1 55  ? -12.232 -14.447 4.101   1.00 56.68  ? 55  ARG A NE  1 
ATOM   229  C  CZ  . ARG A 1 55  ? -13.362 -13.941 3.592   1.00 71.87  ? 55  ARG A CZ  1 
ATOM   230  N  NH1 . ARG A 1 55  ? -13.627 -12.639 3.633   1.00 72.86  ? 55  ARG A NH1 1 
ATOM   231  N  NH2 . ARG A 1 55  ? -14.241 -14.762 3.034   1.00 73.39  ? 55  ARG A NH2 1 
ATOM   232  N  N   . SER A 1 56  ? -9.252  -13.293 -0.383  1.00 31.94  ? 56  SER A N   1 
ATOM   233  C  CA  . SER A 1 56  ? -8.781  -14.347 -1.333  1.00 31.47  ? 56  SER A CA  1 
ATOM   234  C  C   . SER A 1 56  ? -7.344  -14.083 -1.807  1.00 34.67  ? 56  SER A C   1 
ATOM   235  O  O   . SER A 1 56  ? -6.810  -14.944 -2.562  1.00 34.88  ? 56  SER A O   1 
ATOM   236  C  CB  . SER A 1 56  ? -9.714  -14.489 -2.534  1.00 29.90  ? 56  SER A CB  1 
ATOM   237  O  OG  . SER A 1 56  ? -10.026 -13.263 -3.161  1.00 36.22  ? 56  SER A OG  1 
ATOM   238  N  N   . ASP A 1 57  ? -6.732  -12.933 -1.486  1.00 28.54  ? 57  ASP A N   1 
ATOM   239  C  CA  . ASP A 1 57  ? -5.360  -12.617 -1.983  1.00 27.82  ? 57  ASP A CA  1 
ATOM   240  C  C   . ASP A 1 57  ? -4.295  -13.516 -1.340  1.00 31.36  ? 57  ASP A C   1 
ATOM   241  O  O   . ASP A 1 57  ? -3.167  -13.530 -1.836  1.00 31.05  ? 57  ASP A O   1 
ATOM   242  C  CB  . ASP A 1 57  ? -5.048  -11.130 -1.834  1.00 25.58  ? 57  ASP A CB  1 
ATOM   243  C  CG  . ASP A 1 57  ? -5.729  -10.280 -2.883  1.00 24.57  ? 57  ASP A CG  1 
ATOM   244  O  OD1 . ASP A 1 57  ? -5.975  -10.839 -4.018  1.00 24.46  ? 57  ASP A OD1 1 
ATOM   245  O  OD2 . ASP A 1 57  ? -6.036  -9.088  -2.604  1.00 23.94  ? 57  ASP A OD2 1 
ATOM   246  N  N   . TYR A 1 58  ? -4.625  -14.217 -0.250  1.00 32.98  ? 58  TYR A N   1 
ATOM   247  C  CA  . TYR A 1 58  ? -3.770  -15.293 0.325   1.00 38.47  ? 58  TYR A CA  1 
ATOM   248  C  C   . TYR A 1 58  ? -3.304  -16.234 -0.785  1.00 35.74  ? 58  TYR A C   1 
ATOM   249  O  O   . TYR A 1 58  ? -2.171  -16.642 -0.761  1.00 37.77  ? 58  TYR A O   1 
ATOM   250  C  CB  . TYR A 1 58  ? -4.545  -16.174 1.300   1.00 37.19  ? 58  TYR A CB  1 
ATOM   251  C  CG  . TYR A 1 58  ? -3.730  -17.272 1.957   1.00 39.37  ? 58  TYR A CG  1 
ATOM   252  C  CD1 . TYR A 1 58  ? -2.597  -16.961 2.687   1.00 41.24  ? 58  TYR A CD1 1 
ATOM   253  C  CD2 . TYR A 1 58  ? -4.093  -18.612 1.866   1.00 44.73  ? 58  TYR A CD2 1 
ATOM   254  C  CE1 . TYR A 1 58  ? -1.838  -17.949 3.297   1.00 43.58  ? 58  TYR A CE1 1 
ATOM   255  C  CE2 . TYR A 1 58  ? -3.353  -19.612 2.493   1.00 43.92  ? 58  TYR A CE2 1 
ATOM   256  C  CZ  . TYR A 1 58  ? -2.221  -19.274 3.216   1.00 45.13  ? 58  TYR A CZ  1 
ATOM   257  O  OH  . TYR A 1 58  ? -1.439  -20.210 3.854   1.00 45.46  ? 58  TYR A OH  1 
ATOM   258  N  N   . LYS A 1 59  ? -4.219  -16.560 -1.691  1.00 35.18  ? 59  LYS A N   1 
ATOM   259  C  CA  . LYS A 1 59  ? -4.034  -17.544 -2.780  1.00 42.82  ? 59  LYS A CA  1 
ATOM   260  C  C   . LYS A 1 59  ? -3.336  -16.881 -3.973  1.00 41.02  ? 59  LYS A C   1 
ATOM   261  O  O   . LYS A 1 59  ? -3.018  -17.619 -4.892  1.00 34.76  ? 59  LYS A O   1 
ATOM   262  C  CB  . LYS A 1 59  ? -5.393  -18.130 -3.182  1.00 48.95  ? 59  LYS A CB  1 
ATOM   263  C  CG  . LYS A 1 59  ? -5.988  -19.045 -2.115  1.00 61.99  ? 59  LYS A CG  1 
ATOM   264  C  CD  . LYS A 1 59  ? -7.495  -18.943 -1.934  1.00 72.11  ? 59  LYS A CD  1 
ATOM   265  C  CE  . LYS A 1 59  ? -7.949  -19.542 -0.618  1.00 76.03  ? 59  LYS A CE  1 
ATOM   266  N  NZ  . LYS A 1 59  ? -9.367  -19.973 -0.665  1.00 79.34  ? 59  LYS A NZ  1 
ATOM   267  N  N   . ARG A 1 60  ? -3.099  -15.561 -3.964  1.00 32.60  ? 60  ARG A N   1 
ATOM   268  C  CA  . ARG A 1 60  ? -2.546  -14.871 -5.155  1.00 30.39  ? 60  ARG A CA  1 
ATOM   269  C  C   . ARG A 1 60  ? -1.112  -14.419 -4.892  1.00 28.65  ? 60  ARG A C   1 
ATOM   270  O  O   . ARG A 1 60  ? -0.644  -13.554 -5.650  1.00 30.34  ? 60  ARG A O   1 
ATOM   271  C  CB  . ARG A 1 60  ? -3.435  -13.688 -5.563  1.00 27.60  ? 60  ARG A CB  1 
ATOM   272  C  CG  . ARG A 1 60  ? -4.839  -14.086 -5.963  1.00 28.17  ? 60  ARG A CG  1 
ATOM   273  C  CD  . ARG A 1 60  ? -5.606  -12.974 -6.600  1.00 27.54  ? 60  ARG A CD  1 
ATOM   274  N  NE  . ARG A 1 60  ? -6.959  -13.387 -6.911  1.00 28.56  ? 60  ARG A NE  1 
ATOM   275  C  CZ  . ARG A 1 60  ? -7.999  -13.226 -6.127  1.00 28.76  ? 60  ARG A CZ  1 
ATOM   276  N  NH1 . ARG A 1 60  ? -7.879  -12.650 -4.938  1.00 30.88  ? 60  ARG A NH1 1 
ATOM   277  N  NH2 . ARG A 1 60  ? -9.169  -13.688 -6.487  1.00 29.61  ? 60  ARG A NH2 1 
ATOM   278  N  N   . GLY A 1 61  ? -0.451  -14.942 -3.855  1.00 32.82  ? 61  GLY A N   1 
ATOM   279  C  CA  . GLY A 1 61  ? 0.979   -14.711 -3.593  1.00 33.57  ? 61  GLY A CA  1 
ATOM   280  C  C   . GLY A 1 61  ? 1.274   -13.358 -2.949  1.00 33.28  ? 61  GLY A C   1 
ATOM   281  O  O   . GLY A 1 61  ? 2.394   -12.801 -3.135  1.00 34.23  ? 61  GLY A O   1 
ATOM   282  N  N   . TYR A 1 62  ? 0.313   -12.790 -2.228  1.00 33.19  ? 62  TYR A N   1 
ATOM   283  C  CA  . TYR A 1 62  ? 0.558   -11.562 -1.442  1.00 30.66  ? 62  TYR A CA  1 
ATOM   284  C  C   . TYR A 1 62  ? 1.792   -11.721 -0.528  1.00 32.89  ? 62  TYR A C   1 
ATOM   285  O  O   . TYR A 1 62  ? 2.643   -10.862 -0.602  1.00 31.93  ? 62  TYR A O   1 
ATOM   286  C  CB  . TYR A 1 62  ? -0.671  -11.196 -0.624  1.00 32.75  ? 62  TYR A CB  1 
ATOM   287  C  CG  . TYR A 1 62  ? -0.455  -9.990  0.239   1.00 31.59  ? 62  TYR A CG  1 
ATOM   288  C  CD1 . TYR A 1 62  ? -0.613  -8.718  -0.290  1.00 32.09  ? 62  TYR A CD1 1 
ATOM   289  C  CD2 . TYR A 1 62  ? -0.069  -10.102 1.568   1.00 32.04  ? 62  TYR A CD2 1 
ATOM   290  C  CE1 . TYR A 1 62  ? -0.421  -7.586  0.468   1.00 36.18  ? 62  TYR A CE1 1 
ATOM   291  C  CE2 . TYR A 1 62  ? 0.134   -8.969  2.340   1.00 37.28  ? 62  TYR A CE2 1 
ATOM   292  C  CZ  . TYR A 1 62  ? -0.048  -7.710  1.791   1.00 36.93  ? 62  TYR A CZ  1 
ATOM   293  O  OH  . TYR A 1 62  ? 0.095   -6.571  2.526   1.00 48.13  ? 62  TYR A OH  1 
ATOM   294  N  N   . LEU A 1 63  ? 1.888   -12.778 0.290   1.00 34.91  ? 63  LEU A N   1 
ATOM   295  C  CA  . LEU A 1 63  ? 3.029   -12.961 1.238   1.00 36.84  ? 63  LEU A CA  1 
ATOM   296  C  C   . LEU A 1 63  ? 4.359   -12.985 0.466   1.00 36.14  ? 63  LEU A C   1 
ATOM   297  O  O   . LEU A 1 63  ? 5.368   -12.451 0.977   1.00 39.51  ? 63  LEU A O   1 
ATOM   298  C  CB  . LEU A 1 63  ? 2.813   -14.264 2.012   1.00 40.42  ? 63  LEU A CB  1 
ATOM   299  C  CG  . LEU A 1 63  ? 1.592   -14.255 2.921   1.00 45.53  ? 63  LEU A CG  1 
ATOM   300  C  CD1 . LEU A 1 63  ? 1.295   -15.654 3.446   1.00 51.67  ? 63  LEU A CD1 1 
ATOM   301  C  CD2 . LEU A 1 63  ? 1.784   -13.259 4.052   1.00 43.91  ? 63  LEU A CD2 1 
ATOM   302  N  N   . ASP A 1 64  ? 4.362   -13.506 -0.756  1.00 34.01  ? 64  ASP A N   1 
ATOM   303  C  CA  . ASP A 1 64  ? 5.590   -13.558 -1.597  1.00 37.12  ? 64  ASP A CA  1 
ATOM   304  C  C   . ASP A 1 64  ? 6.072   -12.139 -1.887  1.00 37.11  ? 64  ASP A C   1 
ATOM   305  O  O   . ASP A 1 64  ? 7.279   -11.895 -1.945  1.00 35.00  ? 64  ASP A O   1 
ATOM   306  C  CB  . ASP A 1 64  ? 5.384   -14.359 -2.884  1.00 40.56  ? 64  ASP A CB  1 
ATOM   307  C  CG  . ASP A 1 64  ? 5.090   -15.838 -2.667  1.00 50.36  ? 64  ASP A CG  1 
ATOM   308  O  OD1 . ASP A 1 64  ? 5.377   -16.333 -1.567  1.00 54.68  ? 64  ASP A OD1 1 
ATOM   309  O  OD2 . ASP A 1 64  ? 4.568   -16.485 -3.605  1.00 56.28  ? 64  ASP A OD2 1 
ATOM   310  N  N   . VAL A 1 65  ? 5.169   -11.185 -2.080  1.00 35.31  ? 65  VAL A N   1 
ATOM   311  C  CA  . VAL A 1 65  ? 5.604   -9.811  -2.431  1.00 32.36  ? 65  VAL A CA  1 
ATOM   312  C  C   . VAL A 1 65  ? 6.212   -9.190  -1.181  1.00 33.39  ? 65  VAL A C   1 
ATOM   313  O  O   . VAL A 1 65  ? 7.197   -8.442  -1.326  1.00 33.14  ? 65  VAL A O   1 
ATOM   314  C  CB  . VAL A 1 65  ? 4.435   -8.964  -2.969  1.00 33.83  ? 65  VAL A CB  1 
ATOM   315  C  CG1 . VAL A 1 65  ? 4.851   -7.517  -3.168  1.00 30.78  ? 65  VAL A CG1 1 
ATOM   316  C  CG2 . VAL A 1 65  ? 3.898   -9.552  -4.258  1.00 33.06  ? 65  VAL A CG2 1 
ATOM   317  N  N   . LEU A 1 66  ? 5.579   -9.435  -0.035  1.00 35.23  ? 66  LEU A N   1 
ATOM   318  C  CA  . LEU A 1 66  ? 6.053   -8.980  1.301   1.00 40.00  ? 66  LEU A CA  1 
ATOM   319  C  C   . LEU A 1 66  ? 7.493   -9.444  1.548   1.00 40.29  ? 66  LEU A C   1 
ATOM   320  O  O   . LEU A 1 66  ? 8.257   -8.672  2.165   1.00 43.11  ? 66  LEU A O   1 
ATOM   321  C  CB  . LEU A 1 66  ? 5.150   -9.538  2.403   1.00 43.04  ? 66  LEU A CB  1 
ATOM   322  C  CG  . LEU A 1 66  ? 3.876   -8.770  2.713   1.00 53.06  ? 66  LEU A CG  1 
ATOM   323  C  CD1 . LEU A 1 66  ? 3.345   -9.206  4.074   1.00 52.99  ? 66  LEU A CD1 1 
ATOM   324  C  CD2 . LEU A 1 66  ? 4.100   -7.260  2.682   1.00 54.05  ? 66  LEU A CD2 1 
ATOM   325  N  N   . ARG A 1 67  ? 7.870   -10.629 1.067   1.00 42.04  ? 67  ARG A N   1 
ATOM   326  C  CA  . ARG A 1 67  ? 9.250   -11.156 1.269   1.00 44.42  ? 67  ARG A CA  1 
ATOM   327  C  C   . ARG A 1 67  ? 10.306  -10.218 0.644   1.00 43.68  ? 67  ARG A C   1 
ATOM   328  O  O   . ARG A 1 67  ? 11.450  -10.284 1.066   1.00 43.58  ? 67  ARG A O   1 
ATOM   329  C  CB  . ARG A 1 67  ? 9.316   -12.606 0.787   1.00 49.75  ? 67  ARG A CB  1 
ATOM   330  C  CG  . ARG A 1 67  ? 8.443   -13.542 1.610   1.00 49.84  ? 67  ARG A CG  1 
ATOM   331  C  CD  . ARG A 1 67  ? 8.695   -15.016 1.314   1.00 53.89  ? 67  ARG A CD  1 
ATOM   332  N  NE  . ARG A 1 67  ? 7.471   -15.808 1.432   1.00 62.60  ? 67  ARG A NE  1 
ATOM   333  C  CZ  . ARG A 1 67  ? 6.944   -16.263 2.568   1.00 68.09  ? 67  ARG A CZ  1 
ATOM   334  N  NH1 . ARG A 1 67  ? 7.537   -16.045 3.729   1.00 78.72  ? 67  ARG A NH1 1 
ATOM   335  N  NH2 . ARG A 1 67  ? 5.817   -16.955 2.537   1.00 69.07  ? 67  ARG A NH2 1 
ATOM   336  N  N   . VAL A 1 68  ? 9.950   -9.307  -0.266  1.00 39.50  ? 68  VAL A N   1 
ATOM   337  C  CA  . VAL A 1 68  ? 10.874  -8.255  -0.790  1.00 41.54  ? 68  VAL A CA  1 
ATOM   338  C  C   . VAL A 1 68  ? 11.272  -7.257  0.315   1.00 47.13  ? 68  VAL A C   1 
ATOM   339  O  O   . VAL A 1 68  ? 12.320  -6.595  0.173   1.00 48.89  ? 68  VAL A O   1 
ATOM   340  C  CB  . VAL A 1 68  ? 10.219  -7.535  -1.982  1.00 46.91  ? 68  VAL A CB  1 
ATOM   341  C  CG1 . VAL A 1 68  ? 11.014  -6.332  -2.428  1.00 46.44  ? 68  VAL A CG1 1 
ATOM   342  C  CG2 . VAL A 1 68  ? 9.968   -8.492  -3.141  1.00 45.02  ? 68  VAL A CG2 1 
ATOM   343  N  N   . LEU A 1 69  ? 10.446  -7.125  1.349   1.00 44.61  ? 69  LEU A N   1 
ATOM   344  C  CA  . LEU A 1 69  ? 10.527  -6.078  2.404   1.00 50.32  ? 69  LEU A CA  1 
ATOM   345  C  C   . LEU A 1 69  ? 11.295  -6.618  3.602   1.00 49.96  ? 69  LEU A C   1 
ATOM   346  O  O   . LEU A 1 69  ? 12.170  -5.912  4.084   1.00 44.62  ? 69  LEU A O   1 
ATOM   347  C  CB  . LEU A 1 69  ? 9.112   -5.715  2.862   1.00 51.37  ? 69  LEU A CB  1 
ATOM   348  C  CG  . LEU A 1 69  ? 8.600   -4.340  2.482   1.00 54.27  ? 69  LEU A CG  1 
ATOM   349  C  CD1 . LEU A 1 69  ? 7.207   -4.166  3.064   1.00 53.26  ? 69  LEU A CD1 1 
ATOM   350  C  CD2 . LEU A 1 69  ? 9.540   -3.248  2.974   1.00 58.12  ? 69  LEU A CD2 1 
ATOM   351  N  N   . THR A 1 70  ? 10.877  -7.785  4.101   1.00 51.70  ? 70  THR A N   1 
ATOM   352  C  CA  . THR A 1 70  ? 11.509  -8.521  5.217   1.00 58.70  ? 70  THR A CA  1 
ATOM   353  C  C   . THR A 1 70  ? 11.353  -10.016 4.968   1.00 60.28  ? 70  THR A C   1 
ATOM   354  O  O   . THR A 1 70  ? 10.699  -10.400 3.965   1.00 55.33  ? 70  THR A O   1 
ATOM   355  C  CB  . THR A 1 70  ? 10.901  -8.181  6.586   1.00 60.52  ? 70  THR A CB  1 
ATOM   356  O  OG1 . THR A 1 70  ? 11.694  -8.847  7.570   1.00 74.25  ? 70  THR A OG1 1 
ATOM   357  C  CG2 . THR A 1 70  ? 9.458   -8.612  6.756   1.00 62.51  ? 70  THR A CG2 1 
ATOM   358  N  N   . THR A 1 71  ? 11.944  -10.816 5.857   1.00 58.22  ? 71  THR A N   1 
ATOM   359  C  CA  . THR A 1 71  ? 11.645  -12.262 5.979   1.00 63.33  ? 71  THR A CA  1 
ATOM   360  C  C   . THR A 1 71  ? 10.293  -12.344 6.688   1.00 62.65  ? 71  THR A C   1 
ATOM   361  O  O   . THR A 1 71  ? 10.078  -11.558 7.633   1.00 65.11  ? 71  THR A O   1 
ATOM   362  C  CB  . THR A 1 71  ? 12.780  -13.043 6.657   1.00 64.13  ? 71  THR A CB  1 
ATOM   363  O  OG1 . THR A 1 71  ? 12.168  -14.223 7.174   1.00 67.13  ? 71  THR A OG1 1 
ATOM   364  C  CG2 . THR A 1 71  ? 13.480  -12.296 7.770   1.00 62.00  ? 71  THR A CG2 1 
ATOM   365  N  N   . VAL A 1 72  ? 9.393   -13.202 6.206   1.00 61.89  ? 72  VAL A N   1 
ATOM   366  C  CA  . VAL A 1 72  ? 7.980   -13.228 6.685   1.00 69.54  ? 72  VAL A CA  1 
ATOM   367  C  C   . VAL A 1 72  ? 7.791   -14.427 7.621   1.00 78.05  ? 72  VAL A C   1 
ATOM   368  O  O   . VAL A 1 72  ? 7.494   -14.209 8.814   1.00 84.36  ? 72  VAL A O   1 
ATOM   369  C  CB  . VAL A 1 72  ? 7.005   -13.240 5.489   1.00 67.86  ? 72  VAL A CB  1 
ATOM   370  C  CG1 . VAL A 1 72  ? 5.581   -13.573 5.910   1.00 64.44  ? 72  VAL A CG1 1 
ATOM   371  C  CG2 . VAL A 1 72  ? 7.059   -11.918 4.725   1.00 63.47  ? 72  VAL A CG2 1 
ATOM   372  N  N   . GLY A 1 73  ? 7.984   -15.637 7.101   1.00 75.04  ? 73  GLY A N   1 
ATOM   373  C  CA  . GLY A 1 73  ? 7.699   -16.894 7.815   1.00 79.68  ? 73  GLY A CA  1 
ATOM   374  C  C   . GLY A 1 73  ? 6.495   -17.583 7.207   1.00 83.33  ? 73  GLY A C   1 
ATOM   375  O  O   . GLY A 1 73  ? 5.746   -16.911 6.473   1.00 80.42  ? 73  GLY A O   1 
ATOM   376  N  N   . ASP A 1 74  ? 6.337   -18.880 7.484   1.00 88.10  ? 74  ASP A N   1 
ATOM   377  C  CA  . ASP A 1 74  ? 5.132   -19.679 7.132   1.00 90.80  ? 74  ASP A CA  1 
ATOM   378  C  C   . ASP A 1 74  ? 3.921   -19.080 7.856   1.00 79.98  ? 74  ASP A C   1 
ATOM   379  O  O   . ASP A 1 74  ? 4.025   -18.837 9.069   1.00 81.90  ? 74  ASP A O   1 
ATOM   380  C  CB  . ASP A 1 74  ? 5.298   -21.160 7.503   1.00 96.94  ? 74  ASP A CB  1 
ATOM   381  C  CG  . ASP A 1 74  ? 6.497   -21.835 6.855   1.00 103.30 ? 74  ASP A CG  1 
ATOM   382  O  OD1 . ASP A 1 74  ? 7.059   -21.240 5.911   1.00 107.91 ? 74  ASP A OD1 1 
ATOM   383  O  OD2 . ASP A 1 74  ? 6.868   -22.945 7.306   1.00 100.44 ? 74  ASP A OD2 1 
ATOM   384  N  N   . ILE A 1 75  ? 2.833   -18.829 7.126   1.00 69.03  ? 75  ILE A N   1 
ATOM   385  C  CA  . ILE A 1 75  ? 1.505   -18.442 7.687   1.00 62.41  ? 75  ILE A CA  1 
ATOM   386  C  C   . ILE A 1 75  ? 0.445   -19.278 6.975   1.00 55.86  ? 75  ILE A C   1 
ATOM   387  O  O   . ILE A 1 75  ? 0.511   -19.392 5.736   1.00 58.69  ? 75  ILE A O   1 
ATOM   388  C  CB  . ILE A 1 75  ? 1.270   -16.928 7.542   1.00 64.24  ? 75  ILE A CB  1 
ATOM   389  C  CG1 . ILE A 1 75  ? 1.936   -16.164 8.692   1.00 65.33  ? 75  ILE A CG1 1 
ATOM   390  C  CG2 . ILE A 1 75  ? -0.211  -16.585 7.418   1.00 61.22  ? 75  ILE A CG2 1 
ATOM   391  C  CD1 . ILE A 1 75  ? 2.689   -14.932 8.255   1.00 68.25  ? 75  ILE A CD1 1 
ATOM   392  N  N   . ASN A 1 76  ? -0.494  -19.841 7.733   1.00 51.53  ? 76  ASN A N   1 
ATOM   393  C  CA  . ASN A 1 76  ? -1.539  -20.746 7.189   1.00 47.11  ? 76  ASN A CA  1 
ATOM   394  C  C   . ASN A 1 76  ? -2.808  -19.932 6.937   1.00 40.36  ? 76  ASN A C   1 
ATOM   395  O  O   . ASN A 1 76  ? -2.898  -18.789 7.431   1.00 41.64  ? 76  ASN A O   1 
ATOM   396  C  CB  . ASN A 1 76  ? -1.784  -21.971 8.081   1.00 43.45  ? 76  ASN A CB  1 
ATOM   397  C  CG  . ASN A 1 76  ? -2.365  -21.674 9.450   1.00 50.49  ? 76  ASN A CG  1 
ATOM   398  O  OD1 . ASN A 1 76  ? -2.887  -20.587 9.716   1.00 48.62  ? 76  ASN A OD1 1 
ATOM   399  N  ND2 . ASN A 1 76  ? -2.325  -22.684 10.318  1.00 44.71  ? 76  ASN A ND2 1 
ATOM   400  N  N   . GLU A 1 77  ? -3.766  -20.524 6.221   1.00 43.43  ? 77  GLU A N   1 
ATOM   401  C  CA  . GLU A 1 77  ? -4.992  -19.817 5.799   1.00 44.02  ? 77  GLU A CA  1 
ATOM   402  C  C   . GLU A 1 77  ? -5.822  -19.400 7.014   1.00 47.99  ? 77  GLU A C   1 
ATOM   403  O  O   . GLU A 1 77  ? -6.451  -18.329 6.947   1.00 44.02  ? 77  GLU A O   1 
ATOM   404  C  CB  . GLU A 1 77  ? -5.825  -20.681 4.855   1.00 50.14  ? 77  GLU A CB  1 
ATOM   405  C  CG  . GLU A 1 77  ? -6.950  -19.899 4.210   1.00 57.05  ? 77  GLU A CG  1 
ATOM   406  C  CD  . GLU A 1 77  ? -7.612  -20.619 3.053   1.00 64.84  ? 77  GLU A CD  1 
ATOM   407  O  OE1 . GLU A 1 77  ? -7.022  -21.601 2.571   1.00 68.40  ? 77  GLU A OE1 1 
ATOM   408  O  OE2 . GLU A 1 77  ? -8.721  -20.204 2.647   1.00 68.70  ? 77  GLU A OE2 1 
ATOM   409  N  N   . GLU A 1 78  ? -5.892  -20.226 8.060   1.00 42.02  ? 78  GLU A N   1 
ATOM   410  C  CA  . GLU A 1 78  ? -6.591  -19.852 9.322   1.00 42.04  ? 78  GLU A CA  1 
ATOM   411  C  C   . GLU A 1 78  ? -6.059  -18.522 9.853   1.00 32.73  ? 78  GLU A C   1 
ATOM   412  O  O   . GLU A 1 78  ? -6.890  -17.681 10.343  1.00 37.09  ? 78  GLU A O   1 
ATOM   413  C  CB  . GLU A 1 78  ? -6.372  -20.901 10.420  1.00 44.22  ? 78  GLU A CB  1 
ATOM   414  C  CG  . GLU A 1 78  ? -7.532  -21.846 10.595  1.00 53.27  ? 78  GLU A CG  1 
ATOM   415  C  CD  . GLU A 1 78  ? -7.478  -22.605 11.915  1.00 58.87  ? 78  GLU A CD  1 
ATOM   416  O  OE1 . GLU A 1 78  ? -7.184  -23.817 11.879  1.00 68.59  ? 78  GLU A OE1 1 
ATOM   417  O  OE2 . GLU A 1 78  ? -7.695  -21.968 12.986  1.00 66.65  ? 78  GLU A OE2 1 
ATOM   418  N  N   . GLN A 1 79  ? -4.739  -18.384 9.859   1.00 32.91  ? 79  GLN A N   1 
ATOM   419  C  CA  . GLN A 1 79  ? -4.027  -17.226 10.462  1.00 36.38  ? 79  GLN A CA  1 
ATOM   420  C  C   . GLN A 1 79  ? -4.296  -15.991 9.589   1.00 37.49  ? 79  GLN A C   1 
ATOM   421  O  O   . GLN A 1 79  ? -4.538  -14.883 10.129  1.00 38.22  ? 79  GLN A O   1 
ATOM   422  C  CB  . GLN A 1 79  ? -2.519  -17.440 10.475  1.00 45.08  ? 79  GLN A CB  1 
ATOM   423  C  CG  . GLN A 1 79  ? -2.004  -18.389 11.543  1.00 50.22  ? 79  GLN A CG  1 
ATOM   424  C  CD  . GLN A 1 79  ? -0.724  -17.829 12.116  1.00 57.31  ? 79  GLN A CD  1 
ATOM   425  O  OE1 . GLN A 1 79  ? 0.378   -18.254 11.768  1.00 56.33  ? 79  GLN A OE1 1 
ATOM   426  N  NE2 . GLN A 1 79  ? -0.877  -16.811 12.949  1.00 62.40  ? 79  GLN A NE2 1 
ATOM   427  N  N   . TRP A 1 80  ? -4.129  -16.186 8.284   1.00 41.06  ? 80  TRP A N   1 
ATOM   428  C  CA  . TRP A 1 80  ? -4.458  -15.166 7.248   1.00 39.20  ? 80  TRP A CA  1 
ATOM   429  C  C   . TRP A 1 80  ? -5.877  -14.653 7.490   1.00 36.07  ? 80  TRP A C   1 
ATOM   430  O  O   . TRP A 1 80  ? -6.064  -13.430 7.604   1.00 37.26  ? 80  TRP A O   1 
ATOM   431  C  CB  . TRP A 1 80  ? -4.340  -15.767 5.839   1.00 37.12  ? 80  TRP A CB  1 
ATOM   432  C  CG  . TRP A 1 80  ? -4.875  -14.829 4.794   1.00 35.09  ? 80  TRP A CG  1 
ATOM   433  C  CD1 . TRP A 1 80  ? -6.153  -14.734 4.350   1.00 34.98  ? 80  TRP A CD1 1 
ATOM   434  C  CD2 . TRP A 1 80  ? -4.138  -13.796 4.130   1.00 31.67  ? 80  TRP A CD2 1 
ATOM   435  N  NE1 . TRP A 1 80  ? -6.274  -13.705 3.444   1.00 34.20  ? 80  TRP A NE1 1 
ATOM   436  C  CE2 . TRP A 1 80  ? -5.049  -13.124 3.281   1.00 31.66  ? 80  TRP A CE2 1 
ATOM   437  C  CE3 . TRP A 1 80  ? -2.801  -13.382 4.153   1.00 34.29  ? 80  TRP A CE3 1 
ATOM   438  C  CZ2 . TRP A 1 80  ? -4.642  -12.092 2.429   1.00 30.71  ? 80  TRP A CZ2 1 
ATOM   439  C  CZ3 . TRP A 1 80  ? -2.407  -12.348 3.328   1.00 39.74  ? 80  TRP A CZ3 1 
ATOM   440  C  CH2 . TRP A 1 80  ? -3.333  -11.693 2.504   1.00 32.35  ? 80  TRP A CH2 1 
ATOM   441  N  N   . ASN A 1 81  ? -6.850  -15.565 7.556   1.00 34.68  ? 81  ASN A N   1 
ATOM   442  C  CA  . ASN A 1 81  ? -8.281  -15.231 7.765   1.00 38.26  ? 81  ASN A CA  1 
ATOM   443  C  C   . ASN A 1 81  ? -8.446  -14.396 9.037   1.00 38.47  ? 81  ASN A C   1 
ATOM   444  O  O   . ASN A 1 81  ? -9.191  -13.406 8.993   1.00 33.80  ? 81  ASN A O   1 
ATOM   445  C  CB  . ASN A 1 81  ? -9.145  -16.490 7.765   1.00 39.82  ? 81  ASN A CB  1 
ATOM   446  C  CG  . ASN A 1 81  ? -9.329  -16.985 6.354   1.00 46.84  ? 81  ASN A CG  1 
ATOM   447  O  OD1 . ASN A 1 81  ? -8.916  -16.302 5.417   1.00 48.02  ? 81  ASN A OD1 1 
ATOM   448  N  ND2 . ASN A 1 81  ? -9.901  -18.170 6.200   1.00 44.55  ? 81  ASN A ND2 1 
ATOM   449  N  N   . SER A 1 82  ? -7.765  -14.748 10.131  1.00 36.01  ? 82  SER A N   1 
ATOM   450  C  CA  . SER A 1 82  ? -7.867  -13.977 11.399  1.00 40.37  ? 82  SER A CA  1 
ATOM   451  C  C   . SER A 1 82  ? -7.196  -12.617 11.245  1.00 37.25  ? 82  SER A C   1 
ATOM   452  O  O   . SER A 1 82  ? -7.749  -11.636 11.765  1.00 38.63  ? 82  SER A O   1 
ATOM   453  C  CB  . SER A 1 82  ? -7.310  -14.728 12.609  1.00 40.49  ? 82  SER A CB  1 
ATOM   454  O  OG  . SER A 1 82  ? -7.909  -16.008 12.659  1.00 54.12  ? 82  SER A OG  1 
ATOM   455  N  N   . ARG A 1 83  ? -6.050  -12.551 10.581  1.00 36.89  ? 83  ARG A N   1 
ATOM   456  C  CA  . ARG A 1 83  ? -5.327  -11.256 10.421  1.00 38.25  ? 83  ARG A CA  1 
ATOM   457  C  C   . ARG A 1 83  ? -6.151  -10.358 9.492   1.00 36.90  ? 83  ARG A C   1 
ATOM   458  O  O   . ARG A 1 83  ? -6.284  -9.151  9.790   1.00 36.06  ? 83  ARG A O   1 
ATOM   459  C  CB  . ARG A 1 83  ? -3.883  -11.445 9.944   1.00 40.24  ? 83  ARG A CB  1 
ATOM   460  C  CG  . ARG A 1 83  ? -2.897  -11.534 11.107  1.00 56.86  ? 83  ARG A CG  1 
ATOM   461  C  CD  . ARG A 1 83  ? -3.108  -10.313 11.992  1.00 68.52  ? 83  ARG A CD  1 
ATOM   462  N  NE  . ARG A 1 83  ? -2.179  -10.157 13.096  1.00 82.64  ? 83  ARG A NE  1 
ATOM   463  C  CZ  . ARG A 1 83  ? -2.210  -10.888 14.207  1.00 98.06  ? 83  ARG A CZ  1 
ATOM   464  N  NH1 . ARG A 1 83  ? -3.101  -11.860 14.340  1.00 106.86 ? 83  ARG A NH1 1 
ATOM   465  N  NH2 . ARG A 1 83  ? -1.333  -10.668 15.174  1.00 101.70 ? 83  ARG A NH2 1 
ATOM   466  N  N   . TYR A 1 84  ? -6.783  -10.953 8.484   1.00 37.06  ? 84  TYR A N   1 
ATOM   467  C  CA  . TYR A 1 84  ? -7.681  -10.207 7.560   1.00 37.36  ? 84  TYR A CA  1 
ATOM   468  C  C   . TYR A 1 84  ? -8.896  -9.612  8.316   1.00 38.21  ? 84  TYR A C   1 
ATOM   469  O  O   . TYR A 1 84  ? -9.245  -8.422  8.071   1.00 39.05  ? 84  TYR A O   1 
ATOM   470  C  CB  . TYR A 1 84  ? -8.144  -11.081 6.399   1.00 36.43  ? 84  TYR A CB  1 
ATOM   471  C  CG  . TYR A 1 84  ? -8.838  -10.240 5.360   1.00 33.05  ? 84  TYR A CG  1 
ATOM   472  C  CD1 . TYR A 1 84  ? -8.093  -9.498  4.462   1.00 32.72  ? 84  TYR A CD1 1 
ATOM   473  C  CD2 . TYR A 1 84  ? -10.205 -10.055 5.381   1.00 36.89  ? 84  TYR A CD2 1 
ATOM   474  C  CE1 . TYR A 1 84  ? -8.723  -8.660  3.548   1.00 29.04  ? 84  TYR A CE1 1 
ATOM   475  C  CE2 . TYR A 1 84  ? -10.837 -9.219  4.471   1.00 36.20  ? 84  TYR A CE2 1 
ATOM   476  C  CZ  . TYR A 1 84  ? -10.083 -8.552  3.525   1.00 30.18  ? 84  TYR A CZ  1 
ATOM   477  O  OH  . TYR A 1 84  ? -10.649 -7.687  2.630   1.00 31.68  ? 84  TYR A OH  1 
ATOM   478  N  N   . GLU A 1 85  ? -9.576  -10.377 9.180   1.00 37.86  ? 85  GLU A N   1 
ATOM   479  C  CA  . GLU A 1 85  ? -10.714 -9.842  9.983   1.00 40.24  ? 85  GLU A CA  1 
ATOM   480  C  C   . GLU A 1 85  ? -10.216 -8.719  10.905  1.00 36.58  ? 85  GLU A C   1 
ATOM   481  O  O   . GLU A 1 85  ? -10.927 -7.717  11.051  1.00 38.02  ? 85  GLU A O   1 
ATOM   482  C  CB  . GLU A 1 85  ? -11.447 -10.965 10.715  1.00 47.59  ? 85  GLU A CB  1 
ATOM   483  C  CG  . GLU A 1 85  ? -12.170 -11.923 9.760   1.00 55.47  ? 85  GLU A CG  1 
ATOM   484  C  CD  . GLU A 1 85  ? -13.054 -11.294 8.681   1.00 62.27  ? 85  GLU A CD  1 
ATOM   485  O  OE1 . GLU A 1 85  ? -12.898 -11.642 7.488   1.00 52.09  ? 85  GLU A OE1 1 
ATOM   486  O  OE2 . GLU A 1 85  ? -13.910 -10.456 9.035   1.00 70.96  ? 85  GLU A OE2 1 
ATOM   487  N  N   . TRP A 1 86  ? -9.025  -8.857  11.479  1.00 38.47  ? 86  TRP A N   1 
ATOM   488  C  CA  . TRP A 1 86  ? -8.401  -7.828  12.339  1.00 39.42  ? 86  TRP A CA  1 
ATOM   489  C  C   . TRP A 1 86  ? -8.236  -6.506  11.565  1.00 41.48  ? 86  TRP A C   1 
ATOM   490  O  O   . TRP A 1 86  ? -8.685  -5.471  12.060  1.00 41.07  ? 86  TRP A O   1 
ATOM   491  C  CB  . TRP A 1 86  ? -7.077  -8.329  12.940  1.00 48.57  ? 86  TRP A CB  1 
ATOM   492  C  CG  . TRP A 1 86  ? -6.562  -7.337  13.929  1.00 56.12  ? 86  TRP A CG  1 
ATOM   493  C  CD1 . TRP A 1 86  ? -6.977  -7.156  15.217  1.00 60.36  ? 86  TRP A CD1 1 
ATOM   494  C  CD2 . TRP A 1 86  ? -5.658  -6.261  13.637  1.00 61.97  ? 86  TRP A CD2 1 
ATOM   495  N  NE1 . TRP A 1 86  ? -6.334  -6.082  15.769  1.00 62.89  ? 86  TRP A NE1 1 
ATOM   496  C  CE2 . TRP A 1 86  ? -5.542  -5.496  14.815  1.00 63.96  ? 86  TRP A CE2 1 
ATOM   497  C  CE3 . TRP A 1 86  ? -4.936  -5.880  12.499  1.00 63.51  ? 86  TRP A CE3 1 
ATOM   498  C  CZ2 . TRP A 1 86  ? -4.702  -4.387  14.890  1.00 74.53  ? 86  TRP A CZ2 1 
ATOM   499  C  CZ3 . TRP A 1 86  ? -4.128  -4.769  12.570  1.00 66.02  ? 86  TRP A CZ3 1 
ATOM   500  C  CH2 . TRP A 1 86  ? -4.016  -4.037  13.749  1.00 72.60  ? 86  TRP A CH2 1 
ATOM   501  N  N   . ILE A 1 87  ? -7.665  -6.525  10.361  1.00 44.28  ? 87  ILE A N   1 
ATOM   502  C  CA  . ILE A 1 87  ? -7.435  -5.264  9.588   1.00 40.43  ? 87  ILE A CA  1 
ATOM   503  C  C   . ILE A 1 87  ? -8.785  -4.700  9.138   1.00 35.77  ? 87  ILE A C   1 
ATOM   504  O  O   . ILE A 1 87  ? -8.949  -3.464  9.170   1.00 33.92  ? 87  ILE A O   1 
ATOM   505  C  CB  . ILE A 1 87  ? -6.490  -5.495  8.387   1.00 42.95  ? 87  ILE A CB  1 
ATOM   506  C  CG1 . ILE A 1 87  ? -5.057  -5.761  8.842   1.00 54.87  ? 87  ILE A CG1 1 
ATOM   507  C  CG2 . ILE A 1 87  ? -6.532  -4.321  7.419   1.00 45.38  ? 87  ILE A CG2 1 
ATOM   508  C  CD1 . ILE A 1 87  ? -4.336  -4.536  9.353   1.00 57.00  ? 87  ILE A CD1 1 
ATOM   509  N  N   . ARG A 1 88  ? -9.698  -5.562  8.706   1.00 33.78  ? 88  ARG A N   1 
ATOM   510  C  CA  . ARG A 1 88  ? -11.058 -5.183  8.238   1.00 37.64  ? 88  ARG A CA  1 
ATOM   511  C  C   . ARG A 1 88  ? -11.782 -4.467  9.385   1.00 31.80  ? 88  ARG A C   1 
ATOM   512  O  O   . ARG A 1 88  ? -12.471 -3.525  9.096   1.00 32.54  ? 88  ARG A O   1 
ATOM   513  C  CB  . ARG A 1 88  ? -11.871 -6.386  7.752   1.00 43.88  ? 88  ARG A CB  1 
ATOM   514  C  CG  . ARG A 1 88  ? -13.118 -6.024  6.956   1.00 55.34  ? 88  ARG A CG  1 
ATOM   515  C  CD  . ARG A 1 88  ? -14.150 -7.145  6.906   1.00 65.32  ? 88  ARG A CD  1 
ATOM   516  N  NE  . ARG A 1 88  ? -14.158 -7.952  8.128   1.00 79.19  ? 88  ARG A NE  1 
ATOM   517  C  CZ  . ARG A 1 88  ? -14.611 -7.554  9.327   1.00 86.89  ? 88  ARG A CZ  1 
ATOM   518  N  NH1 . ARG A 1 88  ? -15.128 -6.347  9.496   1.00 89.82  ? 88  ARG A NH1 1 
ATOM   519  N  NH2 . ARG A 1 88  ? -14.533 -8.371  10.365  1.00 90.14  ? 88  ARG A NH2 1 
ATOM   520  N  N   . ALA A 1 89  ? -11.514 -4.811  10.634  1.00 35.16  ? 89  ALA A N   1 
ATOM   521  C  CA  . ALA A 1 89  ? -12.112 -4.105  11.795  1.00 38.39  ? 89  ALA A CA  1 
ATOM   522  C  C   . ALA A 1 89  ? -11.583 -2.675  11.869  1.00 38.28  ? 89  ALA A C   1 
ATOM   523  O  O   . ALA A 1 89  ? -12.292 -1.841  12.443  1.00 42.77  ? 89  ALA A O   1 
ATOM   524  C  CB  . ALA A 1 89  ? -11.839 -4.855  13.084  1.00 39.44  ? 89  ALA A CB  1 
ATOM   525  N  N   . ARG A 1 90  ? -10.422 -2.398  11.260  1.00 36.07  ? 90  ARG A N   1 
ATOM   526  C  CA  . ARG A 1 90  ? -9.754  -1.061  11.230  1.00 39.71  ? 90  ARG A CA  1 
ATOM   527  C  C   . ARG A 1 90  ? -9.631  -0.526  9.789   1.00 31.89  ? 90  ARG A C   1 
ATOM   528  O  O   . ARG A 1 90  ? -8.656  0.204   9.489   1.00 33.95  ? 90  ARG A O   1 
ATOM   529  C  CB  . ARG A 1 90  ? -8.387  -1.208  11.890  1.00 44.61  ? 90  ARG A CB  1 
ATOM   530  C  CG  . ARG A 1 90  ? -8.468  -1.634  13.350  1.00 52.86  ? 90  ARG A CG  1 
ATOM   531  C  CD  . ARG A 1 90  ? -7.148  -2.160  13.885  1.00 64.55  ? 90  ARG A CD  1 
ATOM   532  N  NE  . ARG A 1 90  ? -7.214  -2.374  15.327  1.00 75.11  ? 90  ARG A NE  1 
ATOM   533  C  CZ  . ARG A 1 90  ? -7.885  -3.364  15.922  1.00 92.05  ? 90  ARG A CZ  1 
ATOM   534  N  NH1 . ARG A 1 90  ? -8.550  -4.268  15.211  1.00 90.17  ? 90  ARG A NH1 1 
ATOM   535  N  NH2 . ARG A 1 90  ? -7.879  -3.448  17.242  1.00 98.41  ? 90  ARG A NH2 1 
ATOM   536  N  N   . SER A 1 91  ? -10.600 -0.797  8.927   1.00 35.39  ? 91  SER A N   1 
ATOM   537  C  CA  . SER A 1 91  ? -10.530 -0.416  7.492   1.00 32.15  ? 91  SER A CA  1 
ATOM   538  C  C   . SER A 1 91  ? -10.800 1.082   7.299   1.00 33.10  ? 91  SER A C   1 
ATOM   539  O  O   . SER A 1 91  ? -10.697 1.539   6.123   1.00 35.88  ? 91  SER A O   1 
ATOM   540  C  CB  . SER A 1 91  ? -11.490 -1.271  6.668   1.00 35.20  ? 91  SER A CB  1 
ATOM   541  O  OG  . SER A 1 91  ? -12.831 -0.958  6.998   1.00 36.62  ? 91  SER A OG  1 
ATOM   542  N  N   . ASP A 1 92  ? -11.113 1.842   8.361   1.00 33.86  ? 92  ASP A N   1 
ATOM   543  C  CA  . ASP A 1 92  ? -11.103 3.342   8.295   1.00 32.77  ? 92  ASP A CA  1 
ATOM   544  C  C   . ASP A 1 92  ? -9.694  3.892   8.586   1.00 29.94  ? 92  ASP A C   1 
ATOM   545  O  O   . ASP A 1 92  ? -9.501  5.117   8.612   1.00 32.01  ? 92  ASP A O   1 
ATOM   546  C  CB  . ASP A 1 92  ? -12.141 3.947   9.245   1.00 31.99  ? 92  ASP A CB  1 
ATOM   547  C  CG  . ASP A 1 92  ? -11.880 3.708   10.722  1.00 39.69  ? 92  ASP A CG  1 
ATOM   548  O  OD1 . ASP A 1 92  ? -10.983 2.905   11.055  1.00 39.37  ? 92  ASP A OD1 1 
ATOM   549  O  OD2 . ASP A 1 92  ? -12.581 4.346   11.551  1.00 38.90  ? 92  ASP A OD2 1 
ATOM   550  N  N   . GLU A 1 93  ? -8.728  3.032   8.845   1.00 31.36  ? 93  GLU A N   1 
ATOM   551  C  CA  . GLU A 1 93  ? -7.355  3.477   9.179   1.00 32.83  ? 93  GLU A CA  1 
ATOM   552  C  C   . GLU A 1 93  ? -6.319  2.822   8.274   1.00 31.57  ? 93  GLU A C   1 
ATOM   553  O  O   . GLU A 1 93  ? -5.361  3.495   7.898   1.00 30.23  ? 93  GLU A O   1 
ATOM   554  C  CB  . GLU A 1 93  ? -6.991  3.019   10.588  1.00 39.24  ? 93  GLU A CB  1 
ATOM   555  C  CG  . GLU A 1 93  ? -7.570  3.860   11.700  1.00 49.41  ? 93  GLU A CG  1 
ATOM   556  C  CD  . GLU A 1 93  ? -6.834  3.489   12.972  1.00 51.24  ? 93  GLU A CD  1 
ATOM   557  O  OE1 . GLU A 1 93  ? -5.710  3.994   13.163  1.00 61.39  ? 93  GLU A OE1 1 
ATOM   558  O  OE2 . GLU A 1 93  ? -7.304  2.591   13.659  1.00 52.97  ? 93  GLU A OE2 1 
ATOM   559  N  N   . TYR A 1 94  ? -6.452  1.512   8.029   1.00 28.70  ? 94  TYR A N   1 
ATOM   560  C  CA  . TYR A 1 94  ? -5.424  0.685   7.363   1.00 26.36  ? 94  TYR A CA  1 
ATOM   561  C  C   . TYR A 1 94  ? -5.917  0.369   5.950   1.00 25.22  ? 94  TYR A C   1 
ATOM   562  O  O   . TYR A 1 94  ? -6.774  -0.501  5.821   1.00 26.92  ? 94  TYR A O   1 
ATOM   563  C  CB  . TYR A 1 94  ? -5.130  -0.617  8.108   1.00 28.86  ? 94  TYR A CB  1 
ATOM   564  C  CG  . TYR A 1 94  ? -4.362  -0.470  9.392   1.00 38.22  ? 94  TYR A CG  1 
ATOM   565  C  CD1 . TYR A 1 94  ? -2.978  -0.587  9.435   1.00 40.63  ? 94  TYR A CD1 1 
ATOM   566  C  CD2 . TYR A 1 94  ? -5.032  -0.242  10.587  1.00 42.92  ? 94  TYR A CD2 1 
ATOM   567  C  CE1 . TYR A 1 94  ? -2.282  -0.442  10.624  1.00 46.71  ? 94  TYR A CE1 1 
ATOM   568  C  CE2 . TYR A 1 94  ? -4.345  -0.060  11.782  1.00 40.98  ? 94  TYR A CE2 1 
ATOM   569  C  CZ  . TYR A 1 94  ? -2.969  -0.182  11.802  1.00 39.87  ? 94  TYR A CZ  1 
ATOM   570  O  OH  . TYR A 1 94  ? -2.304  -0.066  12.986  1.00 43.59  ? 94  TYR A OH  1 
ATOM   571  N  N   . TYR A 1 95  ? -5.366  1.074   4.971   1.00 22.44  ? 95  TYR A N   1 
ATOM   572  C  CA  . TYR A 1 95  ? -5.720  0.958   3.522   1.00 23.42  ? 95  TYR A CA  1 
ATOM   573  C  C   . TYR A 1 95  ? -4.573  0.195   2.856   1.00 23.56  ? 95  TYR A C   1 
ATOM   574  O  O   . TYR A 1 95  ? -3.516  0.773   2.577   1.00 27.12  ? 95  TYR A O   1 
ATOM   575  C  CB  . TYR A 1 95  ? -5.970  2.322   2.879   1.00 23.61  ? 95  TYR A CB  1 
ATOM   576  C  CG  . TYR A 1 95  ? -7.144  3.083   3.441   1.00 24.00  ? 95  TYR A CG  1 
ATOM   577  C  CD1 . TYR A 1 95  ? -8.428  2.922   2.954   1.00 28.03  ? 95  TYR A CD1 1 
ATOM   578  C  CD2 . TYR A 1 95  ? -6.971  3.820   4.600   1.00 27.67  ? 95  TYR A CD2 1 
ATOM   579  C  CE1 . TYR A 1 95  ? -9.518  3.575   3.531   1.00 28.70  ? 95  TYR A CE1 1 
ATOM   580  C  CE2 . TYR A 1 95  ? -8.031  4.479   5.180   1.00 29.82  ? 95  TYR A CE2 1 
ATOM   581  C  CZ  . TYR A 1 95  ? -9.300  4.357   4.645   1.00 32.24  ? 95  TYR A CZ  1 
ATOM   582  O  OH  . TYR A 1 95  ? -10.331 5.008   5.273   1.00 35.68  ? 95  TYR A OH  1 
ATOM   583  N  N   . LEU A 1 96  ? -4.794  -1.070  2.598   1.00 22.38  ? 96  LEU A N   1 
ATOM   584  C  CA  . LEU A 1 96  ? -3.818  -1.956  1.938   1.00 22.19  ? 96  LEU A CA  1 
ATOM   585  C  C   . LEU A 1 96  ? -4.293  -2.221  0.514   1.00 22.76  ? 96  LEU A C   1 
ATOM   586  O  O   . LEU A 1 96  ? -5.432  -2.704  0.306   1.00 23.07  ? 96  LEU A O   1 
ATOM   587  C  CB  . LEU A 1 96  ? -3.660  -3.260  2.697   1.00 27.09  ? 96  LEU A CB  1 
ATOM   588  C  CG  . LEU A 1 96  ? -2.681  -3.231  3.842   1.00 33.14  ? 96  LEU A CG  1 
ATOM   589  C  CD1 . LEU A 1 96  ? -3.121  -2.219  4.886   1.00 39.27  ? 96  LEU A CD1 1 
ATOM   590  C  CD2 . LEU A 1 96  ? -2.494  -4.650  4.401   1.00 35.82  ? 96  LEU A CD2 1 
ATOM   591  N  N   . LEU A 1 97  ? -3.475  -1.860  -0.440  1.00 21.25  ? 97  LEU A N   1 
ATOM   592  C  CA  . LEU A 1 97  ? -3.836  -2.163  -1.828  1.00 21.43  ? 97  LEU A CA  1 
ATOM   593  C  C   . LEU A 1 97  ? -2.749  -3.006  -2.499  1.00 22.05  ? 97  LEU A C   1 
ATOM   594  O  O   . LEU A 1 97  ? -1.622  -3.168  -2.000  1.00 22.29  ? 97  LEU A O   1 
ATOM   595  C  CB  . LEU A 1 97  ? -4.225  -0.898  -2.571  1.00 24.66  ? 97  LEU A CB  1 
ATOM   596  C  CG  . LEU A 1 97  ? -3.256  0.261   -2.557  1.00 23.92  ? 97  LEU A CG  1 
ATOM   597  C  CD1 . LEU A 1 97  ? -1.961  -0.061  -3.262  1.00 28.11  ? 97  LEU A CD1 1 
ATOM   598  C  CD2 . LEU A 1 97  ? -3.915  1.504   -3.137  1.00 25.71  ? 97  LEU A CD2 1 
ATOM   599  N  N   . VAL A 1 98  ? -3.140  -3.597  -3.620  1.00 22.18  ? 98  VAL A N   1 
ATOM   600  C  CA  . VAL A 1 98  ? -2.286  -4.523  -4.377  1.00 22.42  ? 98  VAL A CA  1 
ATOM   601  C  C   . VAL A 1 98  ? -2.332  -4.196  -5.853  1.00 23.19  ? 98  VAL A C   1 
ATOM   602  O  O   . VAL A 1 98  ? -3.330  -3.594  -6.325  1.00 23.53  ? 98  VAL A O   1 
ATOM   603  C  CB  . VAL A 1 98  ? -2.714  -5.979  -4.146  1.00 23.89  ? 98  VAL A CB  1 
ATOM   604  C  CG1 . VAL A 1 98  ? -2.537  -6.364  -2.692  1.00 24.67  ? 98  VAL A CG1 1 
ATOM   605  C  CG2 . VAL A 1 98  ? -4.116  -6.257  -4.660  1.00 24.92  ? 98  VAL A CG2 1 
ATOM   606  N  N   . VAL A 1 99  ? -1.240  -4.542  -6.511  1.00 22.96  ? 99  VAL A N   1 
ATOM   607  C  CA  . VAL A 1 99  ? -1.148  -4.578  -7.991  1.00 23.07  ? 99  VAL A CA  1 
ATOM   608  C  C   . VAL A 1 99  ? -1.228  -6.052  -8.364  1.00 21.95  ? 99  VAL A C   1 
ATOM   609  O  O   . VAL A 1 99  ? -0.414  -6.796  -7.882  1.00 22.87  ? 99  VAL A O   1 
ATOM   610  C  CB  . VAL A 1 99  ? 0.151   -3.965  -8.523  1.00 25.50  ? 99  VAL A CB  1 
ATOM   611  C  CG1 . VAL A 1 99  ? 0.161   -4.041  -10.048 1.00 25.40  ? 99  VAL A CG1 1 
ATOM   612  C  CG2 . VAL A 1 99  ? 0.327   -2.529  -8.050  1.00 29.73  ? 99  VAL A CG2 1 
ATOM   613  N  N   . CYS A 1 100 ? -2.203  -6.378  -9.201  1.00 24.60  ? 100 CYS A N   1 
ATOM   614  C  CA  . CYS A 1 100 ? -2.596  -7.717  -9.700  1.00 28.63  ? 100 CYS A CA  1 
ATOM   615  C  C   . CYS A 1 100 ? -2.168  -7.720  -11.181 1.00 27.78  ? 100 CYS A C   1 
ATOM   616  O  O   . CYS A 1 100 ? -2.492  -6.746  -11.866 1.00 29.33  ? 100 CYS A O   1 
ATOM   617  C  CB  . CYS A 1 100 ? -4.109  -7.824  -9.474  1.00 33.07  ? 100 CYS A CB  1 
ATOM   618  S  SG  . CYS A 1 100 ? -4.766  -9.482  -9.562  1.00 41.01  ? 100 CYS A SG  1 
ATOM   619  N  N   . ASP A 1 101 ? -1.488  -8.760  -11.657 1.00 27.94  ? 101 ASP A N   1 
ATOM   620  C  CA  . ASP A 1 101 ? -1.011  -8.790  -13.062 1.00 29.41  ? 101 ASP A CA  1 
ATOM   621  C  C   . ASP A 1 101 ? -2.126  -9.226  -14.033 1.00 33.14  ? 101 ASP A C   1 
ATOM   622  O  O   . ASP A 1 101 ? -1.823  -9.346  -15.242 1.00 32.66  ? 101 ASP A O   1 
ATOM   623  C  CB  . ASP A 1 101 ? 0.263   -9.611  -13.175 1.00 31.04  ? 101 ASP A CB  1 
ATOM   624  C  CG  . ASP A 1 101 ? 0.096   -11.114 -12.964 1.00 34.01  ? 101 ASP A CG  1 
ATOM   625  O  OD1 . ASP A 1 101 ? 1.121   -11.815 -13.005 1.00 34.66  ? 101 ASP A OD1 1 
ATOM   626  O  OD2 . ASP A 1 101 ? -1.032  -11.534 -12.646 1.00 30.10  ? 101 ASP A OD2 1 
ATOM   627  N  N   . GLY A 1 102 ? -3.361  -9.467  -13.578 1.00 27.50  ? 102 GLY A N   1 
ATOM   628  C  CA  . GLY A 1 102 ? -4.433  -9.938  -14.475 1.00 30.85  ? 102 GLY A CA  1 
ATOM   629  C  C   . GLY A 1 102 ? -4.344  -11.449 -14.767 1.00 31.35  ? 102 GLY A C   1 
ATOM   630  O  O   . GLY A 1 102 ? -5.196  -11.947 -15.594 1.00 36.06  ? 102 GLY A O   1 
ATOM   631  N  N   . GLU A 1 103 ? -3.370  -12.148 -14.183 1.00 30.12  ? 103 GLU A N   1 
ATOM   632  C  CA  . GLU A 1 103 ? -3.189  -13.624 -14.257 1.00 33.10  ? 103 GLU A CA  1 
ATOM   633  C  C   . GLU A 1 103 ? -3.160  -14.198 -12.835 1.00 30.60  ? 103 GLU A C   1 
ATOM   634  O  O   . GLU A 1 103 ? -2.475  -15.204 -12.604 1.00 30.27  ? 103 GLU A O   1 
ATOM   635  C  CB  . GLU A 1 103 ? -1.923  -13.917 -15.060 1.00 34.21  ? 103 GLU A CB  1 
ATOM   636  C  CG  . GLU A 1 103 ? -2.009  -13.318 -16.467 1.00 36.62  ? 103 GLU A CG  1 
ATOM   637  C  CD  . GLU A 1 103 ? -3.127  -13.885 -17.320 1.00 41.72  ? 103 GLU A CD  1 
ATOM   638  O  OE1 . GLU A 1 103 ? -3.539  -15.032 -17.022 1.00 38.84  ? 103 GLU A OE1 1 
ATOM   639  O  OE2 . GLU A 1 103 ? -3.618  -13.166 -18.256 1.00 43.70  ? 103 GLU A OE2 1 
ATOM   640  N  N   . GLY A 1 104 ? -3.816  -13.536 -11.877 1.00 29.52  ? 104 GLY A N   1 
ATOM   641  C  CA  . GLY A 1 104 ? -3.972  -14.113 -10.542 1.00 28.69  ? 104 GLY A CA  1 
ATOM   642  C  C   . GLY A 1 104 ? -2.743  -13.961 -9.666  1.00 29.84  ? 104 GLY A C   1 
ATOM   643  O  O   . GLY A 1 104 ? -2.708  -14.617 -8.627  1.00 29.70  ? 104 GLY A O   1 
ATOM   644  N  N   . ARG A 1 105 ? -1.782  -13.077 -10.018 1.00 26.74  ? 105 ARG A N   1 
ATOM   645  C  CA  . ARG A 1 105 ? -0.563  -12.895 -9.231  1.00 30.35  ? 105 ARG A CA  1 
ATOM   646  C  C   . ARG A 1 105 ? -0.464  -11.448 -8.744  1.00 23.40  ? 105 ARG A C   1 
ATOM   647  O  O   . ARG A 1 105 ? -0.527  -10.536 -9.605  1.00 27.16  ? 105 ARG A O   1 
ATOM   648  C  CB  . ARG A 1 105 ? 0.665   -13.301 -10.040 1.00 33.66  ? 105 ARG A CB  1 
ATOM   649  C  CG  . ARG A 1 105 ? 1.943   -13.315 -9.212  1.00 39.72  ? 105 ARG A CG  1 
ATOM   650  C  CD  . ARG A 1 105 ? 3.102   -13.799 -10.062 1.00 48.22  ? 105 ARG A CD  1 
ATOM   651  N  NE  . ARG A 1 105 ? 2.981   -15.255 -10.216 1.00 59.77  ? 105 ARG A NE  1 
ATOM   652  C  CZ  . ARG A 1 105 ? 2.965   -15.939 -11.371 1.00 68.22  ? 105 ARG A CZ  1 
ATOM   653  N  NH1 . ARG A 1 105 ? 3.085   -15.340 -12.546 1.00 69.43  ? 105 ARG A NH1 1 
ATOM   654  N  NH2 . ARG A 1 105 ? 2.845   -17.254 -11.337 1.00 71.17  ? 105 ARG A NH2 1 
ATOM   655  N  N   . ILE A 1 106 ? -0.396  -11.311 -7.423  1.00 25.97  ? 106 ILE A N   1 
ATOM   656  C  CA  . ILE A 1 106 ? -0.016  -10.012 -6.790  1.00 26.78  ? 106 ILE A CA  1 
ATOM   657  C  C   . ILE A 1 106 ? 1.469   -9.779  -7.093  1.00 26.19  ? 106 ILE A C   1 
ATOM   658  O  O   . ILE A 1 106 ? 2.316   -10.630 -6.740  1.00 28.52  ? 106 ILE A O   1 
ATOM   659  C  CB  . ILE A 1 106 ? -0.310  -9.964  -5.276  1.00 28.41  ? 106 ILE A CB  1 
ATOM   660  C  CG1 . ILE A 1 106 ? -1.766  -10.263 -4.890  1.00 32.07  ? 106 ILE A CG1 1 
ATOM   661  C  CG2 . ILE A 1 106 ? 0.165   -8.632  -4.704  1.00 25.90  ? 106 ILE A CG2 1 
ATOM   662  C  CD1 . ILE A 1 106 ? -2.758  -9.691  -5.834  1.00 34.24  ? 106 ILE A CD1 1 
ATOM   663  N  N   . VAL A 1 107 ? 1.796   -8.628  -7.667  1.00 24.66  ? 107 VAL A N   1 
ATOM   664  C  CA  . VAL A 1 107 ? 3.209   -8.287  -7.976  1.00 24.81  ? 107 VAL A CA  1 
ATOM   665  C  C   . VAL A 1 107 ? 3.625   -7.012  -7.246  1.00 28.08  ? 107 VAL A C   1 
ATOM   666  O  O   . VAL A 1 107 ? 4.774   -6.613  -7.374  1.00 27.57  ? 107 VAL A O   1 
ATOM   667  C  CB  . VAL A 1 107 ? 3.400   -8.168  -9.485  1.00 26.86  ? 107 VAL A CB  1 
ATOM   668  C  CG1 . VAL A 1 107 ? 3.105   -9.518  -10.145 1.00 32.20  ? 107 VAL A CG1 1 
ATOM   669  C  CG2 . VAL A 1 107 ? 2.544   -7.081  -10.113 1.00 27.76  ? 107 VAL A CG2 1 
ATOM   670  N  N   . GLY A 1 108 ? 2.726   -6.367  -6.526  1.00 26.17  ? 108 GLY A N   1 
ATOM   671  C  CA  . GLY A 1 108 ? 3.112   -5.175  -5.749  1.00 24.66  ? 108 GLY A CA  1 
ATOM   672  C  C   . GLY A 1 108 ? 2.089   -4.866  -4.690  1.00 24.37  ? 108 GLY A C   1 
ATOM   673  O  O   . GLY A 1 108 ? 0.906   -5.316  -4.826  1.00 23.73  ? 108 GLY A O   1 
ATOM   674  N  N   . THR A 1 109 ? 2.523   -4.195  -3.621  1.00 23.31  ? 109 THR A N   1 
ATOM   675  C  CA  . THR A 1 109 ? 1.623   -3.826  -2.518  1.00 23.08  ? 109 THR A CA  1 
ATOM   676  C  C   . THR A 1 109 ? 2.057   -2.505  -1.932  1.00 22.74  ? 109 THR A C   1 
ATOM   677  O  O   . THR A 1 109 ? 3.216   -2.079  -2.109  1.00 22.73  ? 109 THR A O   1 
ATOM   678  C  CB  . THR A 1 109 ? 1.532   -4.957  -1.485  1.00 29.72  ? 109 THR A CB  1 
ATOM   679  O  OG1 . THR A 1 109 ? 0.385   -4.669  -0.670  1.00 35.62  ? 109 THR A OG1 1 
ATOM   680  C  CG2 . THR A 1 109 ? 2.760   -5.127  -0.637  1.00 30.77  ? 109 THR A CG2 1 
ATOM   681  N  N   . GLY A 1 110 ? 1.128   -1.858  -1.270  1.00 22.35  ? 110 GLY A N   1 
ATOM   682  C  CA  . GLY A 1 110 ? 1.455   -0.725  -0.400  1.00 22.42  ? 110 GLY A CA  1 
ATOM   683  C  C   . GLY A 1 110 ? 0.333   -0.414  0.553   1.00 23.36  ? 110 GLY A C   1 
ATOM   684  O  O   . GLY A 1 110 ? -0.801  -0.834  0.317   1.00 22.82  ? 110 GLY A O   1 
ATOM   685  N  N   . SER A 1 111 ? 0.673   0.291   1.628   1.00 23.00  ? 111 SER A N   1 
ATOM   686  C  CA  . SER A 1 111 ? -0.214  0.627   2.759   1.00 26.60  ? 111 SER A CA  1 
ATOM   687  C  C   . SER A 1 111 ? -0.244  2.137   2.953   1.00 23.29  ? 111 SER A C   1 
ATOM   688  O  O   . SER A 1 111 ? 0.799   2.836   2.818   1.00 23.84  ? 111 SER A O   1 
ATOM   689  C  CB  . SER A 1 111 ? 0.214   -0.030  4.055   1.00 27.93  ? 111 SER A CB  1 
ATOM   690  O  OG  . SER A 1 111 ? 0.253   -1.428  3.925   1.00 28.15  ? 111 SER A OG  1 
ATOM   691  N  N   . LEU A 1 112 ? -1.441  2.608   3.194   1.00 23.29  ? 112 LEU A N   1 
ATOM   692  C  CA  . LEU A 1 112 ? -1.687  3.946   3.726   1.00 24.60  ? 112 LEU A CA  1 
ATOM   693  C  C   . LEU A 1 112 ? -2.327  3.763   5.097   1.00 25.91  ? 112 LEU A C   1 
ATOM   694  O  O   . LEU A 1 112 ? -3.374  3.083   5.198   1.00 26.13  ? 112 LEU A O   1 
ATOM   695  C  CB  . LEU A 1 112 ? -2.585  4.730   2.789   1.00 23.47  ? 112 LEU A CB  1 
ATOM   696  C  CG  . LEU A 1 112 ? -2.965  6.104   3.358   1.00 25.90  ? 112 LEU A CG  1 
ATOM   697  C  CD1 . LEU A 1 112 ? -1.797  7.051   3.183   1.00 27.92  ? 112 LEU A CD1 1 
ATOM   698  C  CD2 . LEU A 1 112 ? -4.199  6.662   2.693   1.00 27.60  ? 112 LEU A CD2 1 
ATOM   699  N  N   . VAL A 1 113 ? -1.739  4.347   6.124   1.00 25.67  ? 113 VAL A N   1 
ATOM   700  C  CA  . VAL A 1 113 ? -2.368  4.333   7.465   1.00 26.99  ? 113 VAL A CA  1 
ATOM   701  C  C   . VAL A 1 113 ? -2.825  5.768   7.730   1.00 26.06  ? 113 VAL A C   1 
ATOM   702  O  O   . VAL A 1 113 ? -2.011  6.663   7.627   1.00 25.21  ? 113 VAL A O   1 
ATOM   703  C  CB  . VAL A 1 113 ? -1.432  3.800   8.552   1.00 31.21  ? 113 VAL A CB  1 
ATOM   704  C  CG1 . VAL A 1 113 ? -2.118  3.802   9.905   1.00 33.22  ? 113 VAL A CG1 1 
ATOM   705  C  CG2 . VAL A 1 113 ? -0.931  2.419   8.195   1.00 35.91  ? 113 VAL A CG2 1 
ATOM   706  N  N   . VAL A 1 114 ? -4.118  5.945   7.948   1.00 26.13  ? 114 VAL A N   1 
ATOM   707  C  CA  . VAL A 1 114 ? -4.708  7.288   8.132   1.00 27.08  ? 114 VAL A CA  1 
ATOM   708  C  C   . VAL A 1 114 ? -4.780  7.527   9.640   1.00 27.97  ? 114 VAL A C   1 
ATOM   709  O  O   . VAL A 1 114 ? -5.465  6.800   10.332  1.00 31.11  ? 114 VAL A O   1 
ATOM   710  C  CB  . VAL A 1 114 ? -6.054  7.412   7.400   1.00 30.08  ? 114 VAL A CB  1 
ATOM   711  C  CG1 . VAL A 1 114 ? -6.731  8.742   7.719   1.00 29.87  ? 114 VAL A CG1 1 
ATOM   712  C  CG2 . VAL A 1 114 ? -5.847  7.264   5.896   1.00 32.86  ? 114 VAL A CG2 1 
ATOM   713  N  N   . GLU A 1 115 ? -4.045  8.530   10.096  1.00 30.05  ? 115 GLU A N   1 
ATOM   714  C  CA  . GLU A 1 115 ? -3.948  8.922   11.514  1.00 35.76  ? 115 GLU A CA  1 
ATOM   715  C  C   . GLU A 1 115 ? -5.018  9.991   11.718  1.00 35.16  ? 115 GLU A C   1 
ATOM   716  O  O   . GLU A 1 115 ? -4.902  11.061  11.138  1.00 35.65  ? 115 GLU A O   1 
ATOM   717  C  CB  . GLU A 1 115 ? -2.529  9.429   11.777  1.00 36.63  ? 115 GLU A CB  1 
ATOM   718  C  CG  . GLU A 1 115 ? -2.235  9.726   13.240  1.00 42.75  ? 115 GLU A CG  1 
ATOM   719  C  CD  . GLU A 1 115 ? -0.964  10.536  13.469  1.00 42.08  ? 115 GLU A CD  1 
ATOM   720  O  OE1 . GLU A 1 115 ? -0.344  11.046  12.447  1.00 36.69  ? 115 GLU A OE1 1 
ATOM   721  O  OE2 . GLU A 1 115 ? -0.615  10.721  14.679  1.00 49.35  ? 115 GLU A OE2 1 
ATOM   722  N  N   . ARG A 1 116 ? -6.100  9.623   12.373  1.00 42.31  ? 116 ARG A N   1 
ATOM   723  C  CA  . ARG A 1 116 ? -7.170  10.564  12.791  1.00 48.79  ? 116 ARG A CA  1 
ATOM   724  C  C   . ARG A 1 116 ? -6.755  11.076  14.183  1.00 47.62  ? 116 ARG A C   1 
ATOM   725  O  O   . ARG A 1 116 ? -6.766  10.260  15.097  1.00 50.62  ? 116 ARG A O   1 
ATOM   726  C  CB  . ARG A 1 116 ? -8.516  9.822   12.726  1.00 46.76  ? 116 ARG A CB  1 
ATOM   727  C  CG  . ARG A 1 116 ? -8.898  9.331   11.330  1.00 53.66  ? 116 ARG A CG  1 
ATOM   728  C  CD  . ARG A 1 116 ? -10.110 8.399   11.202  1.00 51.13  ? 116 ARG A CD  1 
ATOM   729  N  NE  . ARG A 1 116 ? -10.118 7.669   9.920   1.00 49.65  ? 116 ARG A NE  1 
ATOM   730  C  CZ  . ARG A 1 116 ? -10.757 8.026   8.786   1.00 50.80  ? 116 ARG A CZ  1 
ATOM   731  N  NH1 . ARG A 1 116 ? -11.516 9.117   8.724   1.00 49.42  ? 116 ARG A NH1 1 
ATOM   732  N  NH2 . ARG A 1 116 ? -10.628 7.281   7.686   1.00 48.45  ? 116 ARG A NH2 1 
ATOM   733  N  N   . LYS A 1 117 ? -6.313  12.336  14.273  1.00 50.69  ? 117 LYS A N   1 
ATOM   734  C  CA  . LYS A 1 117 ? -5.911  13.076  15.500  1.00 46.73  ? 117 LYS A CA  1 
ATOM   735  C  C   . LYS A 1 117 ? -7.089  13.188  16.494  1.00 50.47  ? 117 LYS A C   1 
ATOM   736  O  O   . LYS A 1 117 ? -8.247  13.431  16.070  1.00 46.29  ? 117 LYS A O   1 
ATOM   737  C  CB  . LYS A 1 117 ? -5.471  14.501  15.154  1.00 50.98  ? 117 LYS A CB  1 
ATOM   738  C  CG  . LYS A 1 117 ? -3.987  14.847  15.241  1.00 58.05  ? 117 LYS A CG  1 
ATOM   739  C  CD  . LYS A 1 117 ? -3.011  13.911  14.557  1.00 52.42  ? 117 LYS A CD  1 
ATOM   740  C  CE  . LYS A 1 117 ? -1.699  14.593  14.220  1.00 49.13  ? 117 LYS A CE  1 
ATOM   741  N  NZ  . LYS A 1 117 ? -0.525  13.767  14.584  1.00 48.41  ? 117 LYS A NZ  1 
ATOM   742  N  N   . PHE A 1 118 ? -6.797  13.051  17.791  1.00 42.63  ? 118 PHE A N   1 
ATOM   743  C  CA  . PHE A 1 118 ? -7.724  13.331  18.918  1.00 39.24  ? 118 PHE A CA  1 
ATOM   744  C  C   . PHE A 1 118 ? -8.446  14.672  18.706  1.00 35.22  ? 118 PHE A C   1 
ATOM   745  O  O   . PHE A 1 118 ? -9.701  14.435  18.723  1.00 42.36  ? 118 PHE A O   1 
ATOM   746  C  CB  . PHE A 1 118 ? -6.973  13.297  20.257  1.00 39.49  ? 118 PHE A CB  1 
ATOM   747  C  CG  . PHE A 1 118 ? -7.812  13.619  21.465  1.00 37.72  ? 118 PHE A CG  1 
ATOM   748  C  CD1 . PHE A 1 118 ? -9.088  13.099  21.607  1.00 39.54  ? 118 PHE A CD1 1 
ATOM   749  C  CD2 . PHE A 1 118 ? -7.329  14.443  22.461  1.00 38.70  ? 118 PHE A CD2 1 
ATOM   750  C  CE1 . PHE A 1 118 ? -9.861  13.390  22.719  1.00 39.69  ? 118 PHE A CE1 1 
ATOM   751  C  CE2 . PHE A 1 118 ? -8.104  14.746  23.575  1.00 36.70  ? 118 PHE A CE2 1 
ATOM   752  C  CZ  . PHE A 1 118 ? -9.370  14.215  23.705  1.00 38.84  ? 118 PHE A CZ  1 
ATOM   753  N  N   . HIS A 1 120 ? -5.025  19.070  14.498  1.00 60.48  ? 120 HIS A N   1 
ATOM   754  C  CA  . HIS A 1 120 ? -5.096  19.992  13.321  1.00 74.31  ? 120 HIS A CA  1 
ATOM   755  C  C   . HIS A 1 120 ? -6.550  20.468  13.144  1.00 76.28  ? 120 HIS A C   1 
ATOM   756  O  O   . HIS A 1 120 ? -7.072  20.453  12.001  1.00 69.35  ? 120 HIS A O   1 
ATOM   757  C  CB  . HIS A 1 120 ? -4.505  19.294  12.079  1.00 70.77  ? 120 HIS A CB  1 
ATOM   758  C  CG  . HIS A 1 120 ? -4.208  20.175  10.904  1.00 69.31  ? 120 HIS A CG  1 
ATOM   759  N  ND1 . HIS A 1 120 ? -2.995  20.831  10.764  1.00 66.12  ? 120 HIS A ND1 1 
ATOM   760  C  CD2 . HIS A 1 120 ? -4.914  20.439  9.775   1.00 63.43  ? 120 HIS A CD2 1 
ATOM   761  C  CE1 . HIS A 1 120 ? -2.977  21.480  9.613   1.00 67.23  ? 120 HIS A CE1 1 
ATOM   762  N  NE2 . HIS A 1 120 ? -4.147  21.256  8.986   1.00 60.23  ? 120 HIS A NE2 1 
ATOM   763  N  N   . SER A 1 121 ? -7.157  20.931  14.239  1.00 80.30  ? 121 SER A N   1 
ATOM   764  C  CA  . SER A 1 121 ? -8.625  21.069  14.421  1.00 81.88  ? 121 SER A CA  1 
ATOM   765  C  C   . SER A 1 121 ? -9.206  19.682  14.190  1.00 79.07  ? 121 SER A C   1 
ATOM   766  O  O   . SER A 1 121 ? -10.128 19.583  13.383  1.00 75.38  ? 121 SER A O   1 
ATOM   767  C  CB  . SER A 1 121 ? -9.263  22.087  13.494  1.00 81.48  ? 121 SER A CB  1 
ATOM   768  O  OG  . SER A 1 121 ? -8.375  23.148  13.194  1.00 83.68  ? 121 SER A OG  1 
ATOM   769  N  N   . LEU A 1 122 ? -8.609  18.675  14.836  1.00 78.27  ? 122 LEU A N   1 
ATOM   770  C  CA  . LEU A 1 122 ? -8.916  17.223  14.741  1.00 81.59  ? 122 LEU A CA  1 
ATOM   771  C  C   . LEU A 1 122 ? -8.530  16.631  13.361  1.00 78.37  ? 122 LEU A C   1 
ATOM   772  O  O   . LEU A 1 122 ? -9.074  15.549  13.040  1.00 89.74  ? 122 LEU A O   1 
ATOM   773  C  CB  . LEU A 1 122 ? -10.370 16.980  15.201  1.00 84.47  ? 122 LEU A CB  1 
ATOM   774  C  CG  . LEU A 1 122 ? -11.587 16.922  14.246  1.00 99.63  ? 122 LEU A CG  1 
ATOM   775  C  CD1 . LEU A 1 122 ? -12.577 18.056  14.524  1.00 98.37  ? 122 LEU A CD1 1 
ATOM   776  C  CD2 . LEU A 1 122 ? -11.293 16.831  12.744  1.00 97.46  ? 122 LEU A CD2 1 
ATOM   777  N  N   . GLY A 1 123 ? -7.493  17.175  12.682  1.00 56.78  ? 123 GLY A N   1 
ATOM   778  C  CA  . GLY A 1 123 ? -7.094  16.901  11.271  1.00 53.35  ? 123 GLY A CA  1 
ATOM   779  C  C   . GLY A 1 123 ? -6.542  15.490  11.003  1.00 48.51  ? 123 GLY A C   1 
ATOM   780  O  O   . GLY A 1 123 ? -6.531  14.690  11.958  1.00 45.47  ? 123 GLY A O   1 
ATOM   781  N  N   . MET A 1 124 ? -6.141  15.163  9.746   1.00 42.27  ? 124 MET A N   1 
ATOM   782  C  CA  . MET A 1 124 ? -5.695  13.789  9.337   1.00 39.92  ? 124 MET A CA  1 
ATOM   783  C  C   . MET A 1 124 ? -4.408  13.775  8.493   1.00 30.89  ? 124 MET A C   1 
ATOM   784  O  O   . MET A 1 124 ? -4.227  14.558  7.539   1.00 35.01  ? 124 MET A O   1 
ATOM   785  C  CB  . MET A 1 124 ? -6.785  13.061  8.560   1.00 41.74  ? 124 MET A CB  1 
ATOM   786  C  CG  . MET A 1 124 ? -7.829  12.472  9.444   1.00 48.74  ? 124 MET A CG  1 
ATOM   787  S  SD  . MET A 1 124 ? -9.430  12.314  8.593   1.00 64.39  ? 124 MET A SD  1 
ATOM   788  C  CE  . MET A 1 124 ? -9.233  13.397  7.181   1.00 56.98  ? 124 MET A CE  1 
ATOM   789  N  N   . VAL A 1 125 ? -3.515  12.876  8.865   1.00 35.19  ? 125 VAL A N   1 
ATOM   790  C  CA  . VAL A 1 125 ? -2.217  12.665  8.176   1.00 31.05  ? 125 VAL A CA  1 
ATOM   791  C  C   . VAL A 1 125 ? -2.211  11.240  7.640   1.00 26.48  ? 125 VAL A C   1 
ATOM   792  O  O   . VAL A 1 125 ? -2.474  10.317  8.401   1.00 27.94  ? 125 VAL A O   1 
ATOM   793  C  CB  . VAL A 1 125 ? -1.047  12.886  9.157   1.00 34.12  ? 125 VAL A CB  1 
ATOM   794  C  CG1 . VAL A 1 125 ? 0.302   12.667  8.479   1.00 32.83  ? 125 VAL A CG1 1 
ATOM   795  C  CG2 . VAL A 1 125 ? -1.134  14.303  9.734   1.00 36.53  ? 125 VAL A CG2 1 
ATOM   796  N  N   . GLY A 1 126 ? -1.892  11.094  6.356   1.00 26.89  ? 126 GLY A N   1 
ATOM   797  C  CA  . GLY A 1 126 ? -1.629  9.776   5.791   1.00 25.06  ? 126 GLY A CA  1 
ATOM   798  C  C   . GLY A 1 126 ? -0.197  9.405   5.995   1.00 25.40  ? 126 GLY A C   1 
ATOM   799  O  O   . GLY A 1 126 ? 0.724   10.272  5.833   1.00 27.36  ? 126 GLY A O   1 
ATOM   800  N  N   . HIS A 1 127 ? 0.020   8.137   6.268   1.00 23.54  ? 127 HIS A N   1 
ATOM   801  C  CA  . HIS A 1 127 ? 1.367   7.556   6.419   1.00 24.09  ? 127 HIS A CA  1 
ATOM   802  C  C   . HIS A 1 127 ? 1.512   6.424   5.421   1.00 22.30  ? 127 HIS A C   1 
ATOM   803  O  O   . HIS A 1 127 ? 0.789   5.429   5.574   1.00 23.82  ? 127 HIS A O   1 
ATOM   804  C  CB  . HIS A 1 127 ? 1.556   7.043   7.823   1.00 24.57  ? 127 HIS A CB  1 
ATOM   805  C  CG  . HIS A 1 127 ? 1.408   8.095   8.849   1.00 29.39  ? 127 HIS A CG  1 
ATOM   806  N  ND1 . HIS A 1 127 ? 2.483   8.804   9.303   1.00 32.20  ? 127 HIS A ND1 1 
ATOM   807  C  CD2 . HIS A 1 127 ? 0.312   8.626   9.430   1.00 32.73  ? 127 HIS A CD2 1 
ATOM   808  C  CE1 . HIS A 1 127 ? 2.048   9.700   10.207  1.00 33.47  ? 127 HIS A CE1 1 
ATOM   809  N  NE2 . HIS A 1 127 ? 0.740   9.595   10.303  1.00 34.81  ? 127 HIS A NE2 1 
ATOM   810  N  N   . ILE A 1 128 ? 2.445   6.586   4.496   1.00 22.35  ? 128 ILE A N   1 
ATOM   811  C  CA  . ILE A 1 128 ? 2.732   5.532   3.493   1.00 23.71  ? 128 ILE A CA  1 
ATOM   812  C  C   . ILE A 1 128 ? 3.721   4.531   4.080   1.00 26.64  ? 128 ILE A C   1 
ATOM   813  O  O   . ILE A 1 128 ? 4.750   4.942   4.667   1.00 26.98  ? 128 ILE A O   1 
ATOM   814  C  CB  . ILE A 1 128 ? 3.117   6.119   2.139   1.00 24.99  ? 128 ILE A CB  1 
ATOM   815  C  CG1 . ILE A 1 128 ? 1.868   6.721   1.499   1.00 27.47  ? 128 ILE A CG1 1 
ATOM   816  C  CG2 . ILE A 1 128 ? 3.759   5.063   1.244   1.00 24.88  ? 128 ILE A CG2 1 
ATOM   817  C  CD1 . ILE A 1 128 ? 2.124   7.456   0.250   1.00 32.16  ? 128 ILE A CD1 1 
ATOM   818  N  N   . GLU A 1 129 ? 3.405   3.238   3.947   1.00 23.57  ? 129 GLU A N   1 
ATOM   819  C  CA  . GLU A 1 129 ? 4.206   2.177   4.584   1.00 26.11  ? 129 GLU A CA  1 
ATOM   820  C  C   . GLU A 1 129 ? 4.268   0.947   3.665   1.00 26.21  ? 129 GLU A C   1 
ATOM   821  O  O   . GLU A 1 129 ? 3.308   0.699   2.897   1.00 24.93  ? 129 GLU A O   1 
ATOM   822  C  CB  . GLU A 1 129 ? 3.600   1.709   5.910   1.00 29.41  ? 129 GLU A CB  1 
ATOM   823  C  CG  . GLU A 1 129 ? 3.155   2.802   6.852   1.00 38.41  ? 129 GLU A CG  1 
ATOM   824  C  CD  . GLU A 1 129 ? 4.289   3.439   7.618   1.00 44.12  ? 129 GLU A CD  1 
ATOM   825  O  OE1 . GLU A 1 129 ? 5.371   2.826   7.635   1.00 44.91  ? 129 GLU A OE1 1 
ATOM   826  O  OE2 . GLU A 1 129 ? 4.099   4.553   8.175   1.00 47.85  ? 129 GLU A OE2 1 
ATOM   827  N  N   . ASP A 1 130 ? 5.327   0.182   3.819   1.00 26.49  ? 130 ASP A N   1 
ATOM   828  C  CA  . ASP A 1 130 ? 5.382   -1.196  3.299   1.00 24.91  ? 130 ASP A CA  1 
ATOM   829  C  C   . ASP A 1 130 ? 5.064   -1.229  1.796   1.00 24.68  ? 130 ASP A C   1 
ATOM   830  O  O   . ASP A 1 130 ? 4.290   -2.117  1.381   1.00 28.66  ? 130 ASP A O   1 
ATOM   831  C  CB  . ASP A 1 130 ? 4.476   -2.071  4.149   1.00 26.39  ? 130 ASP A CB  1 
ATOM   832  C  CG  . ASP A 1 130 ? 4.901   -2.116  5.617   1.00 31.39  ? 130 ASP A CG  1 
ATOM   833  O  OD1 . ASP A 1 130 ? 6.094   -2.006  5.841   1.00 35.00  ? 130 ASP A OD1 1 
ATOM   834  O  OD2 . ASP A 1 130 ? 4.042   -2.137  6.467   1.00 33.84  ? 130 ASP A OD2 1 
ATOM   835  N  N   . ILE A 1 131 ? 5.764   -0.413  1.010   1.00 23.82  ? 131 ILE A N   1 
ATOM   836  C  CA  . ILE A 1 131 ? 5.684   -0.456  -0.474  1.00 25.02  ? 131 ILE A CA  1 
ATOM   837  C  C   . ILE A 1 131 ? 6.630   -1.563  -0.950  1.00 27.18  ? 131 ILE A C   1 
ATOM   838  O  O   . ILE A 1 131 ? 7.818   -1.592  -0.531  1.00 28.17  ? 131 ILE A O   1 
ATOM   839  C  CB  . ILE A 1 131 ? 6.045   0.883   -1.120  1.00 29.93  ? 131 ILE A CB  1 
ATOM   840  C  CG1 . ILE A 1 131 ? 5.255   2.064   -0.535  1.00 32.42  ? 131 ILE A CG1 1 
ATOM   841  C  CG2 . ILE A 1 131 ? 5.876   0.797   -2.639  1.00 32.10  ? 131 ILE A CG2 1 
ATOM   842  C  CD1 . ILE A 1 131 ? 3.797   1.873   -0.548  1.00 36.11  ? 131 ILE A CD1 1 
ATOM   843  N  N   . ALA A 1 132 ? 6.148   -2.476  -1.786  1.00 23.53  ? 132 ALA A N   1 
ATOM   844  C  CA  . ALA A 1 132 ? 7.017   -3.554  -2.297  1.00 25.54  ? 132 ALA A CA  1 
ATOM   845  C  C   . ALA A 1 132 ? 6.563   -3.908  -3.702  1.00 26.59  ? 132 ALA A C   1 
ATOM   846  O  O   . ALA A 1 132 ? 5.333   -4.086  -3.927  1.00 25.65  ? 132 ALA A O   1 
ATOM   847  C  CB  . ALA A 1 132 ? 7.050   -4.747  -1.385  1.00 29.64  ? 132 ALA A CB  1 
ATOM   848  N  N   . VAL A 1 133 ? 7.537   -4.168  -4.555  1.00 26.98  ? 133 VAL A N   1 
ATOM   849  C  CA  . VAL A 1 133 ? 7.267   -4.644  -5.928  1.00 25.41  ? 133 VAL A CA  1 
ATOM   850  C  C   . VAL A 1 133 ? 8.144   -5.892  -6.121  1.00 30.34  ? 133 VAL A C   1 
ATOM   851  O  O   . VAL A 1 133 ? 9.305   -5.838  -5.764  1.00 29.15  ? 133 VAL A O   1 
ATOM   852  C  CB  . VAL A 1 133 ? 7.511   -3.569  -6.989  1.00 26.35  ? 133 VAL A CB  1 
ATOM   853  C  CG1 . VAL A 1 133 ? 7.429   -4.131  -8.405  1.00 27.20  ? 133 VAL A CG1 1 
ATOM   854  C  CG2 . VAL A 1 133 ? 6.591   -2.372  -6.864  1.00 26.47  ? 133 VAL A CG2 1 
ATOM   855  N  N   . GLU A 1 134 ? 7.572   -6.992  -6.603  1.00 27.76  ? 134 GLU A N   1 
ATOM   856  C  CA  . GLU A 1 134 ? 8.357   -8.230  -6.901  1.00 31.42  ? 134 GLU A CA  1 
ATOM   857  C  C   . GLU A 1 134 ? 9.584   -7.855  -7.752  1.00 29.69  ? 134 GLU A C   1 
ATOM   858  O  O   . GLU A 1 134 ? 9.463   -7.082  -8.696  1.00 29.04  ? 134 GLU A O   1 
ATOM   859  C  CB  . GLU A 1 134 ? 7.395   -9.198  -7.585  1.00 34.66  ? 134 GLU A CB  1 
ATOM   860  C  CG  . GLU A 1 134 ? 8.007   -10.313 -8.384  1.00 43.91  ? 134 GLU A CG  1 
ATOM   861  C  CD  . GLU A 1 134 ? 6.859   -11.062 -9.046  1.00 50.03  ? 134 GLU A CD  1 
ATOM   862  O  OE1 . GLU A 1 134 ? 6.011   -11.591 -8.298  1.00 54.16  ? 134 GLU A OE1 1 
ATOM   863  O  OE2 . GLU A 1 134 ? 6.747   -11.001 -10.281 1.00 55.32  ? 134 GLU A OE2 1 
ATOM   864  N  N   . LYS A 1 135 ? 10.733  -8.445  -7.450  1.00 34.76  ? 135 LYS A N   1 
ATOM   865  C  CA  . LYS A 1 135 ? 12.025  -8.088  -8.096  1.00 37.46  ? 135 LYS A CA  1 
ATOM   866  C  C   . LYS A 1 135 ? 11.891  -8.064  -9.622  1.00 34.05  ? 135 LYS A C   1 
ATOM   867  O  O   . LYS A 1 135 ? 12.236  -7.013  -10.215 1.00 33.65  ? 135 LYS A O   1 
ATOM   868  C  CB  . LYS A 1 135 ? 13.133  -9.033  -7.621  1.00 41.55  ? 135 LYS A CB  1 
ATOM   869  C  CG  . LYS A 1 135 ? 13.995  -8.457  -6.507  1.00 54.57  ? 135 LYS A CG  1 
ATOM   870  C  CD  . LYS A 1 135 ? 15.471  -8.799  -6.628  1.00 61.31  ? 135 LYS A CD  1 
ATOM   871  C  CE  . LYS A 1 135 ? 16.381  -7.588  -6.534  1.00 65.01  ? 135 LYS A CE  1 
ATOM   872  N  NZ  . LYS A 1 135 ? 16.486  -6.865  -7.828  1.00 71.53  ? 135 LYS A NZ  1 
ATOM   873  N  N   . GLY A 1 136 ? 11.309  -9.106  -10.237 1.00 33.67  ? 136 GLY A N   1 
ATOM   874  C  CA  . GLY A 1 136 ? 11.170  -9.203  -11.708 1.00 35.15  ? 136 GLY A CA  1 
ATOM   875  C  C   . GLY A 1 136 ? 10.278  -8.143  -12.340 1.00 34.80  ? 136 GLY A C   1 
ATOM   876  O  O   . GLY A 1 136 ? 10.283  -7.998  -13.595 1.00 36.84  ? 136 GLY A O   1 
ATOM   877  N  N   . GLN A 1 137 ? 9.512   -7.391  -11.539 1.00 31.52  ? 137 GLN A N   1 
ATOM   878  C  CA  . GLN A 1 137 ? 8.525   -6.406  -12.034 1.00 32.17  ? 137 GLN A CA  1 
ATOM   879  C  C   . GLN A 1 137 ? 8.955   -4.991  -11.611 1.00 29.68  ? 137 GLN A C   1 
ATOM   880  O  O   . GLN A 1 137 ? 8.225   -4.051  -11.951 1.00 30.49  ? 137 GLN A O   1 
ATOM   881  C  CB  . GLN A 1 137 ? 7.156   -6.693  -11.421 1.00 33.52  ? 137 GLN A CB  1 
ATOM   882  C  CG  . GLN A 1 137 ? 6.589   -8.044  -11.809 1.00 41.31  ? 137 GLN A CG  1 
ATOM   883  C  CD  . GLN A 1 137 ? 6.055   -7.947  -13.203 1.00 42.66  ? 137 GLN A CD  1 
ATOM   884  O  OE1 . GLN A 1 137 ? 5.014   -7.336  -13.420 1.00 52.69  ? 137 GLN A OE1 1 
ATOM   885  N  NE2 . GLN A 1 137 ? 6.778   -8.518  -14.156 1.00 44.93  ? 137 GLN A NE2 1 
ATOM   886  N  N   . GLN A 1 138 ? 10.128  -4.871  -10.973 1.00 31.29  ? 138 GLN A N   1 
ATOM   887  C  CA  . GLN A 1 138 ? 10.684  -3.561  -10.538 1.00 31.42  ? 138 GLN A CA  1 
ATOM   888  C  C   . GLN A 1 138 ? 11.164  -2.783  -11.754 1.00 33.96  ? 138 GLN A C   1 
ATOM   889  O  O   . GLN A 1 138 ? 11.464  -3.409  -12.823 1.00 32.52  ? 138 GLN A O   1 
ATOM   890  C  CB  . GLN A 1 138 ? 11.794  -3.715  -9.512  1.00 31.58  ? 138 GLN A CB  1 
ATOM   891  C  CG  . GLN A 1 138 ? 11.304  -4.151  -8.164  1.00 29.91  ? 138 GLN A CG  1 
ATOM   892  C  CD  . GLN A 1 138 ? 12.397  -4.262  -7.148  1.00 31.52  ? 138 GLN A CD  1 
ATOM   893  O  OE1 . GLN A 1 138 ? 13.529  -3.821  -7.401  1.00 34.96  ? 138 GLN A OE1 1 
ATOM   894  N  NE2 . GLN A 1 138 ? 12.066  -4.876  -6.027  1.00 31.08  ? 138 GLN A NE2 1 
ATOM   895  N  N   . GLY A 1 139 ? 11.112  -1.462  -11.656 1.00 34.22  ? 139 GLY A N   1 
ATOM   896  C  CA  . GLY A 1 139 ? 11.613  -0.557  -12.689 1.00 32.14  ? 139 GLY A CA  1 
ATOM   897  C  C   . GLY A 1 139 ? 10.697  -0.431  -13.878 1.00 36.20  ? 139 GLY A C   1 
ATOM   898  O  O   . GLY A 1 139 ? 11.194  -0.022  -14.961 1.00 38.21  ? 139 GLY A O   1 
ATOM   899  N  N   . LYS A 1 140 ? 9.385   -0.662  -13.674 1.00 32.05  ? 140 LYS A N   1 
ATOM   900  C  CA  . LYS A 1 140 ? 8.343   -0.551  -14.710 1.00 35.80  ? 140 LYS A CA  1 
ATOM   901  C  C   . LYS A 1 140 ? 7.254   0.426   -14.270 1.00 34.00  ? 140 LYS A C   1 
ATOM   902  O  O   . LYS A 1 140 ? 6.147   0.376   -14.847 1.00 31.26  ? 140 LYS A O   1 
ATOM   903  C  CB  . LYS A 1 140 ? 7.760   -1.955  -14.951 1.00 37.49  ? 140 LYS A CB  1 
ATOM   904  C  CG  . LYS A 1 140 ? 8.766   -3.025  -15.326 1.00 43.07  ? 140 LYS A CG  1 
ATOM   905  C  CD  . LYS A 1 140 ? 8.157   -4.118  -16.209 1.00 52.22  ? 140 LYS A CD  1 
ATOM   906  C  CE  . LYS A 1 140 ? 9.163   -5.138  -16.707 1.00 59.10  ? 140 LYS A CE  1 
ATOM   907  N  NZ  . LYS A 1 140 ? 9.054   -6.420  -15.974 1.00 61.49  ? 140 LYS A NZ  1 
ATOM   908  N  N   . LYS A 1 141 ? 7.519   1.244   -13.244 1.00 30.02  ? 141 LYS A N   1 
ATOM   909  C  CA  . LYS A 1 141 ? 6.623   2.314   -12.736 1.00 30.11  ? 141 LYS A CA  1 
ATOM   910  C  C   . LYS A 1 141 ? 5.532   1.754   -11.801 1.00 24.74  ? 141 LYS A C   1 
ATOM   911  O  O   . LYS A 1 141 ? 4.678   2.567   -11.409 1.00 25.48  ? 141 LYS A O   1 
ATOM   912  C  CB  . LYS A 1 141 ? 5.958   3.161   -13.832 1.00 31.90  ? 141 LYS A CB  1 
ATOM   913  C  CG  . LYS A 1 141 ? 6.915   3.770   -14.861 1.00 37.28  ? 141 LYS A CG  1 
ATOM   914  C  CD  . LYS A 1 141 ? 7.461   5.100   -14.449 1.00 43.10  ? 141 LYS A CD  1 
ATOM   915  C  CE  . LYS A 1 141 ? 8.034   5.915   -15.598 1.00 48.66  ? 141 LYS A CE  1 
ATOM   916  N  NZ  . LYS A 1 141 ? 8.826   5.059   -16.504 1.00 52.75  ? 141 LYS A NZ  1 
ATOM   917  N  N   . LEU A 1 142 ? 5.576   0.484   -11.430 1.00 25.89  ? 142 LEU A N   1 
ATOM   918  C  CA  . LEU A 1 142 ? 4.523   -0.081  -10.535 1.00 25.10  ? 142 LEU A CA  1 
ATOM   919  C  C   . LEU A 1 142 ? 4.638   0.539   -9.136  1.00 25.47  ? 142 LEU A C   1 
ATOM   920  O  O   . LEU A 1 142 ? 3.622   0.848   -8.553  1.00 24.23  ? 142 LEU A O   1 
ATOM   921  C  CB  . LEU A 1 142 ? 4.641   -1.592  -10.447 1.00 24.20  ? 142 LEU A CB  1 
ATOM   922  C  CG  . LEU A 1 142 ? 4.373   -2.305  -11.786 1.00 27.20  ? 142 LEU A CG  1 
ATOM   923  C  CD1 . LEU A 1 142 ? 4.515   -3.780  -11.606 1.00 29.22  ? 142 LEU A CD1 1 
ATOM   924  C  CD2 . LEU A 1 142 ? 3.027   -1.911  -12.365 1.00 29.49  ? 142 LEU A CD2 1 
ATOM   925  N  N   . GLY A 1 143 ? 5.856   0.782   -8.638  1.00 24.30  ? 143 GLY A N   1 
ATOM   926  C  CA  . GLY A 1 143 ? 5.974   1.491   -7.353  1.00 22.98  ? 143 GLY A CA  1 
ATOM   927  C  C   . GLY A 1 143 ? 5.413   2.895   -7.442  1.00 22.51  ? 143 GLY A C   1 
ATOM   928  O  O   . GLY A 1 143 ? 4.714   3.342   -6.485  1.00 24.03  ? 143 GLY A O   1 
ATOM   929  N  N   . LEU A 1 144 ? 5.720   3.635   -8.503  1.00 25.17  ? 144 LEU A N   1 
ATOM   930  C  CA  . LEU A 1 144 ? 5.115   4.971   -8.719  1.00 23.18  ? 144 LEU A CA  1 
ATOM   931  C  C   . LEU A 1 144 ? 3.581   4.858   -8.695  1.00 24.54  ? 144 LEU A C   1 
ATOM   932  O  O   . LEU A 1 144 ? 2.924   5.707   -8.084  1.00 22.15  ? 144 LEU A O   1 
ATOM   933  C  CB  . LEU A 1 144 ? 5.627   5.553   -10.029 1.00 25.65  ? 144 LEU A CB  1 
ATOM   934  C  CG  . LEU A 1 144 ? 4.964   6.833   -10.509 1.00 28.20  ? 144 LEU A CG  1 
ATOM   935  C  CD1 . LEU A 1 144 ? 5.264   8.014   -9.581  1.00 32.89  ? 144 LEU A CD1 1 
ATOM   936  C  CD2 . LEU A 1 144 ? 5.456   7.154   -11.929 1.00 30.19  ? 144 LEU A CD2 1 
ATOM   937  N  N   . ARG A 1 145 ? 3.022   3.903   -9.432  1.00 23.15  ? 145 ARG A N   1 
ATOM   938  C  CA  . ARG A 1 145 ? 1.543   3.758   -9.496  1.00 23.09  ? 145 ARG A CA  1 
ATOM   939  C  C   . ARG A 1 145 ? 0.994   3.485   -8.087  1.00 22.67  ? 145 ARG A C   1 
ATOM   940  O  O   . ARG A 1 145 ? -0.073  3.981   -7.750  1.00 22.20  ? 145 ARG A O   1 
ATOM   941  C  CB  . ARG A 1 145 ? 1.158   2.654   -10.463 1.00 26.06  ? 145 ARG A CB  1 
ATOM   942  C  CG  . ARG A 1 145 ? 1.574   2.925   -11.911 1.00 28.25  ? 145 ARG A CG  1 
ATOM   943  C  CD  . ARG A 1 145 ? 1.549   4.357   -12.347 1.00 28.18  ? 145 ARG A CD  1 
ATOM   944  N  NE  . ARG A 1 145 ? 2.064   4.519   -13.705 1.00 30.33  ? 145 ARG A NE  1 
ATOM   945  C  CZ  . ARG A 1 145 ? 2.346   5.687   -14.255 1.00 29.57  ? 145 ARG A CZ  1 
ATOM   946  N  NH1 . ARG A 1 145 ? 2.172   6.801   -13.581 1.00 29.98  ? 145 ARG A NH1 1 
ATOM   947  N  NH2 . ARG A 1 145 ? 2.828   5.750   -15.492 1.00 32.98  ? 145 ARG A NH2 1 
ATOM   948  N  N   . ILE A 1 146 ? 1.651   2.617   -7.326  1.00 22.28  ? 146 ILE A N   1 
ATOM   949  C  CA  . ILE A 1 146 ? 1.226   2.324   -5.925  1.00 21.58  ? 146 ILE A CA  1 
ATOM   950  C  C   . ILE A 1 146 ? 1.210   3.611   -5.114  1.00 19.94  ? 146 ILE A C   1 
ATOM   951  O  O   . ILE A 1 146 ? 0.231   3.896   -4.448  1.00 21.18  ? 146 ILE A O   1 
ATOM   952  C  CB  . ILE A 1 146 ? 2.116   1.256   -5.309  1.00 23.02  ? 146 ILE A CB  1 
ATOM   953  C  CG1 . ILE A 1 146 ? 1.907   -0.084  -6.018  1.00 23.43  ? 146 ILE A CG1 1 
ATOM   954  C  CG2 . ILE A 1 146 ? 1.913   1.150   -3.777  1.00 22.24  ? 146 ILE A CG2 1 
ATOM   955  C  CD1 . ILE A 1 146 ? 2.989   -1.050  -5.729  1.00 25.51  ? 146 ILE A CD1 1 
ATOM   956  N  N   . ILE A 1 147 ? 2.295   4.381   -5.150  1.00 21.14  ? 147 ILE A N   1 
ATOM   957  C  CA  . ILE A 1 147 ? 2.322   5.670   -4.395  1.00 21.46  ? 147 ILE A CA  1 
ATOM   958  C  C   . ILE A 1 147 ? 1.262   6.656   -4.892  1.00 20.27  ? 147 ILE A C   1 
ATOM   959  O  O   . ILE A 1 147 ? 0.568   7.303   -4.091  1.00 22.81  ? 147 ILE A O   1 
ATOM   960  C  CB  . ILE A 1 147 ? 3.724   6.282   -4.511  1.00 24.74  ? 147 ILE A CB  1 
ATOM   961  C  CG1 . ILE A 1 147 ? 4.756   5.373   -3.857  1.00 28.95  ? 147 ILE A CG1 1 
ATOM   962  C  CG2 . ILE A 1 147 ? 3.735   7.686   -3.942  1.00 28.10  ? 147 ILE A CG2 1 
ATOM   963  C  CD1 . ILE A 1 147 ? 4.568   5.170   -2.400  1.00 30.95  ? 147 ILE A CD1 1 
ATOM   964  N  N   . GLN A 1 148 ? 1.076   6.774   -6.200  1.00 22.17  ? 148 GLN A N   1 
ATOM   965  C  CA  . GLN A 1 148 ? 0.041   7.666   -6.757  1.00 22.81  ? 148 GLN A CA  1 
ATOM   966  C  C   . GLN A 1 148 ? -1.309  7.211   -6.228  1.00 22.36  ? 148 GLN A C   1 
ATOM   967  O  O   . GLN A 1 148 ? -2.113  8.061   -5.839  1.00 23.26  ? 148 GLN A O   1 
ATOM   968  C  CB  . GLN A 1 148 ? 0.071   7.611   -8.284  1.00 25.02  ? 148 GLN A CB  1 
ATOM   969  C  CG  . GLN A 1 148 ? 1.294   8.356   -8.839  1.00 26.43  ? 148 GLN A CG  1 
ATOM   970  C  CD  . GLN A 1 148 ? 1.416   8.288   -10.338 1.00 31.37  ? 148 GLN A CD  1 
ATOM   971  O  OE1 . GLN A 1 148 ? 1.029   7.298   -10.950 1.00 28.56  ? 148 GLN A OE1 1 
ATOM   972  N  NE2 . GLN A 1 148 ? 2.030   9.322   -10.923 1.00 30.24  ? 148 GLN A NE2 1 
ATOM   973  N  N   . ALA A 1 149 ? -1.527  5.915   -6.206  1.00 22.28  ? 149 ALA A N   1 
ATOM   974  C  CA  . ALA A 1 149 ? -2.821  5.396   -5.731  1.00 21.45  ? 149 ALA A CA  1 
ATOM   975  C  C   . ALA A 1 149 ? -2.953  5.682   -4.241  1.00 21.95  ? 149 ALA A C   1 
ATOM   976  O  O   . ALA A 1 149 ? -4.057  6.082   -3.764  1.00 22.59  ? 149 ALA A O   1 
ATOM   977  C  CB  . ALA A 1 149 ? -2.985  3.959   -6.060  1.00 23.07  ? 149 ALA A CB  1 
ATOM   978  N  N   . LEU A 1 150 ? -1.928  5.421   -3.435  1.00 22.09  ? 150 LEU A N   1 
ATOM   979  C  CA  . LEU A 1 150 ? -2.066  5.707   -1.977  1.00 21.80  ? 150 LEU A CA  1 
ATOM   980  C  C   . LEU A 1 150 ? -2.272  7.210   -1.720  1.00 22.61  ? 150 LEU A C   1 
ATOM   981  O  O   . LEU A 1 150 ? -3.066  7.582   -0.862  1.00 22.78  ? 150 LEU A O   1 
ATOM   982  C  CB  . LEU A 1 150 ? -0.807  5.185   -1.274  1.00 22.05  ? 150 LEU A CB  1 
ATOM   983  C  CG  . LEU A 1 150 ? -0.614  3.665   -1.256  1.00 21.20  ? 150 LEU A CG  1 
ATOM   984  C  CD1 . LEU A 1 150 ? 0.792   3.257   -0.745  1.00 23.13  ? 150 LEU A CD1 1 
ATOM   985  C  CD2 . LEU A 1 150 ? -1.673  2.913   -0.496  1.00 21.99  ? 150 LEU A CD2 1 
ATOM   986  N  N   . ASP A 1 151 ? -1.610  8.071   -2.467  1.00 21.59  ? 151 ASP A N   1 
ATOM   987  C  CA  . ASP A 1 151 ? -1.819  9.532   -2.348  1.00 23.00  ? 151 ASP A CA  1 
ATOM   988  C  C   . ASP A 1 151 ? -3.270  9.906   -2.653  1.00 25.76  ? 151 ASP A C   1 
ATOM   989  O  O   . ASP A 1 151 ? -3.824  10.748  -1.943  1.00 24.84  ? 151 ASP A O   1 
ATOM   990  C  CB  . ASP A 1 151 ? -0.841  10.294  -3.226  1.00 24.78  ? 151 ASP A CB  1 
ATOM   991  C  CG  . ASP A 1 151 ? 0.499   10.478  -2.592  1.00 32.20  ? 151 ASP A CG  1 
ATOM   992  O  OD1 . ASP A 1 151 ? 1.417   10.809  -3.355  1.00 28.43  ? 151 ASP A OD1 1 
ATOM   993  O  OD2 . ASP A 1 151 ? 0.637   10.154  -1.397  1.00 36.29  ? 151 ASP A OD2 1 
ATOM   994  N  N   . TYR A 1 152 ? -3.861  9.271   -3.661  1.00 23.56  ? 152 TYR A N   1 
ATOM   995  C  CA  . TYR A 1 152 ? -5.258  9.532   -4.060  1.00 26.21  ? 152 TYR A CA  1 
ATOM   996  C  C   . TYR A 1 152 ? -6.239  9.071   -2.967  1.00 26.07  ? 152 TYR A C   1 
ATOM   997  O  O   . TYR A 1 152 ? -7.107  9.834   -2.569  1.00 24.93  ? 152 TYR A O   1 
ATOM   998  C  CB  . TYR A 1 152 ? -5.536  8.810   -5.353  1.00 23.09  ? 152 TYR A CB  1 
ATOM   999  C  CG  . TYR A 1 152 ? -6.866  9.154   -5.958  1.00 29.74  ? 152 TYR A CG  1 
ATOM   1000 C  CD1 . TYR A 1 152 ? -6.969  10.246  -6.797  1.00 33.39  ? 152 TYR A CD1 1 
ATOM   1001 C  CD2 . TYR A 1 152 ? -7.988  8.405   -5.706  1.00 30.49  ? 152 TYR A CD2 1 
ATOM   1002 C  CE1 . TYR A 1 152 ? -8.167  10.581  -7.391  1.00 37.80  ? 152 TYR A CE1 1 
ATOM   1003 C  CE2 . TYR A 1 152 ? -9.203  8.740   -6.289  1.00 34.07  ? 152 TYR A CE2 1 
ATOM   1004 C  CZ  . TYR A 1 152 ? -9.288  9.824   -7.136  1.00 37.54  ? 152 TYR A CZ  1 
ATOM   1005 O  OH  . TYR A 1 152 ? -10.465 10.173  -7.759  1.00 42.25  ? 152 TYR A OH  1 
ATOM   1006 N  N   . VAL A 1 153 ? -6.007  7.911   -2.367  1.00 22.65  ? 153 VAL A N   1 
ATOM   1007 C  CA  . VAL A 1 153 ? -6.805  7.493   -1.175  1.00 23.41  ? 153 VAL A CA  1 
ATOM   1008 C  C   . VAL A 1 153 ? -6.746  8.574   -0.082  1.00 22.29  ? 153 VAL A C   1 
ATOM   1009 O  O   . VAL A 1 153 ? -7.764  8.963   0.471   1.00 24.24  ? 153 VAL A O   1 
ATOM   1010 C  CB  . VAL A 1 153 ? -6.382  6.124   -0.623  1.00 22.84  ? 153 VAL A CB  1 
ATOM   1011 C  CG1 . VAL A 1 153 ? -7.189  5.792   0.613   1.00 25.42  ? 153 VAL A CG1 1 
ATOM   1012 C  CG2 . VAL A 1 153 ? -6.517  5.039   -1.694  1.00 24.99  ? 153 VAL A CG2 1 
ATOM   1013 N  N   . ALA A 1 154 ? -5.540  9.000   0.276   1.00 22.43  ? 154 ALA A N   1 
ATOM   1014 C  CA  . ALA A 1 154 ? -5.316  9.931   1.401   1.00 24.56  ? 154 ALA A CA  1 
ATOM   1015 C  C   . ALA A 1 154 ? -6.054  11.236  1.078   1.00 25.64  ? 154 ALA A C   1 
ATOM   1016 O  O   . ALA A 1 154 ? -6.678  11.764  1.967   1.00 26.10  ? 154 ALA A O   1 
ATOM   1017 C  CB  . ALA A 1 154 ? -3.842  10.198  1.545   1.00 26.04  ? 154 ALA A CB  1 
ATOM   1018 N  N   . GLU A 1 155 ? -5.890  11.746  -0.142  1.00 26.33  ? 155 GLU A N   1 
ATOM   1019 C  CA  . GLU A 1 155 ? -6.523  13.033  -0.583  1.00 28.61  ? 155 GLU A CA  1 
ATOM   1020 C  C   . GLU A 1 155 ? -8.031  12.837  -0.410  1.00 25.70  ? 155 GLU A C   1 
ATOM   1021 O  O   . GLU A 1 155 ? -8.717  13.714  0.168   1.00 27.03  ? 155 GLU A O   1 
ATOM   1022 C  CB  . GLU A 1 155 ? -6.189  13.393  -2.032  1.00 34.10  ? 155 GLU A CB  1 
ATOM   1023 C  CG  . GLU A 1 155 ? -6.442  14.860  -2.378  1.00 46.07  ? 155 GLU A CG  1 
ATOM   1024 C  CD  . GLU A 1 155 ? -7.831  15.259  -2.841  1.00 57.72  ? 155 GLU A CD  1 
ATOM   1025 O  OE1 . GLU A 1 155 ? -8.606  14.361  -3.245  1.00 64.93  ? 155 GLU A OE1 1 
ATOM   1026 O  OE2 . GLU A 1 155 ? -8.144  16.487  -2.804  1.00 60.67  ? 155 GLU A OE2 1 
ATOM   1027 N  N   . LYS A 1 156 ? -8.546  11.743  -0.962  1.00 25.20  ? 156 LYS A N   1 
ATOM   1028 C  CA  . LYS A 1 156 ? -9.991  11.495  -0.991  1.00 27.86  ? 156 LYS A CA  1 
ATOM   1029 C  C   . LYS A 1 156 ? -10.562 11.414  0.420   1.00 29.62  ? 156 LYS A C   1 
ATOM   1030 O  O   . LYS A 1 156 ? -11.668 11.933  0.631   1.00 29.79  ? 156 LYS A O   1 
ATOM   1031 C  CB  . LYS A 1 156 ? -10.321 10.277  -1.845  1.00 31.48  ? 156 LYS A CB  1 
ATOM   1032 C  CG  . LYS A 1 156 ? -11.624 10.456  -2.553  1.00 36.72  ? 156 LYS A CG  1 
ATOM   1033 C  CD  . LYS A 1 156 ? -11.907 9.439   -3.566  1.00 34.83  ? 156 LYS A CD  1 
ATOM   1034 C  CE  . LYS A 1 156 ? -13.386 9.205   -3.622  1.00 33.58  ? 156 LYS A CE  1 
ATOM   1035 N  NZ  . LYS A 1 156 ? -13.785 8.749   -4.963  1.00 35.33  ? 156 LYS A NZ  1 
ATOM   1036 N  N   . VAL A 1 157 ? -9.875  10.783  1.360   1.00 27.30  ? 157 VAL A N   1 
ATOM   1037 C  CA  . VAL A 1 157 ? -10.419 10.608  2.717   1.00 27.15  ? 157 VAL A CA  1 
ATOM   1038 C  C   . VAL A 1 157 ? -10.198 11.872  3.546   1.00 29.06  ? 157 VAL A C   1 
ATOM   1039 O  O   . VAL A 1 157 ? -10.681 11.891  4.647   1.00 33.17  ? 157 VAL A O   1 
ATOM   1040 C  CB  . VAL A 1 157 ? -9.927  9.320   3.407   1.00 29.91  ? 157 VAL A CB  1 
ATOM   1041 C  CG1 . VAL A 1 157 ? -10.299 8.128   2.572   1.00 28.77  ? 157 VAL A CG1 1 
ATOM   1042 C  CG2 . VAL A 1 157 ? -8.449  9.326   3.745   1.00 31.10  ? 157 VAL A CG2 1 
ATOM   1043 N  N   . GLY A 1 158 ? -9.452  12.861  3.058   1.00 31.61  ? 158 GLY A N   1 
ATOM   1044 C  CA  . GLY A 1 158 ? -9.369  14.169  3.741   1.00 34.00  ? 158 GLY A CA  1 
ATOM   1045 C  C   . GLY A 1 158 ? -8.062  14.386  4.476   1.00 34.39  ? 158 GLY A C   1 
ATOM   1046 O  O   . GLY A 1 158 ? -7.993  15.291  5.326   1.00 36.24  ? 158 GLY A O   1 
ATOM   1047 N  N   . CYS A 1 159 ? -7.008  13.642  4.157   1.00 29.17  ? 159 CYS A N   1 
ATOM   1048 C  CA  . CYS A 1 159 ? -5.644  13.954  4.658   1.00 31.09  ? 159 CYS A CA  1 
ATOM   1049 C  C   . CYS A 1 159 ? -5.141  15.274  4.070   1.00 29.04  ? 159 CYS A C   1 
ATOM   1050 O  O   . CYS A 1 159 ? -5.279  15.493  2.863   1.00 31.36  ? 159 CYS A O   1 
ATOM   1051 C  CB  . CYS A 1 159 ? -4.686  12.808  4.359   1.00 27.38  ? 159 CYS A CB  1 
ATOM   1052 S  SG  . CYS A 1 159 ? -5.150  11.291  5.211   1.00 28.40  ? 159 CYS A SG  1 
ATOM   1053 N  N   . TYR A 1 160 ? -4.521  16.112  4.903   1.00 35.66  ? 160 TYR A N   1 
ATOM   1054 C  CA  . TYR A 1 160 ? -3.930  17.376  4.396   1.00 39.18  ? 160 TYR A CA  1 
ATOM   1055 C  C   . TYR A 1 160 ? -2.565  17.076  3.785   1.00 40.19  ? 160 TYR A C   1 
ATOM   1056 O  O   . TYR A 1 160 ? -2.132  17.820  2.878   1.00 38.71  ? 160 TYR A O   1 
ATOM   1057 C  CB  . TYR A 1 160 ? -3.935  18.488  5.447   1.00 37.10  ? 160 TYR A CB  1 
ATOM   1058 C  CG  . TYR A 1 160 ? -3.043  18.316  6.640   1.00 36.29  ? 160 TYR A CG  1 
ATOM   1059 C  CD1 . TYR A 1 160 ? -1.780  18.890  6.681   1.00 40.55  ? 160 TYR A CD1 1 
ATOM   1060 C  CD2 . TYR A 1 160 ? -3.505  17.671  7.771   1.00 39.23  ? 160 TYR A CD2 1 
ATOM   1061 C  CE1 . TYR A 1 160 ? -0.971  18.764  7.798   1.00 43.03  ? 160 TYR A CE1 1 
ATOM   1062 C  CE2 . TYR A 1 160 ? -2.709  17.528  8.891   1.00 40.90  ? 160 TYR A CE2 1 
ATOM   1063 C  CZ  . TYR A 1 160 ? -1.440  18.085  8.911   1.00 40.88  ? 160 TYR A CZ  1 
ATOM   1064 O  OH  . TYR A 1 160 ? -0.695  17.974  10.055  1.00 52.95  ? 160 TYR A OH  1 
ATOM   1065 N  N   . LYS A 1 161 ? -1.952  15.957  4.182   1.00 36.05  ? 161 LYS A N   1 
ATOM   1066 C  CA  . LYS A 1 161 ? -0.619  15.588  3.677   1.00 34.54  ? 161 LYS A CA  1 
ATOM   1067 C  C   . LYS A 1 161 ? -0.440  14.080  3.835   1.00 25.89  ? 161 LYS A C   1 
ATOM   1068 O  O   . LYS A 1 161 ? -1.155  13.495  4.676   1.00 27.53  ? 161 LYS A O   1 
ATOM   1069 C  CB  . LYS A 1 161 ? 0.484   16.349  4.405   1.00 33.83  ? 161 LYS A CB  1 
ATOM   1070 C  CG  . LYS A 1 161 ? 0.700   15.970  5.854   1.00 33.20  ? 161 LYS A CG  1 
ATOM   1071 C  CD  . LYS A 1 161 ? 1.837   16.757  6.511   1.00 35.71  ? 161 LYS A CD  1 
ATOM   1072 C  CE  . LYS A 1 161 ? 2.130   16.201  7.885   1.00 37.44  ? 161 LYS A CE  1 
ATOM   1073 N  NZ  . LYS A 1 161 ? 3.112   17.020  8.632   1.00 44.55  ? 161 LYS A NZ  1 
ATOM   1074 N  N   . THR A 1 162 ? 0.457   13.536  3.014   1.00 28.98  ? 162 THR A N   1 
ATOM   1075 C  CA  . THR A 1 162 ? 0.967   12.178  3.242   1.00 25.23  ? 162 THR A CA  1 
ATOM   1076 C  C   . THR A 1 162 ? 2.456   12.253  3.578   1.00 21.99  ? 162 THR A C   1 
ATOM   1077 O  O   . THR A 1 162 ? 3.195   13.033  2.947   1.00 27.36  ? 162 THR A O   1 
ATOM   1078 C  CB  . THR A 1 162 ? 0.648   11.262  2.073   1.00 29.72  ? 162 THR A CB  1 
ATOM   1079 O  OG1 . THR A 1 162 ? -0.784  11.154  2.055   1.00 32.45  ? 162 THR A OG1 1 
ATOM   1080 C  CG2 . THR A 1 162 ? 1.268   9.905   2.244   1.00 32.36  ? 162 THR A CG2 1 
ATOM   1081 N  N   . ILE A 1 163 ? 2.866   11.487  4.560   1.00 24.54  ? 163 ILE A N   1 
ATOM   1082 C  CA  . ILE A 1 163 ? 4.314   11.433  4.888   1.00 23.54  ? 163 ILE A CA  1 
ATOM   1083 C  C   . ILE A 1 163 ? 4.776   9.980   4.815   1.00 23.06  ? 163 ILE A C   1 
ATOM   1084 O  O   . ILE A 1 163 ? 3.944   9.078   4.977   1.00 23.70  ? 163 ILE A O   1 
ATOM   1085 C  CB  . ILE A 1 163 ? 4.597   12.120  6.261   1.00 27.11  ? 163 ILE A CB  1 
ATOM   1086 C  CG1 . ILE A 1 163 ? 3.846   11.500  7.433   1.00 31.26  ? 163 ILE A CG1 1 
ATOM   1087 C  CG2 . ILE A 1 163 ? 4.283   13.617  6.142   1.00 27.72  ? 163 ILE A CG2 1 
ATOM   1088 C  CD1 . ILE A 1 163 ? 4.384   11.944  8.816   1.00 36.48  ? 163 ILE A CD1 1 
ATOM   1089 N  N   . LEU A 1 164 ? 6.077   9.791   4.728   1.00 22.57  ? 164 LEU A N   1 
ATOM   1090 C  CA  . LEU A 1 164 ? 6.704   8.457   4.830   1.00 23.92  ? 164 LEU A CA  1 
ATOM   1091 C  C   . LEU A 1 164 ? 8.150   8.686   5.280   1.00 24.28  ? 164 LEU A C   1 
ATOM   1092 O  O   . LEU A 1 164 ? 8.652   9.799   5.177   1.00 25.33  ? 164 LEU A O   1 
ATOM   1093 C  CB  . LEU A 1 164 ? 6.621   7.703   3.494   1.00 24.53  ? 164 LEU A CB  1 
ATOM   1094 C  CG  . LEU A 1 164 ? 7.260   8.407   2.300   1.00 23.67  ? 164 LEU A CG  1 
ATOM   1095 C  CD1 . LEU A 1 164 ? 8.761   8.128   2.185   1.00 25.19  ? 164 LEU A CD1 1 
ATOM   1096 C  CD2 . LEU A 1 164 ? 6.545   8.056   0.990   1.00 25.20  ? 164 LEU A CD2 1 
ATOM   1097 N  N   . ASP A 1 165 ? 8.762   7.637   5.766   1.00 23.86  ? 165 ASP A N   1 
ATOM   1098 C  CA  . ASP A 1 165 ? 10.187  7.611   6.123   1.00 26.00  ? 165 ASP A CA  1 
ATOM   1099 C  C   . ASP A 1 165 ? 10.889  6.756   5.078   1.00 26.63  ? 165 ASP A C   1 
ATOM   1100 O  O   . ASP A 1 165 ? 10.356  5.670   4.703   1.00 28.53  ? 165 ASP A O   1 
ATOM   1101 C  CB  . ASP A 1 165 ? 10.369  7.048   7.519   1.00 27.23  ? 165 ASP A CB  1 
ATOM   1102 C  CG  . ASP A 1 165 ? 9.767   7.940   8.589   1.00 27.75  ? 165 ASP A CG  1 
ATOM   1103 O  OD1 . ASP A 1 165 ? 9.894   9.196   8.488   1.00 28.26  ? 165 ASP A OD1 1 
ATOM   1104 O  OD2 . ASP A 1 165 ? 9.146   7.369   9.489   1.00 29.15  ? 165 ASP A OD2 1 
ATOM   1105 N  N   . CYS A 1 166 ? 12.065  7.170   4.679   1.00 28.01  ? 166 CYS A N   1 
ATOM   1106 C  CA  . CYS A 1 166 ? 12.842  6.364   3.720   1.00 33.36  ? 166 CYS A CA  1 
ATOM   1107 C  C   . CYS A 1 166 ? 14.322  6.426   4.083   1.00 36.46  ? 166 CYS A C   1 
ATOM   1108 O  O   . CYS A 1 166 ? 14.711  7.270   4.893   1.00 32.41  ? 166 CYS A O   1 
ATOM   1109 C  CB  . CYS A 1 166 ? 12.533  6.841   2.310   1.00 31.52  ? 166 CYS A CB  1 
ATOM   1110 S  SG  . CYS A 1 166 ? 13.212  8.455   1.910   1.00 36.32  ? 166 CYS A SG  1 
ATOM   1111 N  N   . SER A 1 167 ? 15.092  5.500   3.522   1.00 46.37  ? 167 SER A N   1 
ATOM   1112 C  CA  . SER A 1 167 ? 16.580  5.499   3.550   1.00 47.94  ? 167 SER A CA  1 
ATOM   1113 C  C   . SER A 1 167 ? 17.062  6.563   2.571   1.00 49.03  ? 167 SER A C   1 
ATOM   1114 O  O   . SER A 1 167 ? 16.299  6.890   1.650   1.00 42.28  ? 167 SER A O   1 
ATOM   1115 C  CB  . SER A 1 167 ? 17.125  4.138   3.170   1.00 49.22  ? 167 SER A CB  1 
ATOM   1116 O  OG  . SER A 1 167 ? 16.744  3.788   1.843   1.00 43.62  ? 167 SER A OG  1 
ATOM   1117 N  N   . GLU A 1 168 ? 18.296  7.041   2.736   1.00 47.16  ? 168 GLU A N   1 
ATOM   1118 C  CA  . GLU A 1 168 ? 19.005  7.888   1.739   1.00 52.12  ? 168 GLU A CA  1 
ATOM   1119 C  C   . GLU A 1 168 ? 19.003  7.210   0.354   1.00 47.73  ? 168 GLU A C   1 
ATOM   1120 O  O   . GLU A 1 168 ? 18.868  7.933   -0.637  1.00 48.43  ? 168 GLU A O   1 
ATOM   1121 C  CB  . GLU A 1 168 ? 20.424  8.192   2.235   1.00 59.64  ? 168 GLU A CB  1 
ATOM   1122 C  CG  . GLU A 1 168 ? 20.458  9.220   3.357   1.00 63.32  ? 168 GLU A CG  1 
ATOM   1123 C  CD  . GLU A 1 168 ? 20.521  10.669  2.911   1.00 68.12  ? 168 GLU A CD  1 
ATOM   1124 O  OE1 . GLU A 1 168 ? 20.408  10.918  1.689   1.00 73.11  ? 168 GLU A OE1 1 
ATOM   1125 O  OE2 . GLU A 1 168 ? 20.693  11.552  3.787   1.00 68.23  ? 168 GLU A OE2 1 
ATOM   1126 N  N   . ALA A 1 169 ? 19.060  5.878   0.285   1.00 47.85  ? 169 ALA A N   1 
ATOM   1127 C  CA  . ALA A 1 169 ? 19.214  5.085   -0.965  1.00 45.67  ? 169 ALA A CA  1 
ATOM   1128 C  C   . ALA A 1 169 ? 17.914  5.053   -1.798  1.00 47.91  ? 169 ALA A C   1 
ATOM   1129 O  O   . ALA A 1 169 ? 17.991  4.932   -3.031  1.00 44.02  ? 169 ALA A O   1 
ATOM   1130 C  CB  . ALA A 1 169 ? 19.665  3.686   -0.622  1.00 51.32  ? 169 ALA A CB  1 
ATOM   1131 N  N   . ASN A 1 170 ? 16.730  5.130   -1.205  1.00 44.97  ? 170 ASN A N   1 
ATOM   1132 C  CA  . ASN A 1 170 ? 15.519  5.125   -2.070  1.00 41.33  ? 170 ASN A CA  1 
ATOM   1133 C  C   . ASN A 1 170 ? 14.875  6.514   -2.037  1.00 34.01  ? 170 ASN A C   1 
ATOM   1134 O  O   . ASN A 1 170 ? 13.796  6.648   -2.621  1.00 32.48  ? 170 ASN A O   1 
ATOM   1135 C  CB  . ASN A 1 170 ? 14.612  3.913   -1.828  1.00 52.07  ? 170 ASN A CB  1 
ATOM   1136 C  CG  . ASN A 1 170 ? 14.188  3.754   -0.390  1.00 57.30  ? 170 ASN A CG  1 
ATOM   1137 O  OD1 . ASN A 1 170 ? 14.297  4.700   0.386   1.00 63.45  ? 170 ASN A OD1 1 
ATOM   1138 N  ND2 . ASN A 1 170 ? 13.683  2.573   -0.045  1.00 54.02  ? 170 ASN A ND2 1 
ATOM   1139 N  N   . GLU A 1 171 ? 15.576  7.545   -1.553  1.00 32.21  ? 171 GLU A N   1 
ATOM   1140 C  CA  . GLU A 1 171 ? 15.039  8.928   -1.563  1.00 32.37  ? 171 GLU A CA  1 
ATOM   1141 C  C   . GLU A 1 171 ? 14.646  9.300   -3.001  1.00 28.19  ? 171 GLU A C   1 
ATOM   1142 O  O   . GLU A 1 171 ? 13.631  9.955   -3.196  1.00 29.91  ? 171 GLU A O   1 
ATOM   1143 C  CB  . GLU A 1 171 ? 15.997  9.969   -0.975  1.00 32.16  ? 171 GLU A CB  1 
ATOM   1144 C  CG  . GLU A 1 171 ? 15.351  11.324  -0.806  1.00 33.44  ? 171 GLU A CG  1 
ATOM   1145 C  CD  . GLU A 1 171 ? 16.230  12.480  -0.349  1.00 35.63  ? 171 GLU A CD  1 
ATOM   1146 O  OE1 . GLU A 1 171 ? 17.435  12.311  -0.313  1.00 34.11  ? 171 GLU A OE1 1 
ATOM   1147 O  OE2 . GLU A 1 171 ? 15.673  13.547  -0.042  1.00 35.69  ? 171 GLU A OE2 1 
ATOM   1148 N  N   . GLY A 1 172 ? 15.497  8.982   -3.966  1.00 30.63  ? 172 GLY A N   1 
ATOM   1149 C  CA  . GLY A 1 172 ? 15.274  9.390   -5.360  1.00 29.69  ? 172 GLY A CA  1 
ATOM   1150 C  C   . GLY A 1 172 ? 14.017  8.778   -5.926  1.00 27.91  ? 172 GLY A C   1 
ATOM   1151 O  O   . GLY A 1 172 ? 13.396  9.448   -6.773  1.00 31.35  ? 172 GLY A O   1 
ATOM   1152 N  N   . PHE A 1 173 ? 13.646  7.578   -5.469  1.00 26.40  ? 173 PHE A N   1 
ATOM   1153 C  CA  . PHE A 1 173 ? 12.326  6.992   -5.827  1.00 26.32  ? 173 PHE A CA  1 
ATOM   1154 C  C   . PHE A 1 173 ? 11.203  7.931   -5.354  1.00 25.54  ? 173 PHE A C   1 
ATOM   1155 O  O   . PHE A 1 173 ? 10.390  8.359   -6.163  1.00 24.78  ? 173 PHE A O   1 
ATOM   1156 C  CB  . PHE A 1 173 ? 12.143  5.606   -5.240  1.00 26.64  ? 173 PHE A CB  1 
ATOM   1157 C  CG  . PHE A 1 173 ? 10.740  5.079   -5.370  1.00 27.71  ? 173 PHE A CG  1 
ATOM   1158 C  CD1 . PHE A 1 173 ? 9.980   4.863   -4.244  1.00 25.85  ? 173 PHE A CD1 1 
ATOM   1159 C  CD2 . PHE A 1 173 ? 10.180  4.847   -6.630  1.00 26.99  ? 173 PHE A CD2 1 
ATOM   1160 C  CE1 . PHE A 1 173 ? 8.698   4.359   -4.361  1.00 28.62  ? 173 PHE A CE1 1 
ATOM   1161 C  CE2 . PHE A 1 173 ? 8.887   4.371   -6.738  1.00 29.09  ? 173 PHE A CE2 1 
ATOM   1162 C  CZ  . PHE A 1 173 ? 8.139   4.159   -5.599  1.00 29.94  ? 173 PHE A CZ  1 
ATOM   1163 N  N   . TYR A 1 174 ? 11.196  8.336   -4.084  1.00 26.24  ? 174 TYR A N   1 
ATOM   1164 C  CA  . TYR A 1 174 ? 10.114  9.206   -3.554  1.00 26.51  ? 174 TYR A CA  1 
ATOM   1165 C  C   . TYR A 1 174 ? 10.125  10.585  -4.188  1.00 24.65  ? 174 TYR A C   1 
ATOM   1166 O  O   . TYR A 1 174 ? 9.060   11.182  -4.362  1.00 28.56  ? 174 TYR A O   1 
ATOM   1167 C  CB  . TYR A 1 174 ? 10.155  9.233   -2.022  1.00 26.27  ? 174 TYR A CB  1 
ATOM   1168 C  CG  . TYR A 1 174 ? 9.969   7.851   -1.463  1.00 29.16  ? 174 TYR A CG  1 
ATOM   1169 C  CD1 . TYR A 1 174 ? 11.050  7.163   -0.948  1.00 31.72  ? 174 TYR A CD1 1 
ATOM   1170 C  CD2 . TYR A 1 174 ? 8.745   7.197   -1.553  1.00 29.63  ? 174 TYR A CD2 1 
ATOM   1171 C  CE1 . TYR A 1 174 ? 10.910  5.876   -0.477  1.00 36.24  ? 174 TYR A CE1 1 
ATOM   1172 C  CE2 . TYR A 1 174 ? 8.600   5.896   -1.091  1.00 33.09  ? 174 TYR A CE2 1 
ATOM   1173 C  CZ  . TYR A 1 174 ? 9.690   5.246   -0.558  1.00 33.55  ? 174 TYR A CZ  1 
ATOM   1174 O  OH  . TYR A 1 174 ? 9.601   3.963   -0.081  1.00 48.87  ? 174 TYR A OH  1 
ATOM   1175 N  N   . ILE A 1 175 ? 11.305  11.107  -4.516  1.00 27.94  ? 175 ILE A N   1 
ATOM   1176 C  CA  . ILE A 1 175 ? 11.391  12.392  -5.263  1.00 29.90  ? 175 ILE A CA  1 
ATOM   1177 C  C   . ILE A 1 175 ? 10.662  12.241  -6.605  1.00 29.37  ? 175 ILE A C   1 
ATOM   1178 O  O   . ILE A 1 175 ? 9.876   13.123  -6.912  1.00 31.60  ? 175 ILE A O   1 
ATOM   1179 C  CB  . ILE A 1 175 ? 12.850  12.823  -5.450  1.00 33.46  ? 175 ILE A CB  1 
ATOM   1180 C  CG1 . ILE A 1 175 ? 13.508  13.095  -4.091  1.00 39.31  ? 175 ILE A CG1 1 
ATOM   1181 C  CG2 . ILE A 1 175 ? 12.928  14.041  -6.377  1.00 31.04  ? 175 ILE A CG2 1 
ATOM   1182 C  CD1 . ILE A 1 175 ? 12.975  14.286  -3.395  1.00 44.81  ? 175 ILE A CD1 1 
ATOM   1183 N  N   . LYS A 1 176 ? 10.902  11.153  -7.329  1.00 30.29  ? 176 LYS A N   1 
ATOM   1184 C  CA  . LYS A 1 176 ? 10.215  10.889  -8.628  1.00 30.36  ? 176 LYS A CA  1 
ATOM   1185 C  C   . LYS A 1 176 ? 8.696   10.767  -8.428  1.00 31.53  ? 176 LYS A C   1 
ATOM   1186 O  O   . LYS A 1 176 ? 7.956   11.066  -9.394  1.00 34.36  ? 176 LYS A O   1 
ATOM   1187 C  CB  . LYS A 1 176 ? 10.826  9.653   -9.292  1.00 33.49  ? 176 LYS A CB  1 
ATOM   1188 C  CG  . LYS A 1 176 ? 12.241  9.848   -9.846  1.00 36.50  ? 176 LYS A CG  1 
ATOM   1189 C  CD  . LYS A 1 176 ? 12.280  10.255  -11.304 1.00 40.34  ? 176 LYS A CD  1 
ATOM   1190 C  CE  . LYS A 1 176 ? 13.669  10.522  -11.885 1.00 37.72  ? 176 LYS A CE  1 
ATOM   1191 N  NZ  . LYS A 1 176 ? 14.252  9.328   -12.566 1.00 47.64  ? 176 LYS A NZ  1 
ATOM   1192 N  N   . CYS A 1 177 ? 8.220   10.373  -7.243  1.00 28.08  ? 177 CYS A N   1 
ATOM   1193 C  CA  . CYS A 1 177 ? 6.771   10.224  -6.950  1.00 31.51  ? 177 CYS A CA  1 
ATOM   1194 C  C   . CYS A 1 177 ? 6.182   11.539  -6.428  1.00 35.06  ? 177 CYS A C   1 
ATOM   1195 O  O   . CYS A 1 177 ? 5.000   11.518  -6.049  1.00 36.62  ? 177 CYS A O   1 
ATOM   1196 C  CB  . CYS A 1 177 ? 6.485   9.147   -5.913  1.00 30.25  ? 177 CYS A CB  1 
ATOM   1197 S  SG  . CYS A 1 177 ? 7.038   7.476   -6.328  1.00 30.52  ? 177 CYS A SG  1 
ATOM   1198 N  N   . GLY A 1 178 ? 6.977   12.605  -6.340  1.00 35.95  ? 178 GLY A N   1 
ATOM   1199 C  CA  . GLY A 1 178 ? 6.461   13.943  -5.983  1.00 36.69  ? 178 GLY A CA  1 
ATOM   1200 C  C   . GLY A 1 178 ? 6.543   14.218  -4.490  1.00 37.15  ? 178 GLY A C   1 
ATOM   1201 O  O   . GLY A 1 178 ? 5.830   15.098  -3.981  1.00 34.98  ? 178 GLY A O   1 
ATOM   1202 N  N   . PHE A 1 179 ? 7.416   13.520  -3.779  1.00 28.82  ? 179 PHE A N   1 
ATOM   1203 C  CA  . PHE A 1 179 ? 7.617   13.793  -2.341  1.00 26.98  ? 179 PHE A CA  1 
ATOM   1204 C  C   . PHE A 1 179 ? 8.830   14.711  -2.212  1.00 30.27  ? 179 PHE A C   1 
ATOM   1205 O  O   . PHE A 1 179 ? 9.693   14.739  -3.083  1.00 29.09  ? 179 PHE A O   1 
ATOM   1206 C  CB  . PHE A 1 179 ? 7.795   12.511  -1.531  1.00 26.78  ? 179 PHE A CB  1 
ATOM   1207 C  CG  . PHE A 1 179 ? 6.512   11.782  -1.223  1.00 27.42  ? 179 PHE A CG  1 
ATOM   1208 C  CD1 . PHE A 1 179 ? 5.990   11.725  0.062   1.00 26.75  ? 179 PHE A CD1 1 
ATOM   1209 C  CD2 . PHE A 1 179 ? 5.772   11.219  -2.255  1.00 31.80  ? 179 PHE A CD2 1 
ATOM   1210 C  CE1 . PHE A 1 179 ? 4.761   11.133  0.323   1.00 29.56  ? 179 PHE A CE1 1 
ATOM   1211 C  CE2 . PHE A 1 179 ? 4.561   10.602  -1.989  1.00 29.11  ? 179 PHE A CE2 1 
ATOM   1212 C  CZ  . PHE A 1 179 ? 4.076   10.525  -0.707  1.00 29.89  ? 179 PHE A CZ  1 
ATOM   1213 N  N   . LYS A 1 180 ? 8.895   15.446  -1.109  1.00 29.49  ? 180 LYS A N   1 
ATOM   1214 C  CA  . LYS A 1 180 ? 10.076  16.271  -0.803  1.00 31.40  ? 180 LYS A CA  1 
ATOM   1215 C  C   . LYS A 1 180 ? 10.540  15.961  0.616   1.00 30.55  ? 180 LYS A C   1 
ATOM   1216 O  O   . LYS A 1 180 ? 9.697   15.634  1.468   1.00 31.30  ? 180 LYS A O   1 
ATOM   1217 C  CB  . LYS A 1 180 ? 9.725   17.757  -0.943  1.00 35.64  ? 180 LYS A CB  1 
ATOM   1218 C  CG  . LYS A 1 180 ? 8.620   18.244  -0.012  1.00 47.96  ? 180 LYS A CG  1 
ATOM   1219 C  CD  . LYS A 1 180 ? 8.440   19.751  0.058   1.00 55.26  ? 180 LYS A CD  1 
ATOM   1220 C  CE  . LYS A 1 180 ? 7.362   20.160  1.042   1.00 57.19  ? 180 LYS A CE  1 
ATOM   1221 N  NZ  . LYS A 1 180 ? 7.025   21.598  0.922   1.00 63.20  ? 180 LYS A NZ  1 
ATOM   1222 N  N   . ARG A 1 181 ? 11.835  16.102  0.849   1.00 30.41  ? 181 ARG A N   1 
ATOM   1223 C  CA  . ARG A 1 181 ? 12.378  15.988  2.227   1.00 32.60  ? 181 ARG A CA  1 
ATOM   1224 C  C   . ARG A 1 181 ? 11.662  17.001  3.138   1.00 34.03  ? 181 ARG A C   1 
ATOM   1225 O  O   . ARG A 1 181 ? 11.467  18.172  2.761   1.00 33.63  ? 181 ARG A O   1 
ATOM   1226 C  CB  . ARG A 1 181 ? 13.901  16.141  2.173   1.00 36.63  ? 181 ARG A CB  1 
ATOM   1227 C  CG  . ARG A 1 181 ? 14.592  15.592  3.416   1.00 43.52  ? 181 ARG A CG  1 
ATOM   1228 C  CD  . ARG A 1 181 ? 16.097  15.799  3.384   1.00 47.40  ? 181 ARG A CD  1 
ATOM   1229 N  NE  . ARG A 1 181 ? 16.806  15.120  2.297   1.00 53.17  ? 181 ARG A NE  1 
ATOM   1230 C  CZ  . ARG A 1 181 ? 18.122  14.856  2.304   1.00 59.02  ? 181 ARG A CZ  1 
ATOM   1231 N  NH1 . ARG A 1 181 ? 18.858  15.195  3.355   1.00 56.23  ? 181 ARG A NH1 1 
ATOM   1232 N  NH2 . ARG A 1 181 ? 18.702  14.260  1.269   1.00 58.88  ? 181 ARG A NH2 1 
ATOM   1233 N  N   . ALA A 1 182 ? 11.243  16.569  4.320   1.00 28.45  ? 182 ALA A N   1 
ATOM   1234 C  CA  . ALA A 1 182 ? 10.451  17.383  5.257   1.00 26.76  ? 182 ALA A CA  1 
ATOM   1235 C  C   . ALA A 1 182 ? 11.047  17.362  6.665   1.00 32.45  ? 182 ALA A C   1 
ATOM   1236 O  O   . ALA A 1 182 ? 10.626  18.168  7.490   1.00 36.62  ? 182 ALA A O   1 
ATOM   1237 C  CB  . ALA A 1 182 ? 9.037   16.877  5.284   1.00 32.05  ? 182 ALA A CB  1 
ATOM   1238 N  N   . GLY A 1 183 ? 11.902  16.398  6.948   1.00 29.67  ? 183 GLY A N   1 
ATOM   1239 C  CA  . GLY A 1 183 ? 12.498  16.275  8.277   1.00 31.58  ? 183 GLY A CA  1 
ATOM   1240 C  C   . GLY A 1 183 ? 13.327  15.027  8.339   1.00 27.14  ? 183 GLY A C   1 
ATOM   1241 O  O   . GLY A 1 183 ? 13.677  14.468  7.324   1.00 26.89  ? 183 GLY A O   1 
ATOM   1242 N  N   . LEU A 1 184 ? 13.634  14.600  9.562   1.00 27.99  ? 184 LEU A N   1 
ATOM   1243 C  CA  . LEU A 1 184 ? 14.483  13.440  9.857   1.00 27.39  ? 184 LEU A CA  1 
ATOM   1244 C  C   . LEU A 1 184 ? 13.605  12.400  10.543  1.00 27.10  ? 184 LEU A C   1 
ATOM   1245 O  O   . LEU A 1 184 ? 12.717  12.788  11.328  1.00 29.91  ? 184 LEU A O   1 
ATOM   1246 C  CB  . LEU A 1 184 ? 15.583  13.861  10.832  1.00 32.96  ? 184 LEU A CB  1 
ATOM   1247 C  CG  . LEU A 1 184 ? 16.450  15.015  10.345  1.00 36.51  ? 184 LEU A CG  1 
ATOM   1248 C  CD1 . LEU A 1 184 ? 17.477  15.392  11.417  1.00 41.02  ? 184 LEU A CD1 1 
ATOM   1249 C  CD2 . LEU A 1 184 ? 17.125  14.641  9.043   1.00 36.17  ? 184 LEU A CD2 1 
ATOM   1250 N  N   . GLU A 1 185 ? 13.848  11.154  10.248  1.00 25.45  ? 185 GLU A N   1 
ATOM   1251 C  CA  . GLU A 1 185 ? 13.305  10.010  11.004  1.00 25.76  ? 185 GLU A CA  1 
ATOM   1252 C  C   . GLU A 1 185 ? 14.307  9.700   12.113  1.00 27.41  ? 185 GLU A C   1 
ATOM   1253 O  O   . GLU A 1 185 ? 15.503  9.493   11.812  1.00 28.59  ? 185 GLU A O   1 
ATOM   1254 C  CB  . GLU A 1 185 ? 13.104  8.798   10.103  1.00 26.15  ? 185 GLU A CB  1 
ATOM   1255 C  CG  . GLU A 1 185 ? 12.563  7.588   10.806  1.00 27.80  ? 185 GLU A CG  1 
ATOM   1256 C  CD  . GLU A 1 185 ? 12.660  6.244   10.094  1.00 33.10  ? 185 GLU A CD  1 
ATOM   1257 O  OE1 . GLU A 1 185 ? 13.273  6.153   9.018   1.00 32.59  ? 185 GLU A OE1 1 
ATOM   1258 O  OE2 . GLU A 1 185 ? 12.147  5.286   10.658  1.00 33.86  ? 185 GLU A OE2 1 
ATOM   1259 N  N   . MET A 1 186 ? 13.837  9.700   13.350  1.00 24.66  ? 186 MET A N   1 
ATOM   1260 C  CA  . MET A 1 186 ? 14.636  9.297   14.531  1.00 24.27  ? 186 MET A CA  1 
ATOM   1261 C  C   . MET A 1 186 ? 14.086  7.984   15.069  1.00 25.41  ? 186 MET A C   1 
ATOM   1262 O  O   . MET A 1 186 ? 12.854  7.733   15.002  1.00 24.54  ? 186 MET A O   1 
ATOM   1263 C  CB  . MET A 1 186 ? 14.577  10.365  15.613  1.00 25.91  ? 186 MET A CB  1 
ATOM   1264 C  CG  . MET A 1 186 ? 14.876  11.759  15.113  1.00 25.82  ? 186 MET A CG  1 
ATOM   1265 S  SD  . MET A 1 186 ? 16.596  11.952  14.605  1.00 29.62  ? 186 MET A SD  1 
ATOM   1266 C  CE  . MET A 1 186 ? 17.454  11.900  16.200  1.00 26.60  ? 186 MET A CE  1 
ATOM   1267 N  N   . ALA A 1 187 ? 14.961  7.147   15.609  1.00 24.16  ? 187 ALA A N   1 
ATOM   1268 C  CA  . ALA A 1 187 ? 14.549  5.818   16.060  1.00 28.16  ? 187 ALA A CA  1 
ATOM   1269 C  C   . ALA A 1 187 ? 15.174  5.498   17.401  1.00 24.68  ? 187 ALA A C   1 
ATOM   1270 O  O   . ALA A 1 187 ? 16.280  5.970   17.705  1.00 25.46  ? 187 ALA A O   1 
ATOM   1271 C  CB  . ALA A 1 187 ? 14.913  4.778   15.041  1.00 29.35  ? 187 ALA A CB  1 
ATOM   1272 N  N   . HIS A 1 188 ? 14.467  4.682   18.157  1.00 26.75  ? 188 HIS A N   1 
ATOM   1273 C  CA  . HIS A 1 188 ? 14.888  4.177   19.491  1.00 29.82  ? 188 HIS A CA  1 
ATOM   1274 C  C   . HIS A 1 188 ? 14.615  2.691   19.503  1.00 31.24  ? 188 HIS A C   1 
ATOM   1275 O  O   . HIS A 1 188 ? 13.460  2.313   19.322  1.00 28.45  ? 188 HIS A O   1 
ATOM   1276 C  CB  . HIS A 1 188 ? 14.161  4.902   20.629  1.00 29.59  ? 188 HIS A CB  1 
ATOM   1277 C  CG  . HIS A 1 188 ? 14.605  4.476   21.996  1.00 37.62  ? 188 HIS A CG  1 
ATOM   1278 N  ND1 . HIS A 1 188 ? 15.578  5.131   22.695  1.00 41.19  ? 188 HIS A ND1 1 
ATOM   1279 C  CD2 . HIS A 1 188 ? 14.156  3.498   22.813  1.00 42.51  ? 188 HIS A CD2 1 
ATOM   1280 C  CE1 . HIS A 1 188 ? 15.744  4.559   23.878  1.00 42.31  ? 188 HIS A CE1 1 
ATOM   1281 N  NE2 . HIS A 1 188 ? 14.892  3.543   23.970  1.00 38.86  ? 188 HIS A NE2 1 
ATOM   1282 N  N   . TYR A 1 189 ? 15.659  1.879   19.687  1.00 40.04  ? 189 TYR A N   1 
ATOM   1283 C  CA  . TYR A 1 189 ? 15.602  0.396   19.713  1.00 43.06  ? 189 TYR A CA  1 
ATOM   1284 C  C   . TYR A 1 189 ? 15.576  -0.103  21.162  1.00 43.83  ? 189 TYR A C   1 
ATOM   1285 O  O   . TYR A 1 189 ? 16.087  0.584   22.075  1.00 46.01  ? 189 TYR A O   1 
ATOM   1286 C  CB  . TYR A 1 189 ? 16.746  -0.182  18.882  1.00 40.46  ? 189 TYR A CB  1 
ATOM   1287 C  CG  . TYR A 1 189 ? 16.476  -0.061  17.411  1.00 41.09  ? 189 TYR A CG  1 
ATOM   1288 C  CD1 . TYR A 1 189 ? 15.756  -1.033  16.752  1.00 44.17  ? 189 TYR A CD1 1 
ATOM   1289 C  CD2 . TYR A 1 189 ? 16.872  1.064   16.692  1.00 43.04  ? 189 TYR A CD2 1 
ATOM   1290 C  CE1 . TYR A 1 189 ? 15.483  -0.931  15.400  1.00 45.07  ? 189 TYR A CE1 1 
ATOM   1291 C  CE2 . TYR A 1 189 ? 16.611  1.178   15.331  1.00 45.61  ? 189 TYR A CE2 1 
ATOM   1292 C  CZ  . TYR A 1 189 ? 15.894  0.186   14.692  1.00 43.53  ? 189 TYR A CZ  1 
ATOM   1293 O  OH  . TYR A 1 189 ? 15.586  0.256   13.362  1.00 56.13  ? 189 TYR A OH  1 
ATOM   1294 N  N   . TYR A 1 190 ? 14.880  -1.225  21.363  1.00 46.76  ? 190 TYR A N   1 
ATOM   1295 C  CA  . TYR A 1 190 ? 14.748  -1.949  22.653  1.00 54.04  ? 190 TYR A CA  1 
ATOM   1296 C  C   . TYR A 1 190 ? 15.629  -3.196  22.596  1.00 52.54  ? 190 TYR A C   1 
ATOM   1297 O  O   . TYR A 1 190 ? 15.777  -3.813  21.544  1.00 56.46  ? 190 TYR A O   1 
ATOM   1298 C  CB  . TYR A 1 190 ? 13.280  -2.296  22.923  1.00 51.56  ? 190 TYR A CB  1 
ATOM   1299 C  CG  . TYR A 1 190 ? 12.396  -1.078  22.909  1.00 46.30  ? 190 TYR A CG  1 
ATOM   1300 C  CD1 . TYR A 1 190 ? 11.508  -0.860  21.871  1.00 47.54  ? 190 TYR A CD1 1 
ATOM   1301 C  CD2 . TYR A 1 190 ? 12.504  -0.117  23.899  1.00 45.58  ? 190 TYR A CD2 1 
ATOM   1302 C  CE1 . TYR A 1 190 ? 10.716  0.270   21.830  1.00 39.74  ? 190 TYR A CE1 1 
ATOM   1303 C  CE2 . TYR A 1 190 ? 11.704  1.016   23.882  1.00 43.64  ? 190 TYR A CE2 1 
ATOM   1304 C  CZ  . TYR A 1 190 ? 10.818  1.206   22.838  1.00 43.40  ? 190 TYR A CZ  1 
ATOM   1305 O  OH  . TYR A 1 190 ? 10.045  2.320   22.757  1.00 39.42  ? 190 TYR A OH  1 
ATOM   1306 O  OXT . TYR A 1 190 ? 16.174  -3.545  23.620  1.00 58.51  ? 190 TYR A OXT 1 
HETATM 1307 N  N1A . ACO B 2 .   ? 16.536  5.532   -6.367  1.00 28.70  ? 201 ACO A N1A 1 
HETATM 1308 C  C2A . ACO B 2 .   ? 16.318  6.389   -7.358  1.00 30.90  ? 201 ACO A C2A 1 
HETATM 1309 N  N3A . ACO B 2 .   ? 15.385  6.184   -8.326  1.00 26.72  ? 201 ACO A N3A 1 
HETATM 1310 C  C4A . ACO B 2 .   ? 14.605  5.082   -8.247  1.00 28.06  ? 201 ACO A C4A 1 
HETATM 1311 C  C5A . ACO B 2 .   ? 14.790  4.122   -7.204  1.00 26.01  ? 201 ACO A C5A 1 
HETATM 1312 C  C6A . ACO B 2 .   ? 15.800  4.422   -6.205  1.00 27.92  ? 201 ACO A C6A 1 
HETATM 1313 N  N6A . ACO B 2 .   ? 16.009  3.572   -5.180  1.00 30.69  ? 201 ACO A N6A 1 
HETATM 1314 N  N7A . ACO B 2 .   ? 13.873  3.141   -7.366  1.00 28.06  ? 201 ACO A N7A 1 
HETATM 1315 C  C8A . ACO B 2 .   ? 13.179  3.458   -8.458  1.00 26.44  ? 201 ACO A C8A 1 
HETATM 1316 N  N9A . ACO B 2 .   ? 13.627  4.596   -9.019  1.00 25.99  ? 201 ACO A N9A 1 
HETATM 1317 C  C1B . ACO B 2 .   ? 13.066  5.258   -10.178 1.00 28.29  ? 201 ACO A C1B 1 
HETATM 1318 C  C2B . ACO B 2 .   ? 12.665  4.364   -11.310 1.00 31.59  ? 201 ACO A C2B 1 
HETATM 1319 O  O2B . ACO B 2 .   ? 13.780  4.048   -12.148 1.00 32.30  ? 201 ACO A O2B 1 
HETATM 1320 C  C3B . ACO B 2 .   ? 11.697  5.278   -12.052 1.00 30.17  ? 201 ACO A C3B 1 
HETATM 1321 O  O3B . ACO B 2 .   ? 12.357  6.364   -12.703 1.00 31.29  ? 201 ACO A O3B 1 
HETATM 1322 P  P3B . ACO B 2 .   ? 11.763  7.017   -14.097 1.00 40.95  ? 201 ACO A P3B 1 
HETATM 1323 O  O7A . ACO B 2 .   ? 10.510  7.768   -13.714 1.00 50.45  ? 201 ACO A O7A 1 
HETATM 1324 O  O8A . ACO B 2 .   ? 12.862  7.935   -14.460 1.00 39.49  ? 201 ACO A O8A 1 
HETATM 1325 O  O9A . ACO B 2 .   ? 11.516  5.785   -14.860 1.00 35.41  ? 201 ACO A O9A 1 
HETATM 1326 C  C4B . ACO B 2 .   ? 10.959  5.930   -10.906 1.00 30.85  ? 201 ACO A C4B 1 
HETATM 1327 O  O4B . ACO B 2 .   ? 11.851  5.962   -9.790  1.00 28.96  ? 201 ACO A O4B 1 
HETATM 1328 C  C5B . ACO B 2 .   ? 9.750   5.089   -10.514 1.00 28.08  ? 201 ACO A C5B 1 
HETATM 1329 O  O5B . ACO B 2 .   ? 10.172  3.825   -10.006 1.00 28.89  ? 201 ACO A O5B 1 
HETATM 1330 P  P1A . ACO B 2 .   ? 9.354   2.445   -10.224 1.00 28.92  ? 201 ACO A P1A 1 
HETATM 1331 O  O1A . ACO B 2 .   ? 9.730   1.873   -11.602 1.00 29.51  ? 201 ACO A O1A 1 
HETATM 1332 O  O2A . ACO B 2 .   ? 7.888   2.679   -9.945  1.00 29.58  ? 201 ACO A O2A 1 
HETATM 1333 O  O3A . ACO B 2 .   ? 10.014  1.563   -9.134  1.00 28.89  ? 201 ACO A O3A 1 
HETATM 1334 P  P2A . ACO B 2 .   ? 9.777   0.138   -8.590  1.00 32.09  ? 201 ACO A P2A 1 
HETATM 1335 O  O4A . ACO B 2 .   ? 11.042  -0.604  -8.621  1.00 37.76  ? 201 ACO A O4A 1 
HETATM 1336 O  O5A . ACO B 2 .   ? 8.521   -0.413  -9.237  1.00 31.53  ? 201 ACO A O5A 1 
HETATM 1337 O  O6A . ACO B 2 .   ? 9.430   0.346   -7.072  1.00 32.43  ? 201 ACO A O6A 1 
HETATM 1338 C  CBP . ACO B 2 .   ? 10.311  0.227   -4.941  1.00 30.64  ? 201 ACO A CBP 1 
HETATM 1339 C  CCP . ACO B 2 .   ? 10.280  1.067   -6.170  1.00 32.45  ? 201 ACO A CCP 1 
HETATM 1340 C  CDP . ACO B 2 .   ? 8.884   -0.005  -4.428  1.00 31.92  ? 201 ACO A CDP 1 
HETATM 1341 C  CEP . ACO B 2 .   ? 11.228  0.992   -3.964  1.00 33.82  ? 201 ACO A CEP 1 
HETATM 1342 C  CAP . ACO B 2 .   ? 10.885  -1.177  -5.265  1.00 32.30  ? 201 ACO A CAP 1 
HETATM 1343 O  OAP . ACO B 2 .   ? 12.187  -1.028  -5.829  1.00 35.24  ? 201 ACO A OAP 1 
HETATM 1344 C  C9P . ACO B 2 .   ? 10.973  -2.129  -4.116  1.00 29.52  ? 201 ACO A C9P 1 
HETATM 1345 O  O9P . ACO B 2 .   ? 10.071  -2.886  -3.834  1.00 30.17  ? 201 ACO A O9P 1 
HETATM 1346 N  N8P . ACO B 2 .   ? 12.083  -2.164  -3.313  1.00 32.66  ? 201 ACO A N8P 1 
HETATM 1347 C  C7P . ACO B 2 .   ? 12.203  -3.055  -2.206  1.00 30.59  ? 201 ACO A C7P 1 
HETATM 1348 C  C6P . ACO B 2 .   ? 11.314  -2.800  -0.983  1.00 31.98  ? 201 ACO A C6P 1 
HETATM 1349 C  C5P . ACO B 2 .   ? 11.443  -1.379  -0.433  1.00 38.24  ? 201 ACO A C5P 1 
HETATM 1350 O  O5P . ACO B 2 .   ? 12.564  -0.957  -0.154  1.00 40.48  ? 201 ACO A O5P 1 
HETATM 1351 N  N4P . ACO B 2 .   ? 10.328  -0.637  -0.256  1.00 31.92  ? 201 ACO A N4P 1 
HETATM 1352 C  C3P . ACO B 2 .   ? 10.319  0.689   0.369   1.00 33.74  ? 201 ACO A C3P 1 
HETATM 1353 C  C2P . ACO B 2 .   ? 10.168  0.542   1.894   1.00 36.18  ? 201 ACO A C2P 1 
HETATM 1354 S  S1P . ACO B 2 .   ? 10.006  2.170   2.586   1.00 43.68  ? 201 ACO A S1P 1 
HETATM 1355 C  C   . ACO B 2 .   ? 8.368   2.554   2.443   1.00 39.99  ? 201 ACO A C   1 
HETATM 1356 O  O   . ACO B 2 .   ? 7.601   1.737   1.956   1.00 31.42  ? 201 ACO A O   1 
HETATM 1357 C  CH3 . ACO B 2 .   ? 7.887   3.912   2.867   1.00 31.73  ? 201 ACO A CH3 1 
HETATM 1358 N  N1  . N2Z C 3 .   ? -0.321  3.701   13.053  0.50 32.43  ? 202 N2Z A N1  1 
HETATM 1359 N  N3  . N2Z C 3 .   ? -1.805  5.271   12.884  0.50 33.78  ? 202 N2Z A N3  1 
HETATM 1360 C  C4  . N2Z C 3 .   ? 1.652   5.537   11.537  0.50 36.13  ? 202 N2Z A C4  1 
HETATM 1361 C  C5  . N2Z C 3 .   ? 2.724   6.387   11.327  0.50 35.68  ? 202 N2Z A C5  1 
HETATM 1362 C  C6  . N2Z C 3 .   ? 2.818   7.555   12.051  0.50 31.82  ? 202 N2Z A C6  1 
HETATM 1363 C  C7  . N2Z C 3 .   ? 1.861   7.871   12.971  0.50 32.20  ? 202 N2Z A C7  1 
HETATM 1364 C  C8  . N2Z C 3 .   ? 0.781   7.038   13.168  0.50 35.09  ? 202 N2Z A C8  1 
HETATM 1365 C  C1  . N2Z C 3 .   ? -0.503  4.979   12.746  0.50 36.47  ? 202 N2Z A C1  1 
HETATM 1366 C  C2  . N2Z C 3 .   ? -1.555  3.228   13.338  0.50 33.12  ? 202 N2Z A C2  1 
HETATM 1367 N  N2  . N2Z C 3 .   ? -2.487  4.152   13.249  0.50 35.71  ? 202 N2Z A N2  1 
HETATM 1368 C  C3  . N2Z C 3 .   ? 0.633   5.863   12.440  0.50 36.76  ? 202 N2Z A C3  1 
HETATM 1369 CL CL1 . N2Z C 3 .   ? 1.589   4.093   10.577  0.50 39.98  ? 202 N2Z A CL1 1 
HETATM 1370 O  O   . HOH D 4 .   ? 1.068   -14.444 -13.331 1.00 39.88  ? 301 HOH A O   1 
HETATM 1371 O  O   . HOH D 4 .   ? -4.327  -2.404  -17.320 1.00 49.42  ? 302 HOH A O   1 
HETATM 1372 O  O   . HOH D 4 .   ? 1.370   -2.276  5.914   1.00 51.51  ? 303 HOH A O   1 
HETATM 1373 O  O   . HOH D 4 .   ? -12.459 -10.205 1.195   1.00 43.30  ? 304 HOH A O   1 
HETATM 1374 O  O   . HOH D 4 .   ? 21.219  13.929  4.153   1.00 55.70  ? 305 HOH A O   1 
HETATM 1375 O  O   . HOH D 4 .   ? -9.294  -17.932 10.993  1.00 39.40  ? 306 HOH A O   1 
HETATM 1376 O  O   . HOH D 4 .   ? 10.987  2.589   -13.664 1.00 37.33  ? 307 HOH A O   1 
HETATM 1377 O  O   . HOH D 4 .   ? -2.382  -11.056 -18.896 1.00 44.19  ? 308 HOH A O   1 
HETATM 1378 O  O   . HOH D 4 .   ? 0.977   11.117  -5.839  1.00 37.94  ? 309 HOH A O   1 
HETATM 1379 O  O   . HOH D 4 .   ? -12.007 4.126   -9.153  1.00 40.90  ? 310 HOH A O   1 
HETATM 1380 O  O   . HOH D 4 .   ? 13.414  0.066   -9.362  1.00 37.77  ? 311 HOH A O   1 
HETATM 1381 O  O   . HOH D 4 .   ? 3.203   -12.833 -5.700  1.00 36.65  ? 312 HOH A O   1 
HETATM 1382 O  O   . HOH D 4 .   ? -10.319 -6.097  -4.066  1.00 34.38  ? 313 HOH A O   1 
HETATM 1383 O  O   . HOH D 4 .   ? 13.417  2.976   2.534   1.00 39.61  ? 314 HOH A O   1 
HETATM 1384 O  O   . HOH D 4 .   ? -12.845 9.092   -7.515  1.00 46.41  ? 315 HOH A O   1 
HETATM 1385 O  O   . HOH D 4 .   ? 2.843   -18.018 12.640  1.00 47.44  ? 316 HOH A O   1 
HETATM 1386 O  O   . HOH D 4 .   ? -4.124  9.889   -9.294  1.00 33.36  ? 317 HOH A O   1 
HETATM 1387 O  O   . HOH D 4 .   ? 1.904   12.406  12.234  1.00 49.03  ? 318 HOH A O   1 
HETATM 1388 O  O   . HOH D 4 .   ? 1.348   3.567   -19.077 1.00 50.78  ? 319 HOH A O   1 
HETATM 1389 O  O   . HOH D 4 .   ? -6.165  5.215   -5.100  1.00 23.69  ? 320 HOH A O   1 
HETATM 1390 O  O   . HOH D 4 .   ? 4.984   8.061   8.840   1.00 35.81  ? 321 HOH A O   1 
HETATM 1391 O  O   . HOH D 4 .   ? 1.636   -5.167  4.165   1.00 41.46  ? 322 HOH A O   1 
HETATM 1392 O  O   . HOH D 4 .   ? -14.332 -10.499 5.562   1.00 61.95  ? 323 HOH A O   1 
HETATM 1393 O  O   . HOH D 4 .   ? 6.994   5.257   6.068   1.00 29.57  ? 324 HOH A O   1 
HETATM 1394 O  O   . HOH D 4 .   ? -7.494  15.924  1.435   1.00 39.77  ? 325 HOH A O   1 
HETATM 1395 O  O   . HOH D 4 .   ? 3.429   -10.174 -15.700 1.00 55.80  ? 326 HOH A O   1 
HETATM 1396 O  O   . HOH D 4 .   ? 10.673  -11.495 -9.214  1.00 48.70  ? 327 HOH A O   1 
HETATM 1397 O  O   . HOH D 4 .   ? -2.421  10.485  -6.974  1.00 34.42  ? 328 HOH A O   1 
HETATM 1398 O  O   . HOH D 4 .   ? -0.181  -10.302 -17.159 1.00 47.11  ? 329 HOH A O   1 
HETATM 1399 O  O   . HOH D 4 .   ? 14.151  -1.430  11.812  1.00 65.41  ? 330 HOH A O   1 
HETATM 1400 O  O   . HOH D 4 .   ? 18.016  7.173   -4.799  1.00 51.67  ? 331 HOH A O   1 
HETATM 1401 O  O   . HOH D 4 .   ? 1.661   -2.933  2.154   1.00 29.57  ? 332 HOH A O   1 
HETATM 1402 O  O   . HOH D 4 .   ? 9.479   15.661  -5.631  1.00 46.12  ? 333 HOH A O   1 
HETATM 1403 O  O   . HOH D 4 .   ? 0.166   -15.303 -0.325  1.00 43.05  ? 334 HOH A O   1 
HETATM 1404 O  O   . HOH D 4 .   ? 13.333  4.241   7.059   1.00 48.10  ? 335 HOH A O   1 
HETATM 1405 O  O   . HOH D 4 .   ? 14.860  -1.789  -8.681  1.00 43.31  ? 336 HOH A O   1 
HETATM 1406 O  O   . HOH D 4 .   ? 15.383  10.505  -8.355  1.00 40.85  ? 337 HOH A O   1 
HETATM 1407 O  O   . HOH D 4 .   ? -9.152  -0.194  4.461   1.00 30.82  ? 338 HOH A O   1 
HETATM 1408 O  O   . HOH D 4 .   ? 10.387  6.340   -18.392 1.00 55.96  ? 339 HOH A O   1 
HETATM 1409 O  O   . HOH D 4 .   ? 1.910   2.136   -15.393 1.00 35.98  ? 340 HOH A O   1 
HETATM 1410 O  O   . HOH D 4 .   ? 14.363  0.740   -6.065  1.00 42.42  ? 341 HOH A O   1 
HETATM 1411 O  O   . HOH D 4 .   ? -4.680  0.638   -18.075 1.00 53.87  ? 342 HOH A O   1 
HETATM 1412 O  O   . HOH D 4 .   ? 10.145  2.218   -16.254 1.00 48.93  ? 343 HOH A O   1 
HETATM 1413 O  O   . HOH D 4 .   ? -16.510 9.030   -5.553  1.00 48.12  ? 344 HOH A O   1 
HETATM 1414 O  O   . HOH D 4 .   ? -9.758  -1.185  -8.584  1.00 33.66  ? 345 HOH A O   1 
HETATM 1415 O  O   . HOH D 4 .   ? -17.997 0.395   -2.155  1.00 46.77  ? 346 HOH A O   1 
HETATM 1416 O  O   . HOH D 4 .   ? 7.001   -25.420 8.640   1.00 45.07  ? 347 HOH A O   1 
HETATM 1417 O  O   . HOH D 4 .   ? 14.594  1.393   -11.659 1.00 37.57  ? 348 HOH A O   1 
HETATM 1418 O  O   . HOH D 4 .   ? -13.043 1.652   4.557   1.00 42.95  ? 349 HOH A O   1 
HETATM 1419 O  O   . HOH D 4 .   ? 12.447  -8.990  -15.125 1.00 59.19  ? 350 HOH A O   1 
HETATM 1420 O  O   . HOH D 4 .   ? -11.147 -21.519 0.910   1.00 70.31  ? 351 HOH A O   1 
HETATM 1421 O  O   . HOH D 4 .   ? 8.257   -11.186 -12.674 1.00 50.99  ? 352 HOH A O   1 
HETATM 1422 O  O   . HOH D 4 .   ? 13.524  16.808  -1.326  1.00 47.70  ? 353 HOH A O   1 
HETATM 1423 O  O   . HOH D 4 .   ? -13.329 -6.919  3.200   1.00 46.29  ? 354 HOH A O   1 
HETATM 1424 O  O   . HOH D 4 .   ? -6.088  -0.838  -14.692 1.00 38.46  ? 355 HOH A O   1 
HETATM 1425 O  O   . HOH D 4 .   ? -5.056  -22.939 8.431   1.00 51.89  ? 356 HOH A O   1 
HETATM 1426 O  O   . HOH D 4 .   ? -7.492  9.905   -10.598 1.00 47.96  ? 357 HOH A O   1 
HETATM 1427 O  O   . HOH D 4 .   ? 10.729  -14.654 4.117   1.00 59.21  ? 358 HOH A O   1 
HETATM 1428 O  O   . HOH D 4 .   ? -5.782  -11.456 -12.187 1.00 34.29  ? 359 HOH A O   1 
HETATM 1429 O  O   . HOH D 4 .   ? -14.138 2.222   2.064   1.00 35.75  ? 360 HOH A O   1 
HETATM 1430 O  O   . HOH D 4 .   ? 8.140   10.155  -12.142 1.00 47.94  ? 361 HOH A O   1 
HETATM 1431 O  O   . HOH D 4 .   ? 3.059   11.657  -9.532  1.00 42.26  ? 362 HOH A O   1 
HETATM 1432 O  O   . HOH D 4 .   ? -11.549 0.704   -8.724  1.00 35.01  ? 363 HOH A O   1 
HETATM 1433 O  O   . HOH D 4 .   ? -16.800 -13.388 2.879   1.00 56.67  ? 364 HOH A O   1 
HETATM 1434 O  O   . HOH D 4 .   ? 14.329  -5.399  -4.240  1.00 41.06  ? 365 HOH A O   1 
HETATM 1435 O  O   . HOH D 4 .   ? -16.897 -13.242 -2.524  1.00 51.48  ? 366 HOH A O   1 
HETATM 1436 O  O   . HOH D 4 .   ? 5.368   12.326  -9.970  1.00 50.55  ? 367 HOH A O   1 
HETATM 1437 O  O   . HOH D 4 .   ? 11.536  3.211   5.809   1.00 56.18  ? 368 HOH A O   1 
HETATM 1438 O  O   . HOH D 4 .   ? 10.704  -10.731 -5.587  1.00 40.25  ? 369 HOH A O   1 
HETATM 1439 O  O   . HOH D 4 .   ? 2.790   9.736   -13.781 1.00 38.67  ? 370 HOH A O   1 
HETATM 1440 O  O   . HOH D 4 .   ? 3.730   3.834   -17.598 1.00 42.96  ? 371 HOH A O   1 
HETATM 1441 O  O   . HOH D 4 .   ? 14.613  -0.532  -2.990  1.00 54.07  ? 372 HOH A O   1 
HETATM 1442 O  O   . HOH D 4 .   ? 7.341   1.281   5.900   1.00 36.88  ? 373 HOH A O   1 
HETATM 1443 O  O   . HOH D 4 .   ? 15.163  -6.179  -10.569 1.00 48.80  ? 374 HOH A O   1 
HETATM 1444 O  O   . HOH D 4 .   ? -15.757 -2.746  0.600   1.00 48.42  ? 375 HOH A O   1 
HETATM 1445 O  O   . HOH D 4 .   ? 1.948   8.377   -16.850 1.00 57.80  ? 376 HOH A O   1 
HETATM 1446 O  O   . HOH D 4 .   ? 9.031   3.162   5.964   1.00 48.61  ? 377 HOH A O   1 
HETATM 1447 O  O   . HOH D 4 .   ? 13.886  2.272   26.627  1.00 53.59  ? 378 HOH A O   1 
HETATM 1448 O  O   . HOH D 4 .   ? -1.380  8.234   -12.700 1.00 39.95  ? 379 HOH A O   1 
HETATM 1449 O  O   . HOH D 4 .   ? -8.128  -16.852 2.438   1.00 49.52  ? 380 HOH A O   1 
HETATM 1450 O  O   . HOH D 4 .   ? -13.239 0.334   10.355  1.00 51.04  ? 381 HOH A O   1 
HETATM 1451 O  O   . HOH D 4 .   ? -5.575  12.111  -9.985  1.00 43.42  ? 382 HOH A O   1 
HETATM 1452 O  O   . HOH D 4 .   ? 18.457  3.143   20.620  1.00 48.81  ? 383 HOH A O   1 
HETATM 1453 O  O   . HOH D 4 .   ? -8.260  -1.986  -14.152 1.00 48.25  ? 384 HOH A O   1 
HETATM 1454 O  O   . HOH D 4 .   ? 7.831   -10.808 -4.954  1.00 50.41  ? 385 HOH A O   1 
HETATM 1455 O  O   . HOH D 4 .   ? -3.288  12.176  -4.994  1.00 41.81  ? 386 HOH A O   1 
HETATM 1456 O  O   . HOH D 4 .   ? 2.913   -5.185  6.396   1.00 55.74  ? 387 HOH A O   1 
HETATM 1457 O  O   . HOH D 4 .   ? 17.307  17.942  0.633   1.00 58.06  ? 388 HOH A O   1 
HETATM 1458 O  O   . HOH D 4 .   ? -4.397  -23.531 3.241   1.00 56.30  ? 389 HOH A O   1 
HETATM 1459 O  O   . HOH D 4 .   ? -4.353  11.054  18.856  1.00 44.53  ? 390 HOH A O   1 
HETATM 1460 O  O   . HOH D 4 .   ? 2.847   14.889  11.186  1.00 54.40  ? 391 HOH A O   1 
HETATM 1461 O  O   . HOH D 4 .   ? -14.371 -5.080  4.530   1.00 57.94  ? 392 HOH A O   1 
HETATM 1462 O  O   . HOH D 4 .   ? -18.022 -10.950 3.435   1.00 60.81  ? 393 HOH A O   1 
HETATM 1463 O  O   . HOH D 4 .   ? 14.604  -2.539  -14.499 1.00 48.14  ? 394 HOH A O   1 
HETATM 1464 O  O   . HOH D 4 .   ? -10.439 -16.696 0.719   1.00 53.08  ? 395 HOH A O   1 
HETATM 1465 O  O   . HOH D 4 .   ? -0.465  9.189   -14.803 1.00 59.48  ? 396 HOH A O   1 
HETATM 1466 O  O   . HOH D 4 .   ? 14.883  -8.625  3.232   1.00 74.76  ? 397 HOH A O   1 
HETATM 1467 O  O   . HOH D 4 .   ? 4.488   -5.141  -17.796 1.00 58.68  ? 398 HOH A O   1 
HETATM 1468 O  O   . HOH D 4 .   ? -16.279 0.889   5.993   1.00 61.98  ? 399 HOH A O   1 
HETATM 1469 O  O   . HOH D 4 .   ? 1.274   21.474  9.128   1.00 63.23  ? 400 HOH A O   1 
HETATM 1470 O  O   . HOH D 4 .   ? -2.126  9.948   -11.237 1.00 48.37  ? 401 HOH A O   1 
HETATM 1471 O  O   . HOH D 4 .   ? 2.580   20.382  11.252  1.00 66.37  ? 402 HOH A O   1 
HETATM 1472 O  O   . HOH D 4 .   ? -14.490 -5.648  -6.208  1.00 52.53  ? 403 HOH A O   1 
HETATM 1473 O  O   . HOH D 4 .   ? 18.695  2.210   5.724   1.00 56.87  ? 404 HOH A O   1 
HETATM 1474 O  O   . HOH D 4 .   ? -11.867 -4.665  -5.984  1.00 44.35  ? 405 HOH A O   1 
HETATM 1475 O  O   . HOH D 4 .   ? -11.352 -3.498  -8.021  1.00 39.48  ? 406 HOH A O   1 
HETATM 1476 O  O   . HOH D 4 .   ? -17.410 -3.711  -3.322  1.00 57.49  ? 407 HOH A O   1 
HETATM 1477 O  O   . HOH D 4 .   ? 2.180   23.251  1.186   1.00 58.31  ? 408 HOH A O   1 
# 
